data_9J7A
#
_entry.id   9J7A
#
_cell.length_a   1.00
_cell.length_b   1.00
_cell.length_c   1.00
_cell.angle_alpha   90.00
_cell.angle_beta   90.00
_cell.angle_gamma   90.00
#
_symmetry.space_group_name_H-M   'P 1'
#
loop_
_entity.id
_entity.type
_entity.pdbx_description
1 polymer 'Protein fem-1 homolog B'
2 polymer 'Mitochondrial import receptor subunit TOM20 homolog'
3 polymer Poly-UNK
#
loop_
_entity_poly.entity_id
_entity_poly.type
_entity_poly.pdbx_seq_one_letter_code
_entity_poly.pdbx_strand_id
1 'polypeptide(L)'
;MEGLAGYVYKAASEGKVLTLAALLLNRSESDIRYLLGYVSQQGGQRSTPLIIAARNGHAKVVRLLLEHYRVQTQQTGTVR
FDGYVIDGATALWCAAGAGHFEVVKLLVSHGANVNHTTVTNSTPLRAACFDGRLDIVKYLVENNANISIANKYDNTCLMI
AAYKGHTDVVRYLLEQRADPNAKAHCGATALHFAAEAGHIDIVKELIKWRAAIVVNGHGMTPLKVAAESCKADVVELLLS
HADCDRRSRIEALELLGASFANDRENYDIIKTYHYLYLAMLERFQDGDNILEKEVLPPIHAYGNRTECRNPQELESIRQD
RDALHMEGLIVRERILGADNIDVSHPIIYRGAVYADNMEFEQCIKLWLHALHLRQKGNRNTHKDLLRFAQVFSQMIHLNE
TVKAPDIECVLRCSVLEIEQSMNRVKNISDADVHNAMDNYECNLYTFLYLVCISTKTQCSEEDQCKINKQIYNLIHLDPR
TREGFTLLHLAVNSNTPVDDFHTNDVCSFPNALVTKLLLDCGAEVNAVDNEGNSALHIIVQYNRPISDFLTLHSIIISLV
EAGAHTDMTNKQNKTPLDKSTTGVSEILLKTQMKMSLKCLAARAVRANDINYQDQIPRTLEEFVGFH
;
A,D
2 'polypeptide(L)'
;DRKRRSDPNFKNRLRERRKKQKLAKERAGLSKLPDLKDAEAVQKFFLEEIQLGEELLAQGEYEKGVDHLTNAIAVCGQPQ
QLLQVLQQTLPPPVFQMLLTKLPTISQRIVSAQSLAEDDVE
;
B,C
3 'polypeptide(L)' (UNK)(UNK)(UNK)(UNK)(UNK)(UNK)(UNK)(UNK)(UNK)(UNK)(UNK) F,E
#
# COMPACT_ATOMS: atom_id res chain seq x y z
N MET A 1 15.04 -47.90 -2.36
CA MET A 1 14.19 -47.33 -3.40
C MET A 1 14.28 -45.81 -3.41
N GLU A 2 15.43 -45.28 -3.84
CA GLU A 2 15.60 -43.84 -3.88
C GLU A 2 14.74 -43.20 -4.96
N GLY A 3 14.55 -43.89 -6.09
CA GLY A 3 13.72 -43.33 -7.16
C GLY A 3 12.26 -43.21 -6.77
N LEU A 4 11.71 -44.25 -6.15
CA LEU A 4 10.31 -44.19 -5.71
C LEU A 4 10.11 -43.15 -4.63
N ALA A 5 11.07 -43.04 -3.70
CA ALA A 5 10.98 -42.02 -2.65
C ALA A 5 11.09 -40.62 -3.24
N GLY A 6 11.95 -40.44 -4.24
CA GLY A 6 12.03 -39.16 -4.92
C GLY A 6 10.74 -38.82 -5.64
N TYR A 7 10.11 -39.83 -6.25
CA TYR A 7 8.81 -39.62 -6.89
C TYR A 7 7.74 -39.21 -5.88
N VAL A 8 7.72 -39.87 -4.72
CA VAL A 8 6.73 -39.53 -3.69
C VAL A 8 6.98 -38.13 -3.16
N TYR A 9 8.24 -37.77 -2.93
CA TYR A 9 8.55 -36.44 -2.44
C TYR A 9 8.22 -35.37 -3.48
N LYS A 10 8.48 -35.64 -4.75
CA LYS A 10 8.14 -34.69 -5.80
C LYS A 10 6.63 -34.52 -5.91
N ALA A 11 5.88 -35.62 -5.78
CA ALA A 11 4.42 -35.56 -5.80
C ALA A 11 3.90 -34.73 -4.64
N ALA A 12 4.47 -34.90 -3.45
CA ALA A 12 4.03 -34.13 -2.30
C ALA A 12 4.41 -32.65 -2.44
N SER A 13 5.64 -32.38 -2.90
CA SER A 13 6.13 -31.01 -2.95
C SER A 13 5.43 -30.19 -4.03
N GLU A 14 5.23 -30.78 -5.21
CA GLU A 14 4.58 -30.08 -6.30
C GLU A 14 3.05 -30.10 -6.18
N GLY A 15 2.52 -30.62 -5.07
CA GLY A 15 1.08 -30.71 -4.92
C GLY A 15 0.43 -31.78 -5.75
N LYS A 16 1.21 -32.70 -6.34
CA LYS A 16 0.67 -33.76 -7.18
C LYS A 16 0.06 -34.84 -6.29
N VAL A 17 -1.09 -34.49 -5.70
CA VAL A 17 -1.77 -35.39 -4.78
C VAL A 17 -2.31 -36.62 -5.50
N LEU A 18 -2.75 -36.46 -6.75
CA LEU A 18 -3.26 -37.60 -7.50
C LEU A 18 -2.14 -38.59 -7.82
N THR A 19 -0.98 -38.09 -8.26
CA THR A 19 0.14 -38.99 -8.48
C THR A 19 0.68 -39.53 -7.16
N LEU A 20 0.51 -38.79 -6.07
CA LEU A 20 0.86 -39.33 -4.75
C LEU A 20 -0.01 -40.52 -4.41
N ALA A 21 -1.32 -40.40 -4.63
CA ALA A 21 -2.23 -41.52 -4.42
C ALA A 21 -1.90 -42.67 -5.38
N ALA A 22 -1.47 -42.34 -6.60
CA ALA A 22 -1.01 -43.36 -7.53
C ALA A 22 0.21 -44.10 -7.00
N LEU A 23 1.11 -43.38 -6.35
CA LEU A 23 2.23 -43.98 -5.64
C LEU A 23 1.80 -44.68 -4.36
N LEU A 24 0.55 -44.50 -3.93
CA LEU A 24 0.01 -45.14 -2.72
C LEU A 24 -0.91 -46.31 -3.05
N LEU A 25 -0.59 -47.13 -4.05
CA LEU A 25 -1.32 -48.36 -4.33
C LEU A 25 -0.66 -49.53 -3.60
N ASN A 26 -1.25 -49.92 -2.47
CA ASN A 26 -0.93 -51.18 -1.78
C ASN A 26 0.55 -51.29 -1.44
N ARG A 27 1.17 -50.17 -1.08
CA ARG A 27 2.58 -50.17 -0.74
C ARG A 27 2.80 -50.75 0.65
N SER A 28 3.98 -51.33 0.85
CA SER A 28 4.33 -51.91 2.15
C SER A 28 4.52 -50.81 3.18
N GLU A 29 4.10 -51.09 4.42
CA GLU A 29 4.19 -50.09 5.49
C GLU A 29 5.64 -49.79 5.85
N SER A 30 6.55 -50.75 5.67
CA SER A 30 7.96 -50.47 5.89
C SER A 30 8.47 -49.44 4.89
N ASP A 31 8.05 -49.55 3.63
CA ASP A 31 8.42 -48.54 2.64
C ASP A 31 7.72 -47.22 2.93
N ILE A 32 6.53 -47.26 3.54
CA ILE A 32 5.87 -46.02 3.97
C ILE A 32 6.70 -45.33 5.04
N ARG A 33 7.22 -46.09 6.00
CA ARG A 33 8.11 -45.51 7.00
C ARG A 33 9.41 -45.02 6.37
N TYR A 34 9.88 -45.70 5.33
CA TYR A 34 11.06 -45.22 4.60
C TYR A 34 10.77 -43.89 3.92
N LEU A 35 9.57 -43.74 3.35
CA LEU A 35 9.16 -42.44 2.81
C LEU A 35 9.10 -41.39 3.90
N LEU A 36 8.62 -41.77 5.09
CA LEU A 36 8.56 -40.85 6.22
C LEU A 36 9.95 -40.40 6.63
N GLY A 37 10.92 -41.30 6.57
CA GLY A 37 12.28 -40.98 6.97
C GLY A 37 13.17 -40.56 5.83
N TYR A 38 12.55 -40.16 4.71
CA TYR A 38 13.30 -39.72 3.53
C TYR A 38 13.70 -38.25 3.64
N VAL A 39 14.54 -37.97 4.64
CA VAL A 39 15.07 -36.62 4.80
C VAL A 39 15.97 -36.27 3.63
N SER A 40 16.85 -37.19 3.24
CA SER A 40 17.48 -37.32 1.92
C SER A 40 18.06 -36.06 1.30
N GLN A 41 18.45 -35.08 2.14
CA GLN A 41 19.15 -33.85 1.78
C GLN A 41 18.72 -33.19 0.47
N GLN A 42 17.41 -33.19 0.17
CA GLN A 42 16.93 -32.45 -0.98
C GLN A 42 17.06 -30.96 -0.76
N GLY A 43 17.55 -30.26 -1.78
CA GLY A 43 17.85 -28.85 -1.66
C GLY A 43 18.99 -28.51 -0.72
N GLY A 44 19.83 -29.49 -0.39
CA GLY A 44 20.89 -29.27 0.58
C GLY A 44 20.39 -28.91 1.96
N GLN A 45 19.27 -29.52 2.38
CA GLN A 45 18.61 -29.11 3.62
C GLN A 45 17.74 -30.25 4.13
N ARG A 46 17.41 -30.17 5.41
CA ARG A 46 16.64 -31.20 6.10
C ARG A 46 15.15 -30.98 5.85
N SER A 47 14.47 -32.01 5.34
CA SER A 47 13.04 -31.91 5.09
C SER A 47 12.47 -33.29 4.84
N THR A 48 11.27 -33.53 5.38
CA THR A 48 10.46 -34.72 5.21
C THR A 48 9.27 -34.39 4.30
N PRO A 49 8.62 -35.41 3.72
CA PRO A 49 7.43 -35.13 2.88
C PRO A 49 6.35 -34.29 3.55
N LEU A 50 6.09 -34.50 4.84
CA LEU A 50 5.09 -33.67 5.52
C LEU A 50 5.58 -32.23 5.68
N ILE A 51 6.88 -32.03 5.87
CA ILE A 51 7.42 -30.68 5.99
C ILE A 51 7.22 -29.91 4.70
N ILE A 52 7.52 -30.53 3.55
CA ILE A 52 7.31 -29.85 2.29
C ILE A 52 5.84 -29.75 1.95
N ALA A 53 5.00 -30.67 2.47
CA ALA A 53 3.56 -30.57 2.29
C ALA A 53 3.00 -29.37 3.01
N ALA A 54 3.57 -29.04 4.17
CA ALA A 54 3.22 -27.78 4.83
C ALA A 54 3.87 -26.59 4.14
N ARG A 55 5.04 -26.80 3.52
CA ARG A 55 5.77 -25.68 2.92
C ARG A 55 5.07 -25.15 1.67
N ASN A 56 4.66 -26.04 0.76
CA ASN A 56 4.15 -25.57 -0.53
C ASN A 56 2.76 -24.96 -0.39
N GLY A 57 1.89 -25.57 0.39
CA GLY A 57 0.56 -25.03 0.62
C GLY A 57 -0.55 -25.78 -0.07
N HIS A 58 -0.46 -27.10 -0.11
CA HIS A 58 -1.48 -27.96 -0.70
C HIS A 58 -2.18 -28.70 0.43
N ALA A 59 -3.41 -28.29 0.73
CA ALA A 59 -4.16 -28.91 1.82
C ALA A 59 -4.55 -30.34 1.51
N LYS A 60 -4.84 -30.64 0.24
CA LYS A 60 -5.20 -32.00 -0.14
C LYS A 60 -4.03 -32.94 0.08
N VAL A 61 -2.81 -32.47 -0.18
CA VAL A 61 -1.61 -33.30 0.02
C VAL A 61 -1.46 -33.64 1.49
N VAL A 62 -1.60 -32.63 2.36
CA VAL A 62 -1.50 -32.86 3.80
C VAL A 62 -2.60 -33.82 4.26
N ARG A 63 -3.80 -33.66 3.69
CA ARG A 63 -4.91 -34.55 4.00
C ARG A 63 -4.58 -35.99 3.62
N LEU A 64 -3.96 -36.21 2.47
CA LEU A 64 -3.59 -37.56 2.08
C LEU A 64 -2.43 -38.12 2.90
N LEU A 65 -1.48 -37.28 3.32
CA LEU A 65 -0.40 -37.78 4.16
C LEU A 65 -0.89 -38.24 5.53
N LEU A 66 -1.69 -37.42 6.23
CA LEU A 66 -2.02 -37.86 7.59
C LEU A 66 -3.49 -37.87 7.97
N GLU A 67 -4.41 -37.33 7.16
CA GLU A 67 -5.82 -37.58 7.43
C GLU A 67 -6.18 -39.03 7.16
N HIS A 68 -5.60 -39.62 6.11
CA HIS A 68 -5.87 -41.01 5.73
C HIS A 68 -4.72 -41.96 5.98
N TYR A 69 -3.48 -41.46 5.98
CA TYR A 69 -2.30 -42.30 6.14
C TYR A 69 -1.58 -41.89 7.43
N ARG A 70 -0.40 -42.47 7.64
CA ARG A 70 0.38 -42.24 8.85
C ARG A 70 1.66 -41.50 8.50
N VAL A 71 1.88 -40.36 9.17
CA VAL A 71 3.13 -39.59 9.07
C VAL A 71 3.18 -38.65 10.25
N GLN A 72 4.37 -38.51 10.84
CA GLN A 72 4.55 -37.66 12.00
C GLN A 72 4.90 -36.25 11.56
N THR A 73 4.52 -35.27 12.38
CA THR A 73 4.80 -33.87 12.10
C THR A 73 6.11 -33.38 12.71
N GLN A 74 6.75 -34.19 13.54
CA GLN A 74 7.97 -33.78 14.25
C GLN A 74 9.17 -34.37 13.52
N GLN A 75 9.84 -33.53 12.73
CA GLN A 75 11.03 -33.93 11.98
C GLN A 75 12.01 -32.78 11.96
N THR A 76 13.27 -33.11 11.69
CA THR A 76 14.30 -32.09 11.55
C THR A 76 14.12 -31.37 10.23
N GLY A 77 13.93 -30.05 10.30
CA GLY A 77 13.60 -29.30 9.10
C GLY A 77 14.54 -28.15 8.79
N THR A 78 14.05 -27.19 8.01
CA THR A 78 14.84 -26.03 7.59
C THR A 78 13.88 -24.95 7.13
N VAL A 79 14.03 -23.75 7.69
CA VAL A 79 13.13 -22.63 7.43
C VAL A 79 13.75 -21.62 6.46
N ARG A 80 14.99 -21.22 6.71
CA ARG A 80 15.81 -20.35 5.85
C ARG A 80 15.08 -19.07 5.39
N PHE A 81 14.22 -18.54 6.26
CA PHE A 81 13.57 -17.26 5.95
C PHE A 81 14.59 -16.13 5.83
N ASP A 82 15.54 -16.08 6.76
CA ASP A 82 16.63 -15.10 6.76
C ASP A 82 17.95 -15.81 7.00
N GLY A 83 18.17 -16.91 6.27
CA GLY A 83 19.29 -17.78 6.54
C GLY A 83 19.11 -18.68 7.73
N TYR A 84 17.89 -18.76 8.28
CA TYR A 84 17.63 -19.54 9.48
C TYR A 84 17.37 -20.99 9.09
N VAL A 85 18.45 -21.70 8.76
CA VAL A 85 18.41 -23.14 8.56
C VAL A 85 18.45 -23.75 9.95
N ILE A 86 17.26 -24.08 10.50
CA ILE A 86 17.13 -24.49 11.89
C ILE A 86 16.66 -25.93 11.91
N ASP A 87 17.43 -26.79 12.57
CA ASP A 87 17.05 -28.18 12.74
C ASP A 87 15.85 -28.30 13.67
N GLY A 88 15.13 -29.41 13.53
CA GLY A 88 13.95 -29.61 14.33
C GLY A 88 12.76 -28.76 13.94
N ALA A 89 12.75 -28.25 12.71
CA ALA A 89 11.63 -27.46 12.21
C ALA A 89 10.48 -28.40 11.87
N THR A 90 9.40 -28.31 12.64
CA THR A 90 8.26 -29.20 12.44
C THR A 90 7.38 -28.71 11.30
N ALA A 91 6.32 -29.47 11.02
CA ALA A 91 5.37 -29.07 9.99
C ALA A 91 4.60 -27.82 10.40
N LEU A 92 4.25 -27.71 11.68
CA LEU A 92 3.47 -26.57 12.15
C LEU A 92 4.28 -25.28 12.05
N TRP A 93 5.57 -25.33 12.36
CA TRP A 93 6.40 -24.13 12.32
C TRP A 93 6.52 -23.61 10.90
N CYS A 94 6.84 -24.49 9.95
CA CYS A 94 6.93 -24.08 8.56
C CYS A 94 5.58 -23.63 8.01
N ALA A 95 4.50 -24.32 8.40
CA ALA A 95 3.17 -23.96 7.92
C ALA A 95 2.75 -22.59 8.42
N ALA A 96 3.02 -22.28 9.70
CA ALA A 96 2.73 -20.95 10.22
C ALA A 96 3.64 -19.90 9.60
N GLY A 97 4.88 -20.29 9.26
CA GLY A 97 5.75 -19.36 8.56
C GLY A 97 5.24 -19.03 7.17
N ALA A 98 4.63 -20.00 6.49
CA ALA A 98 4.13 -19.80 5.14
C ALA A 98 2.72 -19.22 5.11
N GLY A 99 2.04 -19.12 6.25
CA GLY A 99 0.73 -18.51 6.30
C GLY A 99 -0.38 -19.26 5.57
N HIS A 100 -0.45 -20.58 5.75
CA HIS A 100 -1.50 -21.39 5.16
C HIS A 100 -2.54 -21.66 6.24
N PHE A 101 -3.65 -20.91 6.18
CA PHE A 101 -4.67 -21.02 7.22
C PHE A 101 -5.34 -22.39 7.21
N GLU A 102 -5.62 -22.93 6.03
CA GLU A 102 -6.28 -24.23 5.94
C GLU A 102 -5.37 -25.35 6.45
N VAL A 103 -4.09 -25.31 6.06
CA VAL A 103 -3.15 -26.36 6.47
C VAL A 103 -2.94 -26.31 7.98
N VAL A 104 -2.74 -25.11 8.53
CA VAL A 104 -2.55 -24.97 9.97
C VAL A 104 -3.80 -25.39 10.72
N LYS A 105 -4.97 -25.02 10.19
CA LYS A 105 -6.23 -25.39 10.81
C LYS A 105 -6.39 -26.90 10.87
N LEU A 106 -6.10 -27.58 9.75
CA LEU A 106 -6.19 -29.04 9.73
C LEU A 106 -5.17 -29.67 10.69
N LEU A 107 -3.95 -29.15 10.70
CA LEU A 107 -2.90 -29.71 11.55
C LEU A 107 -3.25 -29.59 13.02
N VAL A 108 -3.81 -28.44 13.42
CA VAL A 108 -4.24 -28.30 14.80
C VAL A 108 -5.46 -29.15 15.08
N SER A 109 -6.39 -29.23 14.11
CA SER A 109 -7.67 -29.89 14.35
C SER A 109 -7.51 -31.40 14.54
N HIS A 110 -6.63 -32.04 13.76
CA HIS A 110 -6.48 -33.48 13.94
C HIS A 110 -5.76 -33.81 15.25
N GLY A 111 -4.95 -32.90 15.77
CA GLY A 111 -4.29 -33.13 17.04
C GLY A 111 -2.77 -33.16 17.01
N ALA A 112 -2.16 -32.38 16.12
CA ALA A 112 -0.71 -32.27 16.14
C ALA A 112 -0.26 -31.31 17.24
N ASN A 113 1.04 -31.31 17.49
CA ASN A 113 1.61 -30.42 18.49
C ASN A 113 1.54 -28.98 18.02
N VAL A 114 1.08 -28.08 18.90
CA VAL A 114 0.97 -26.66 18.57
C VAL A 114 2.00 -25.81 19.29
N ASN A 115 2.80 -26.38 20.17
CA ASN A 115 3.82 -25.64 20.88
C ASN A 115 5.18 -26.30 20.68
N HIS A 116 5.49 -26.63 19.42
CA HIS A 116 6.72 -27.36 19.12
C HIS A 116 7.94 -26.47 19.34
N THR A 117 9.03 -27.11 19.76
CA THR A 117 10.27 -26.44 20.07
C THR A 117 11.34 -26.87 19.07
N THR A 118 12.10 -25.90 18.55
CA THR A 118 13.15 -26.15 17.59
C THR A 118 14.51 -25.85 18.24
N VAL A 119 15.57 -25.89 17.42
CA VAL A 119 16.91 -25.58 17.91
C VAL A 119 16.99 -24.15 18.42
N THR A 120 16.40 -23.20 17.68
CA THR A 120 16.29 -21.83 18.15
C THR A 120 15.10 -21.63 19.09
N ASN A 121 14.48 -22.72 19.53
CA ASN A 121 13.31 -22.76 20.43
C ASN A 121 12.30 -21.66 20.11
N SER A 122 11.84 -21.66 18.87
CA SER A 122 10.84 -20.72 18.40
C SER A 122 9.56 -21.46 18.08
N THR A 123 8.47 -21.06 18.72
CA THR A 123 7.17 -21.68 18.49
C THR A 123 6.64 -21.29 17.12
N PRO A 124 5.67 -22.04 16.60
CA PRO A 124 4.98 -21.59 15.38
C PRO A 124 4.26 -20.26 15.56
N LEU A 125 3.92 -19.89 16.79
CA LEU A 125 3.31 -18.59 17.03
C LEU A 125 4.25 -17.45 16.64
N ARG A 126 5.53 -17.60 16.96
CA ARG A 126 6.49 -16.55 16.60
C ARG A 126 6.68 -16.46 15.10
N ALA A 127 6.68 -17.59 14.40
CA ALA A 127 6.75 -17.56 12.95
C ALA A 127 5.51 -16.93 12.34
N ALA A 128 4.35 -17.22 12.92
CA ALA A 128 3.11 -16.58 12.46
C ALA A 128 3.16 -15.07 12.67
N CYS A 129 3.70 -14.64 13.81
CA CYS A 129 3.87 -13.21 14.05
C CYS A 129 4.86 -12.61 13.07
N PHE A 130 5.91 -13.35 12.72
CA PHE A 130 6.86 -12.88 11.72
C PHE A 130 6.18 -12.71 10.37
N ASP A 131 5.32 -13.65 10.00
CA ASP A 131 4.52 -13.46 8.78
C ASP A 131 3.43 -12.43 8.99
N GLY A 132 2.73 -12.50 10.11
CA GLY A 132 1.74 -11.50 10.45
C GLY A 132 0.33 -11.80 9.99
N ARG A 133 -0.20 -12.96 10.36
CA ARG A 133 -1.55 -13.35 10.01
C ARG A 133 -2.39 -13.37 11.29
N LEU A 134 -3.47 -12.57 11.31
CA LEU A 134 -4.33 -12.52 12.48
C LEU A 134 -5.04 -13.86 12.69
N ASP A 135 -5.48 -14.50 11.62
CA ASP A 135 -6.23 -15.75 11.74
C ASP A 135 -5.37 -16.87 12.30
N ILE A 136 -4.12 -16.98 11.84
CA ILE A 136 -3.23 -18.03 12.31
C ILE A 136 -2.95 -17.86 13.80
N VAL A 137 -2.64 -16.63 14.21
CA VAL A 137 -2.33 -16.36 15.61
C VAL A 137 -3.57 -16.58 16.47
N LYS A 138 -4.75 -16.17 15.96
CA LYS A 138 -6.01 -16.41 16.65
C LYS A 138 -6.22 -17.90 16.90
N TYR A 139 -6.14 -18.70 15.84
CA TYR A 139 -6.42 -20.12 15.95
C TYR A 139 -5.38 -20.85 16.78
N LEU A 140 -4.12 -20.41 16.72
CA LEU A 140 -3.09 -21.02 17.56
C LEU A 140 -3.32 -20.70 19.03
N VAL A 141 -3.56 -19.43 19.36
CA VAL A 141 -3.67 -19.02 20.75
C VAL A 141 -4.91 -19.63 21.39
N GLU A 142 -6.04 -19.61 20.69
CA GLU A 142 -7.22 -20.24 21.27
C GLU A 142 -7.07 -21.76 21.38
N ASN A 143 -6.20 -22.36 20.57
CA ASN A 143 -5.85 -23.77 20.72
C ASN A 143 -4.58 -23.95 21.54
N ASN A 144 -4.53 -23.31 22.70
CA ASN A 144 -3.51 -23.54 23.74
C ASN A 144 -2.09 -23.30 23.21
N ALA A 145 -1.82 -22.05 22.86
CA ALA A 145 -0.48 -21.63 22.48
C ALA A 145 0.12 -20.79 23.60
N ASN A 146 1.35 -21.14 23.99
CA ASN A 146 2.06 -20.43 25.05
C ASN A 146 2.83 -19.27 24.42
N ILE A 147 2.55 -18.05 24.89
CA ILE A 147 3.24 -16.86 24.39
C ILE A 147 4.55 -16.58 25.11
N SER A 148 4.80 -17.23 26.25
CA SER A 148 5.98 -16.91 27.04
C SER A 148 7.26 -17.42 26.41
N ILE A 149 7.18 -18.46 25.58
CA ILE A 149 8.37 -19.02 24.96
C ILE A 149 8.91 -18.04 23.93
N ALA A 150 10.21 -17.77 24.00
CA ALA A 150 10.86 -16.79 23.14
C ALA A 150 12.04 -17.45 22.44
N ASN A 151 12.76 -16.65 21.64
CA ASN A 151 13.87 -17.17 20.86
C ASN A 151 15.06 -17.51 21.77
N LYS A 152 16.12 -18.02 21.16
CA LYS A 152 17.37 -18.23 21.88
C LYS A 152 17.99 -16.90 22.31
N TYR A 153 17.64 -15.81 21.63
CA TYR A 153 17.96 -14.47 22.08
C TYR A 153 16.91 -13.91 23.02
N ASP A 154 16.00 -14.77 23.51
CA ASP A 154 14.87 -14.36 24.34
C ASP A 154 14.00 -13.34 23.62
N ASN A 155 13.81 -13.52 22.31
CA ASN A 155 13.03 -12.61 21.49
C ASN A 155 11.57 -13.05 21.56
N THR A 156 10.76 -12.28 22.26
CA THR A 156 9.35 -12.58 22.42
C THR A 156 8.61 -12.42 21.11
N CYS A 157 7.55 -13.22 20.93
CA CYS A 157 6.72 -13.13 19.73
C CYS A 157 6.13 -11.74 19.56
N LEU A 158 5.80 -11.07 20.67
CA LEU A 158 5.34 -9.69 20.58
C LEU A 158 6.40 -8.78 19.97
N MET A 159 7.66 -8.98 20.36
CA MET A 159 8.75 -8.18 19.81
C MET A 159 8.92 -8.42 18.31
N ILE A 160 8.84 -9.68 17.88
CA ILE A 160 8.97 -10.00 16.47
C ILE A 160 7.82 -9.39 15.68
N ALA A 161 6.59 -9.48 16.22
CA ALA A 161 5.45 -8.89 15.55
C ALA A 161 5.56 -7.37 15.48
N ALA A 162 6.07 -6.75 16.53
CA ALA A 162 6.21 -5.30 16.54
C ALA A 162 7.37 -4.82 15.68
N TYR A 163 8.33 -5.70 15.39
CA TYR A 163 9.41 -5.31 14.49
C TYR A 163 8.88 -5.05 13.09
N LYS A 164 7.92 -5.86 12.64
CA LYS A 164 7.23 -5.59 11.40
C LYS A 164 6.05 -4.66 11.68
N GLY A 165 5.19 -4.44 10.69
CA GLY A 165 4.07 -3.53 10.84
C GLY A 165 2.76 -4.21 11.15
N HIS A 166 2.81 -5.44 11.64
CA HIS A 166 1.60 -6.22 11.92
C HIS A 166 0.92 -5.67 13.16
N THR A 167 0.21 -4.56 12.98
CA THR A 167 -0.46 -3.93 14.10
C THR A 167 -1.62 -4.77 14.64
N ASP A 168 -2.31 -5.50 13.76
CA ASP A 168 -3.39 -6.37 14.21
C ASP A 168 -2.86 -7.52 15.05
N VAL A 169 -1.75 -8.13 14.60
CA VAL A 169 -1.14 -9.21 15.37
C VAL A 169 -0.66 -8.71 16.71
N VAL A 170 -0.04 -7.53 16.73
CA VAL A 170 0.46 -6.96 17.97
C VAL A 170 -0.68 -6.69 18.93
N ARG A 171 -1.76 -6.08 18.42
CA ARG A 171 -2.87 -5.70 19.29
C ARG A 171 -3.61 -6.93 19.81
N TYR A 172 -3.73 -7.98 18.99
CA TYR A 172 -4.35 -9.19 19.50
C TYR A 172 -3.45 -9.88 20.53
N LEU A 173 -2.14 -9.89 20.29
CA LEU A 173 -1.25 -10.61 21.18
C LEU A 173 -1.15 -9.91 22.53
N LEU A 174 -1.24 -8.57 22.54
CA LEU A 174 -1.35 -7.90 23.84
C LEU A 174 -2.75 -8.02 24.42
N GLU A 175 -3.78 -8.18 23.58
CA GLU A 175 -5.11 -8.50 24.09
C GLU A 175 -5.17 -9.89 24.71
N GLN A 176 -4.16 -10.73 24.48
CA GLN A 176 -4.02 -12.01 25.16
C GLN A 176 -3.16 -11.90 26.41
N ARG A 177 -3.24 -10.77 27.11
CA ARG A 177 -2.60 -10.50 28.40
C ARG A 177 -1.10 -10.81 28.39
N ALA A 178 -0.45 -10.45 27.29
CA ALA A 178 1.00 -10.49 27.22
C ALA A 178 1.59 -9.19 27.74
N ASP A 179 2.64 -9.29 28.53
CA ASP A 179 3.24 -8.06 29.03
C ASP A 179 4.26 -7.51 28.05
N PRO A 180 4.30 -6.19 27.83
CA PRO A 180 5.30 -5.61 26.94
C PRO A 180 6.67 -5.45 27.59
N ASN A 181 6.80 -5.73 28.88
CA ASN A 181 8.06 -5.59 29.59
C ASN A 181 8.95 -6.81 29.45
N ALA A 182 8.75 -7.63 28.42
CA ALA A 182 9.59 -8.80 28.21
C ALA A 182 10.96 -8.37 27.73
N LYS A 183 11.89 -8.20 28.65
CA LYS A 183 13.23 -7.73 28.33
C LYS A 183 14.06 -8.91 27.84
N ALA A 184 14.48 -8.86 26.58
CA ALA A 184 15.41 -9.85 26.08
C ALA A 184 16.80 -9.62 26.67
N HIS A 185 17.63 -10.67 26.57
CA HIS A 185 19.02 -10.51 26.97
C HIS A 185 19.78 -9.61 26.00
N CYS A 186 19.26 -9.41 24.79
CA CYS A 186 19.81 -8.40 23.90
C CYS A 186 19.61 -7.00 24.48
N GLY A 187 18.46 -6.75 25.07
CA GLY A 187 18.18 -5.46 25.68
C GLY A 187 16.83 -4.89 25.27
N ALA A 188 16.19 -5.51 24.29
CA ALA A 188 14.94 -4.98 23.76
C ALA A 188 13.81 -5.12 24.76
N THR A 189 12.97 -4.09 24.84
CA THR A 189 11.84 -4.05 25.75
C THR A 189 10.51 -4.04 25.00
N ALA A 190 10.48 -4.72 23.85
CA ALA A 190 9.34 -4.94 22.97
C ALA A 190 8.83 -3.66 22.30
N LEU A 191 9.42 -2.51 22.58
CA LEU A 191 9.03 -1.28 21.94
C LEU A 191 10.16 -0.67 21.13
N HIS A 192 11.42 -1.00 21.42
CA HIS A 192 12.51 -0.61 20.54
C HIS A 192 12.32 -1.19 19.16
N PHE A 193 11.95 -2.47 19.08
CA PHE A 193 11.69 -3.08 17.79
C PHE A 193 10.48 -2.44 17.09
N ALA A 194 9.55 -1.90 17.87
CA ALA A 194 8.48 -1.10 17.28
C ALA A 194 9.03 0.21 16.73
N ALA A 195 10.00 0.80 17.42
CA ALA A 195 10.63 2.04 16.97
C ALA A 195 11.88 1.76 16.13
N GLU A 196 11.72 0.92 15.12
CA GLU A 196 12.80 0.65 14.17
C GLU A 196 12.44 1.04 12.75
N ALA A 197 11.29 0.59 12.25
CA ALA A 197 10.82 0.94 10.91
C ALA A 197 9.70 1.97 10.96
N GLY A 198 9.55 2.68 12.07
CA GLY A 198 8.53 3.71 12.19
C GLY A 198 7.11 3.17 12.21
N HIS A 199 6.89 2.03 12.86
CA HIS A 199 5.54 1.49 12.99
C HIS A 199 4.76 2.31 14.01
N ILE A 200 4.14 3.40 13.55
CA ILE A 200 3.57 4.39 14.47
C ILE A 200 2.36 3.83 15.21
N ASP A 201 1.55 3.01 14.53
CA ASP A 201 0.35 2.48 15.16
C ASP A 201 0.68 1.44 16.22
N ILE A 202 1.71 0.63 15.99
CA ILE A 202 2.14 -0.34 16.99
C ILE A 202 2.68 0.38 18.22
N VAL A 203 3.45 1.45 18.01
CA VAL A 203 3.95 2.23 19.14
C VAL A 203 2.78 2.83 19.92
N LYS A 204 1.77 3.34 19.21
CA LYS A 204 0.59 3.86 19.87
C LYS A 204 -0.12 2.77 20.67
N GLU A 205 -0.21 1.56 20.11
CA GLU A 205 -0.87 0.46 20.79
C GLU A 205 -0.14 0.07 22.08
N LEU A 206 1.19 -0.01 22.02
CA LEU A 206 1.95 -0.30 23.24
C LEU A 206 1.81 0.83 24.25
N ILE A 207 1.82 2.08 23.80
CA ILE A 207 1.65 3.22 24.70
C ILE A 207 0.31 3.14 25.41
N LYS A 208 -0.74 2.76 24.68
CA LYS A 208 -2.06 2.62 25.29
C LYS A 208 -2.08 1.52 26.33
N TRP A 209 -1.46 0.38 26.04
CA TRP A 209 -1.50 -0.78 26.94
C TRP A 209 -0.29 -0.83 27.86
N ARG A 210 -0.01 0.27 28.57
CA ARG A 210 1.01 0.32 29.63
C ARG A 210 2.38 -0.11 29.08
N ALA A 211 2.91 0.76 28.22
CA ALA A 211 4.18 0.47 27.55
C ALA A 211 5.32 0.26 28.55
N ALA A 212 5.34 1.06 29.63
CA ALA A 212 6.32 0.94 30.71
C ALA A 212 7.74 1.07 30.15
N ILE A 213 8.06 2.30 29.74
CA ILE A 213 9.32 2.63 29.10
C ILE A 213 10.51 2.12 29.94
N VAL A 214 11.40 1.39 29.29
CA VAL A 214 12.53 0.72 29.93
C VAL A 214 13.79 0.95 29.11
N VAL A 215 14.86 1.37 29.77
CA VAL A 215 16.16 1.53 29.11
C VAL A 215 16.73 0.16 28.77
N ASN A 216 17.32 0.06 27.58
CA ASN A 216 17.91 -1.20 27.14
C ASN A 216 19.24 -1.45 27.86
N GLY A 217 19.88 -2.56 27.51
CA GLY A 217 21.22 -2.83 28.02
C GLY A 217 22.28 -1.93 27.44
N HIS A 218 22.02 -1.33 26.27
CA HIS A 218 22.94 -0.37 25.68
C HIS A 218 22.92 0.99 26.37
N GLY A 219 21.98 1.22 27.28
CA GLY A 219 21.85 2.50 27.93
C GLY A 219 21.05 3.53 27.16
N MET A 220 20.22 3.11 26.22
CA MET A 220 19.44 4.02 25.40
C MET A 220 17.96 3.85 25.71
N THR A 221 17.28 4.95 25.98
CA THR A 221 15.84 4.90 26.14
C THR A 221 15.19 4.62 24.79
N PRO A 222 13.97 4.10 24.77
CA PRO A 222 13.25 3.93 23.51
C PRO A 222 13.13 5.21 22.71
N LEU A 223 12.96 6.34 23.40
CA LEU A 223 12.92 7.63 22.74
C LEU A 223 14.25 7.96 22.07
N LYS A 224 15.37 7.63 22.73
CA LYS A 224 16.68 7.83 22.13
C LYS A 224 16.87 6.98 20.89
N VAL A 225 16.42 5.72 20.94
CA VAL A 225 16.54 4.85 19.77
C VAL A 225 15.65 5.36 18.65
N ALA A 226 14.47 5.89 18.99
CA ALA A 226 13.60 6.47 17.99
C ALA A 226 14.24 7.68 17.31
N ALA A 227 14.91 8.52 18.11
CA ALA A 227 15.62 9.66 17.52
C ALA A 227 16.78 9.19 16.65
N GLU A 228 17.51 8.18 17.10
CA GLU A 228 18.65 7.67 16.32
C GLU A 228 18.20 7.07 15.00
N SER A 229 17.06 6.38 15.00
CA SER A 229 16.53 5.78 13.78
C SER A 229 15.92 6.80 12.82
N CYS A 230 15.96 8.09 13.16
CA CYS A 230 15.55 9.18 12.28
C CYS A 230 14.07 9.11 11.92
N LYS A 231 13.24 8.65 12.85
CA LYS A 231 11.79 8.58 12.66
C LYS A 231 11.14 9.57 13.62
N ALA A 232 10.57 10.65 13.07
CA ALA A 232 10.11 11.75 13.91
C ALA A 232 8.80 11.43 14.64
N ASP A 233 7.89 10.72 13.97
CA ASP A 233 6.56 10.51 14.55
C ASP A 233 6.61 9.64 15.80
N VAL A 234 7.42 8.59 15.78
CA VAL A 234 7.56 7.78 16.98
C VAL A 234 8.27 8.56 18.07
N VAL A 235 9.14 9.50 17.70
CA VAL A 235 9.73 10.41 18.68
C VAL A 235 8.64 11.23 19.34
N GLU A 236 7.70 11.74 18.54
CA GLU A 236 6.55 12.46 19.08
C GLU A 236 5.77 11.60 20.07
N LEU A 237 5.41 10.39 19.66
CA LEU A 237 4.57 9.55 20.52
C LEU A 237 5.28 9.16 21.80
N LEU A 238 6.56 8.80 21.72
CA LEU A 238 7.30 8.47 22.92
C LEU A 238 7.51 9.69 23.80
N LEU A 239 7.62 10.88 23.21
CA LEU A 239 7.74 12.10 23.99
C LEU A 239 6.44 12.46 24.68
N SER A 240 5.30 12.01 24.15
CA SER A 240 3.99 12.35 24.69
C SER A 240 3.42 11.24 25.56
N HIS A 241 4.26 10.55 26.34
CA HIS A 241 3.78 9.45 27.16
C HIS A 241 4.49 9.44 28.51
N ALA A 242 3.77 8.98 29.53
CA ALA A 242 4.29 8.72 30.87
C ALA A 242 5.05 9.90 31.46
N ASP A 243 6.38 9.76 31.51
CA ASP A 243 7.24 10.78 32.11
C ASP A 243 7.78 11.68 30.99
N CYS A 244 7.41 12.96 31.03
CA CYS A 244 7.98 13.92 30.10
C CYS A 244 9.45 14.17 30.42
N ASP A 245 9.72 14.66 31.65
CA ASP A 245 11.07 14.78 32.19
C ASP A 245 11.95 15.65 31.29
N ARG A 246 11.63 16.95 31.28
CA ARG A 246 12.06 17.96 30.31
C ARG A 246 13.49 17.79 29.80
N ARG A 247 14.41 17.37 30.66
CA ARG A 247 15.75 17.02 30.20
C ARG A 247 15.69 15.92 29.14
N SER A 248 14.85 14.90 29.36
CA SER A 248 14.76 13.78 28.42
C SER A 248 14.24 14.22 27.06
N ARG A 249 13.19 15.04 27.04
CA ARG A 249 12.68 15.49 25.75
C ARG A 249 13.63 16.46 25.07
N ILE A 250 14.39 17.24 25.86
CA ILE A 250 15.38 18.14 25.27
C ILE A 250 16.50 17.37 24.61
N GLU A 251 17.04 16.36 25.31
CA GLU A 251 18.08 15.55 24.68
C GLU A 251 17.52 14.69 23.56
N ALA A 252 16.23 14.35 23.61
CA ALA A 252 15.60 13.63 22.52
C ALA A 252 15.55 14.48 21.26
N LEU A 253 15.15 15.75 21.40
CA LEU A 253 15.13 16.63 20.24
C LEU A 253 16.54 16.88 19.72
N GLU A 254 17.51 17.03 20.62
CA GLU A 254 18.90 17.16 20.20
C GLU A 254 19.35 15.95 19.39
N LEU A 255 19.03 14.76 19.89
CA LEU A 255 19.41 13.53 19.19
C LEU A 255 18.72 13.41 17.85
N LEU A 256 17.45 13.82 17.77
CA LEU A 256 16.73 13.74 16.51
C LEU A 256 17.33 14.67 15.47
N GLY A 257 17.66 15.91 15.87
CA GLY A 257 18.33 16.81 14.95
C GLY A 257 19.69 16.30 14.52
N ALA A 258 20.45 15.74 15.47
CA ALA A 258 21.77 15.21 15.17
C ALA A 258 21.69 14.04 14.20
N SER A 259 20.70 13.18 14.38
CA SER A 259 20.55 12.04 13.48
C SER A 259 20.11 12.50 12.09
N PHE A 260 19.24 13.50 12.01
CA PHE A 260 18.91 14.04 10.70
C PHE A 260 20.08 14.74 10.04
N ALA A 261 21.06 15.21 10.82
CA ALA A 261 22.19 15.93 10.25
C ALA A 261 23.04 15.05 9.34
N ASN A 262 23.34 13.83 9.77
CA ASN A 262 24.36 13.01 9.12
C ASN A 262 23.87 11.59 8.91
N ASP A 263 22.68 11.44 8.36
CA ASP A 263 22.17 10.13 7.97
C ASP A 263 21.84 10.11 6.50
N ARG A 264 22.15 9.00 5.84
CA ARG A 264 21.95 8.90 4.40
C ARG A 264 20.47 8.79 4.04
N GLU A 265 19.64 8.27 4.95
CA GLU A 265 18.23 8.10 4.65
C GLU A 265 17.47 9.42 4.71
N ASN A 266 17.83 10.29 5.65
CA ASN A 266 17.17 11.57 5.82
C ASN A 266 18.24 12.64 5.95
N TYR A 267 18.29 13.57 5.00
CA TYR A 267 19.29 14.63 4.99
C TYR A 267 18.61 15.99 4.86
N ASP A 268 17.53 16.17 5.61
CA ASP A 268 16.87 17.47 5.67
C ASP A 268 17.66 18.35 6.64
N ILE A 269 18.67 19.03 6.12
CA ILE A 269 19.55 19.84 6.95
C ILE A 269 18.79 20.99 7.58
N ILE A 270 17.82 21.56 6.87
CA ILE A 270 17.00 22.61 7.45
C ILE A 270 16.16 22.07 8.60
N LYS A 271 15.69 20.82 8.48
CA LYS A 271 14.99 20.20 9.60
C LYS A 271 15.93 19.93 10.76
N THR A 272 17.19 19.61 10.48
CA THR A 272 18.18 19.46 11.54
C THR A 272 18.35 20.76 12.30
N TYR A 273 18.50 21.87 11.58
CA TYR A 273 18.66 23.16 12.22
C TYR A 273 17.41 23.54 13.00
N HIS A 274 16.24 23.17 12.49
CA HIS A 274 15.01 23.54 13.19
C HIS A 274 14.80 22.72 14.47
N TYR A 275 15.06 21.41 14.42
CA TYR A 275 14.98 20.60 15.64
C TYR A 275 16.01 21.04 16.67
N LEU A 276 17.23 21.36 16.22
CA LEU A 276 18.22 21.86 17.16
C LEU A 276 17.81 23.21 17.72
N TYR A 277 17.12 24.03 16.91
CA TYR A 277 16.59 25.29 17.40
C TYR A 277 15.51 25.06 18.45
N LEU A 278 14.65 24.06 18.25
CA LEU A 278 13.68 23.69 19.28
C LEU A 278 14.36 23.26 20.56
N ALA A 279 15.41 22.45 20.43
CA ALA A 279 16.14 22.01 21.62
C ALA A 279 16.79 23.18 22.34
N MET A 280 17.40 24.10 21.60
CA MET A 280 18.02 25.27 22.21
C MET A 280 16.97 26.18 22.86
N LEU A 281 15.82 26.36 22.21
CA LEU A 281 14.78 27.20 22.77
C LEU A 281 14.20 26.58 24.04
N GLU A 282 14.02 25.26 24.05
CA GLU A 282 13.61 24.58 25.27
C GLU A 282 14.67 24.70 26.36
N ARG A 283 15.94 24.69 25.96
CA ARG A 283 17.02 24.94 26.92
C ARG A 283 16.97 26.35 27.49
N PHE A 284 16.47 27.31 26.72
CA PHE A 284 16.43 28.71 27.11
C PHE A 284 15.00 29.24 27.12
N GLN A 285 14.05 28.44 27.62
CA GLN A 285 12.64 28.82 27.64
C GLN A 285 12.20 29.40 28.97
N ASP A 286 12.53 28.72 30.08
CA ASP A 286 11.99 29.11 31.38
C ASP A 286 12.60 30.40 31.91
N GLY A 287 13.74 30.83 31.37
CA GLY A 287 14.39 32.01 31.89
C GLY A 287 15.38 31.67 32.98
N ASP A 288 14.95 31.77 34.23
CA ASP A 288 15.77 31.29 35.33
C ASP A 288 15.79 29.76 35.35
N ASN A 289 16.65 29.22 36.21
CA ASN A 289 16.87 27.79 36.46
C ASN A 289 16.91 26.94 35.19
N ILE A 290 17.49 27.48 34.12
CA ILE A 290 17.58 26.74 32.86
C ILE A 290 18.76 25.78 32.94
N LEU A 291 18.49 24.51 32.62
CA LEU A 291 19.55 23.51 32.58
C LEU A 291 20.41 23.71 31.35
N GLU A 292 21.71 23.54 31.52
CA GLU A 292 22.69 23.85 30.47
C GLU A 292 23.39 22.58 30.03
N LYS A 293 23.65 22.49 28.73
CA LYS A 293 24.42 21.37 28.20
C LYS A 293 25.82 21.36 28.79
N GLU A 294 26.28 20.17 29.18
CA GLU A 294 27.59 20.05 29.77
C GLU A 294 28.69 20.28 28.75
N VAL A 295 29.87 20.63 29.23
CA VAL A 295 31.00 20.98 28.38
C VAL A 295 31.73 19.70 27.97
N LEU A 296 31.95 19.55 26.67
CA LEU A 296 32.72 18.44 26.13
C LEU A 296 33.98 18.97 25.44
N PRO A 297 35.06 18.18 25.43
CA PRO A 297 36.27 18.63 24.77
C PRO A 297 36.06 18.78 23.27
N PRO A 298 36.72 19.75 22.64
CA PRO A 298 36.59 19.91 21.19
C PRO A 298 37.38 18.87 20.42
N ILE A 299 36.75 17.69 20.18
CA ILE A 299 37.43 16.61 19.50
C ILE A 299 37.84 17.05 18.10
N HIS A 300 39.12 16.82 17.76
CA HIS A 300 39.70 17.42 16.57
C HIS A 300 39.10 16.88 15.28
N ALA A 301 38.50 15.69 15.29
CA ALA A 301 37.84 15.18 14.10
C ALA A 301 36.65 16.03 13.72
N TYR A 302 35.88 16.46 14.71
CA TYR A 302 34.75 17.36 14.46
C TYR A 302 35.19 18.83 14.42
N GLY A 303 36.48 19.10 14.54
CA GLY A 303 36.97 20.45 14.65
C GLY A 303 36.93 20.96 16.07
N ASN A 304 37.50 22.13 16.27
CA ASN A 304 37.55 22.73 17.60
C ASN A 304 36.26 23.42 18.00
N ARG A 305 35.16 23.17 17.27
CA ARG A 305 33.87 23.78 17.58
C ARG A 305 33.31 23.14 18.84
N THR A 306 33.31 23.90 19.94
CA THR A 306 32.89 23.36 21.24
C THR A 306 31.38 23.46 21.37
N GLU A 307 30.70 22.53 20.71
CA GLU A 307 29.24 22.34 20.78
C GLU A 307 28.55 23.63 20.34
N CYS A 308 27.36 23.90 20.88
CA CYS A 308 26.62 25.14 20.63
C CYS A 308 26.02 25.56 21.97
N ARG A 309 26.77 26.38 22.72
CA ARG A 309 26.37 26.72 24.09
C ARG A 309 25.15 27.64 24.09
N ASN A 310 25.10 28.59 23.17
CA ASN A 310 24.07 29.61 23.19
C ASN A 310 23.31 29.64 21.88
N PRO A 311 22.04 30.06 21.90
CA PRO A 311 21.26 30.13 20.65
C PRO A 311 21.82 31.11 19.64
N GLN A 312 22.63 32.09 20.08
CA GLN A 312 23.29 32.98 19.12
C GLN A 312 24.26 32.20 18.24
N GLU A 313 24.96 31.22 18.82
CA GLU A 313 25.83 30.36 18.01
C GLU A 313 25.03 29.57 17.00
N LEU A 314 23.87 29.05 17.40
CA LEU A 314 23.02 28.30 16.48
C LEU A 314 22.52 29.17 15.34
N GLU A 315 22.12 30.41 15.66
CA GLU A 315 21.72 31.35 14.61
C GLU A 315 22.89 31.66 13.69
N SER A 316 24.10 31.76 14.24
CA SER A 316 25.28 32.03 13.42
C SER A 316 25.58 30.86 12.48
N ILE A 317 25.38 29.64 12.94
CA ILE A 317 25.69 28.46 12.14
C ILE A 317 24.46 27.94 11.38
N ARG A 318 23.43 28.78 11.25
CA ARG A 318 22.20 28.33 10.59
C ARG A 318 22.44 27.95 9.13
N GLN A 319 23.21 28.76 8.41
CA GLN A 319 23.50 28.50 7.01
C GLN A 319 24.84 27.80 6.79
N ASP A 320 25.55 27.46 7.87
CA ASP A 320 26.88 26.85 7.76
C ASP A 320 26.70 25.34 7.72
N ARG A 321 26.83 24.76 6.52
CA ARG A 321 26.50 23.36 6.32
C ARG A 321 27.47 22.44 7.06
N ASP A 322 28.77 22.63 6.86
CA ASP A 322 29.75 21.77 7.50
C ASP A 322 29.76 21.96 9.01
N ALA A 323 29.56 23.19 9.48
CA ALA A 323 29.44 23.43 10.91
C ALA A 323 28.22 22.71 11.47
N LEU A 324 27.12 22.69 10.72
CA LEU A 324 25.94 21.95 11.16
C LEU A 324 26.21 20.46 11.21
N HIS A 325 26.95 19.92 10.24
CA HIS A 325 27.29 18.50 10.28
C HIS A 325 28.15 18.18 11.49
N MET A 326 29.14 19.04 11.77
CA MET A 326 29.99 18.81 12.93
C MET A 326 29.21 18.93 14.23
N GLU A 327 28.28 19.90 14.29
CA GLU A 327 27.44 20.03 15.49
C GLU A 327 26.56 18.80 15.66
N GLY A 328 26.03 18.27 14.57
CA GLY A 328 25.23 17.06 14.65
C GLY A 328 26.04 15.88 15.16
N LEU A 329 27.27 15.74 14.67
CA LEU A 329 28.12 14.66 15.15
C LEU A 329 28.47 14.83 16.62
N ILE A 330 28.72 16.08 17.04
CA ILE A 330 29.06 16.34 18.44
C ILE A 330 27.87 16.03 19.34
N VAL A 331 26.65 16.39 18.91
CA VAL A 331 25.46 16.08 19.69
C VAL A 331 25.23 14.57 19.74
N ARG A 332 25.53 13.87 18.62
CA ARG A 332 25.47 12.41 18.63
C ARG A 332 26.42 11.85 19.70
N GLU A 333 27.64 12.37 19.75
CA GLU A 333 28.62 11.89 20.73
C GLU A 333 28.16 12.17 22.16
N ARG A 334 27.65 13.37 22.42
CA ARG A 334 27.27 13.73 23.78
C ARG A 334 26.06 12.94 24.25
N ILE A 335 25.01 12.89 23.43
CA ILE A 335 23.76 12.28 23.87
C ILE A 335 23.82 10.77 23.72
N LEU A 336 24.08 10.30 22.50
CA LEU A 336 24.06 8.87 22.23
C LEU A 336 25.22 8.13 22.88
N GLY A 337 26.27 8.85 23.29
CA GLY A 337 27.41 8.24 23.94
C GLY A 337 28.44 7.75 22.94
N ALA A 338 29.61 7.43 23.48
CA ALA A 338 30.74 6.97 22.68
C ALA A 338 31.09 5.52 22.96
N ASP A 339 30.08 4.69 23.19
CA ASP A 339 30.32 3.28 23.51
C ASP A 339 29.47 2.36 22.64
N ASN A 340 28.30 2.83 22.23
CA ASN A 340 27.36 1.97 21.53
C ASN A 340 27.67 1.92 20.03
N ILE A 341 27.00 1.00 19.34
CA ILE A 341 27.26 0.79 17.91
C ILE A 341 26.72 1.97 17.09
N ASP A 342 25.56 2.51 17.50
CA ASP A 342 24.84 3.47 16.68
C ASP A 342 25.60 4.79 16.50
N VAL A 343 26.62 5.07 17.30
CA VAL A 343 27.39 6.29 17.10
C VAL A 343 28.38 6.14 15.96
N SER A 344 28.76 4.92 15.60
CA SER A 344 29.78 4.74 14.58
C SER A 344 29.25 5.05 13.18
N HIS A 345 28.08 4.52 12.83
CA HIS A 345 27.63 4.51 11.44
C HIS A 345 27.48 5.89 10.80
N PRO A 346 26.87 6.91 11.43
CA PRO A 346 26.76 8.20 10.73
C PRO A 346 28.09 8.84 10.41
N ILE A 347 29.09 8.66 11.27
CA ILE A 347 30.34 9.42 11.17
C ILE A 347 31.00 9.19 9.82
N ILE A 348 31.15 7.91 9.44
CA ILE A 348 31.77 7.55 8.16
C ILE A 348 31.04 8.25 7.03
N TYR A 349 29.71 8.28 7.09
CA TYR A 349 28.92 8.85 6.00
C TYR A 349 29.29 10.31 5.78
N ARG A 350 29.47 11.07 6.86
CA ARG A 350 29.88 12.46 6.70
C ARG A 350 31.27 12.52 6.07
N GLY A 351 32.19 11.70 6.56
CA GLY A 351 33.48 11.61 5.92
C GLY A 351 33.36 11.13 4.50
N ALA A 352 32.38 10.26 4.24
CA ALA A 352 32.13 9.81 2.87
C ALA A 352 31.82 10.98 1.95
N VAL A 353 31.05 11.95 2.45
CA VAL A 353 30.80 13.14 1.64
C VAL A 353 32.10 13.88 1.39
N TYR A 354 32.93 14.02 2.43
CA TYR A 354 34.23 14.63 2.24
C TYR A 354 35.15 13.76 1.39
N ALA A 355 34.84 12.47 1.29
CA ALA A 355 35.61 11.62 0.38
C ALA A 355 35.22 11.88 -1.07
N ASP A 356 34.00 12.36 -1.32
CA ASP A 356 33.57 12.55 -2.70
C ASP A 356 33.89 13.95 -3.21
N ASN A 357 33.90 14.95 -2.33
CA ASN A 357 34.29 16.31 -2.71
C ASN A 357 35.79 16.51 -2.71
N MET A 358 36.57 15.43 -2.63
CA MET A 358 38.04 15.45 -2.62
C MET A 358 38.61 16.26 -1.47
N GLU A 359 37.80 16.52 -0.43
CA GLU A 359 38.26 17.25 0.75
C GLU A 359 38.77 16.22 1.77
N PHE A 360 39.95 15.68 1.45
CA PHE A 360 40.44 14.49 2.14
C PHE A 360 40.90 14.78 3.56
N GLU A 361 41.33 16.03 3.83
CA GLU A 361 41.96 16.31 5.12
C GLU A 361 40.98 16.14 6.28
N GLN A 362 39.72 16.56 6.10
CA GLN A 362 38.73 16.30 7.13
C GLN A 362 38.24 14.86 7.10
N CYS A 363 38.17 14.26 5.90
CA CYS A 363 37.65 12.91 5.77
C CYS A 363 38.53 11.91 6.50
N ILE A 364 39.85 12.04 6.38
CA ILE A 364 40.76 11.11 7.02
C ILE A 364 40.64 11.19 8.53
N LYS A 365 40.61 12.41 9.07
CA LYS A 365 40.50 12.58 10.52
C LYS A 365 39.17 12.05 11.05
N LEU A 366 38.07 12.37 10.36
CA LEU A 366 36.75 11.92 10.80
C LEU A 366 36.64 10.40 10.75
N TRP A 367 37.08 9.81 9.64
CA TRP A 367 37.07 8.36 9.51
C TRP A 367 37.97 7.69 10.54
N LEU A 368 39.14 8.27 10.81
CA LEU A 368 40.04 7.71 11.81
C LEU A 368 39.43 7.76 13.19
N HIS A 369 38.70 8.83 13.50
CA HIS A 369 37.96 8.88 14.76
C HIS A 369 36.91 7.78 14.83
N ALA A 370 36.21 7.54 13.72
CA ALA A 370 35.23 6.46 13.68
C ALA A 370 35.91 5.11 13.92
N LEU A 371 37.06 4.90 13.30
CA LEU A 371 37.80 3.65 13.50
C LEU A 371 38.26 3.51 14.94
N HIS A 372 38.72 4.60 15.55
CA HIS A 372 39.16 4.55 16.94
C HIS A 372 38.02 4.20 17.87
N LEU A 373 36.83 4.78 17.62
CA LEU A 373 35.65 4.40 18.39
C LEU A 373 35.30 2.92 18.18
N ARG A 374 35.38 2.45 16.94
CA ARG A 374 35.07 1.04 16.67
C ARG A 374 36.04 0.11 17.37
N GLN A 375 37.33 0.47 17.37
CA GLN A 375 38.33 -0.37 18.03
C GLN A 375 38.20 -0.32 19.54
N LYS A 376 37.83 0.85 20.09
CA LYS A 376 37.55 0.93 21.52
C LYS A 376 36.37 0.05 21.89
N GLY A 377 35.34 0.03 21.05
CA GLY A 377 34.21 -0.84 21.29
C GLY A 377 34.42 -2.28 20.90
N ASN A 378 35.57 -2.60 20.30
CA ASN A 378 35.91 -3.96 19.86
C ASN A 378 34.88 -4.51 18.87
N ARG A 379 34.44 -3.66 17.96
CA ARG A 379 33.48 -4.05 16.93
C ARG A 379 34.21 -4.63 15.73
N ASN A 380 33.45 -4.96 14.68
CA ASN A 380 34.02 -5.46 13.44
C ASN A 380 34.37 -4.28 12.55
N THR A 381 35.67 -4.07 12.33
CA THR A 381 36.14 -2.87 11.65
C THR A 381 36.79 -3.16 10.30
N HIS A 382 36.62 -4.37 9.77
CA HIS A 382 37.29 -4.73 8.52
C HIS A 382 36.77 -3.91 7.34
N LYS A 383 35.46 -3.63 7.32
CA LYS A 383 34.90 -2.80 6.26
C LYS A 383 35.47 -1.39 6.29
N ASP A 384 35.60 -0.81 7.49
CA ASP A 384 36.17 0.52 7.60
C ASP A 384 37.65 0.52 7.23
N LEU A 385 38.37 -0.54 7.60
CA LEU A 385 39.78 -0.65 7.23
C LEU A 385 39.95 -0.72 5.72
N LEU A 386 39.10 -1.52 5.06
CA LEU A 386 39.12 -1.56 3.60
C LEU A 386 38.75 -0.22 3.00
N ARG A 387 37.83 0.50 3.64
CA ARG A 387 37.49 1.85 3.19
C ARG A 387 38.70 2.76 3.26
N PHE A 388 39.51 2.62 4.31
CA PHE A 388 40.67 3.50 4.45
C PHE A 388 41.73 3.15 3.42
N ALA A 389 41.87 1.86 3.12
CA ALA A 389 42.76 1.45 2.04
C ALA A 389 42.30 2.07 0.72
N GLN A 390 40.99 2.04 0.47
CA GLN A 390 40.45 2.60 -0.77
C GLN A 390 40.69 4.10 -0.84
N VAL A 391 40.46 4.82 0.26
CA VAL A 391 40.58 6.27 0.21
C VAL A 391 42.05 6.68 0.12
N PHE A 392 42.96 5.93 0.75
CA PHE A 392 44.39 6.19 0.56
C PHE A 392 44.82 5.92 -0.87
N SER A 393 44.28 4.86 -1.48
CA SER A 393 44.59 4.58 -2.87
C SER A 393 44.13 5.70 -3.78
N GLN A 394 42.91 6.20 -3.55
CA GLN A 394 42.41 7.31 -4.35
C GLN A 394 43.21 8.59 -4.10
N MET A 395 43.67 8.79 -2.85
CA MET A 395 44.49 9.95 -2.54
C MET A 395 45.83 9.90 -3.25
N ILE A 396 46.47 8.74 -3.28
CA ILE A 396 47.75 8.60 -3.96
C ILE A 396 47.57 8.71 -5.46
N HIS A 397 46.46 8.15 -5.99
CA HIS A 397 46.20 8.23 -7.43
C HIS A 397 46.02 9.67 -7.88
N LEU A 398 45.34 10.49 -7.09
CA LEU A 398 45.12 11.90 -7.45
C LEU A 398 46.23 12.79 -6.91
N ASN A 399 47.48 12.39 -7.16
CA ASN A 399 48.73 13.10 -6.85
C ASN A 399 48.71 13.85 -5.52
N GLU A 400 48.14 13.24 -4.49
CA GLU A 400 48.01 13.89 -3.19
C GLU A 400 48.75 13.08 -2.15
N THR A 401 49.49 13.76 -1.29
CA THR A 401 50.27 13.10 -0.25
C THR A 401 49.36 12.51 0.82
N VAL A 402 49.87 11.48 1.50
CA VAL A 402 49.20 10.85 2.61
C VAL A 402 50.03 11.07 3.86
N LYS A 403 49.43 11.66 4.89
CA LYS A 403 50.17 12.01 6.08
C LYS A 403 50.61 10.77 6.85
N ALA A 404 51.86 10.82 7.33
CA ALA A 404 52.41 9.70 8.08
C ALA A 404 51.66 9.36 9.37
N PRO A 405 51.21 10.32 10.20
CA PRO A 405 50.44 9.91 11.39
C PRO A 405 49.16 9.15 11.07
N ASP A 406 48.49 9.50 9.97
CA ASP A 406 47.24 8.82 9.62
C ASP A 406 47.49 7.37 9.25
N ILE A 407 48.47 7.12 8.37
CA ILE A 407 48.78 5.76 7.98
C ILE A 407 49.35 4.97 9.15
N GLU A 408 50.13 5.63 10.03
CA GLU A 408 50.64 4.95 11.21
C GLU A 408 49.50 4.53 12.14
N CYS A 409 48.53 5.41 12.37
CA CYS A 409 47.42 5.07 13.25
C CYS A 409 46.54 3.99 12.66
N VAL A 410 46.29 4.05 11.34
CA VAL A 410 45.47 3.00 10.74
C VAL A 410 46.22 1.68 10.73
N LEU A 411 47.55 1.71 10.63
CA LEU A 411 48.31 0.46 10.73
C LEU A 411 48.23 -0.10 12.14
N ARG A 412 48.30 0.76 13.16
CA ARG A 412 48.17 0.31 14.54
C ARG A 412 46.81 -0.35 14.78
N CYS A 413 45.75 0.31 14.32
CA CYS A 413 44.41 -0.25 14.52
C CYS A 413 44.19 -1.50 13.70
N SER A 414 44.81 -1.57 12.50
CA SER A 414 44.74 -2.78 11.70
C SER A 414 45.43 -3.95 12.41
N VAL A 415 46.58 -3.69 13.02
CA VAL A 415 47.29 -4.75 13.74
C VAL A 415 46.45 -5.22 14.92
N LEU A 416 45.88 -4.28 15.68
CA LEU A 416 45.08 -4.64 16.84
C LEU A 416 43.84 -5.43 16.44
N GLU A 417 43.18 -5.02 15.35
CA GLU A 417 41.99 -5.73 14.93
C GLU A 417 42.34 -7.09 14.31
N ILE A 418 43.54 -7.22 13.74
CA ILE A 418 43.99 -8.52 13.29
C ILE A 418 44.26 -9.44 14.47
N GLU A 419 44.80 -8.89 15.56
CA GLU A 419 44.93 -9.66 16.80
C GLU A 419 43.57 -10.14 17.28
N GLN A 420 42.58 -9.24 17.28
CA GLN A 420 41.24 -9.63 17.71
C GLN A 420 40.62 -10.66 16.78
N SER A 421 40.88 -10.54 15.47
CA SER A 421 40.37 -11.51 14.51
C SER A 421 40.99 -12.88 14.71
N MET A 422 42.30 -12.92 14.97
CA MET A 422 42.96 -14.19 15.28
C MET A 422 42.41 -14.80 16.55
N ASN A 423 42.14 -13.96 17.57
CA ASN A 423 41.54 -14.45 18.80
C ASN A 423 40.15 -15.02 18.55
N ARG A 424 39.36 -14.36 17.70
CA ARG A 424 38.04 -14.87 17.36
C ARG A 424 38.12 -16.17 16.57
N VAL A 425 39.12 -16.28 15.70
CA VAL A 425 39.31 -17.51 14.92
C VAL A 425 39.65 -18.67 15.83
N LYS A 426 40.60 -18.47 16.75
CA LYS A 426 41.06 -19.54 17.61
C LYS A 426 40.19 -19.72 18.86
N ASN A 427 39.17 -18.88 19.05
CA ASN A 427 38.29 -18.98 20.21
C ASN A 427 36.89 -19.42 19.87
N ILE A 428 36.29 -18.89 18.81
CA ILE A 428 34.95 -19.29 18.40
C ILE A 428 35.06 -20.66 17.74
N SER A 429 34.48 -21.68 18.40
CA SER A 429 34.59 -23.06 17.94
C SER A 429 33.92 -23.30 16.60
N ASP A 430 32.59 -23.15 16.55
CA ASP A 430 31.85 -23.49 15.34
C ASP A 430 30.77 -22.50 14.96
N ALA A 431 30.36 -21.59 15.86
CA ALA A 431 29.24 -20.71 15.57
C ALA A 431 29.56 -19.74 14.44
N ASP A 432 30.71 -19.05 14.53
CA ASP A 432 31.12 -18.09 13.51
C ASP A 432 32.61 -18.24 13.23
N VAL A 433 33.10 -19.47 13.20
CA VAL A 433 34.53 -19.69 12.95
C VAL A 433 34.86 -19.38 11.50
N HIS A 434 33.98 -19.73 10.55
CA HIS A 434 34.24 -19.46 9.15
C HIS A 434 34.14 -17.97 8.85
N ASN A 435 33.18 -17.28 9.48
CA ASN A 435 33.09 -15.83 9.32
C ASN A 435 34.32 -15.14 9.87
N ALA A 436 34.82 -15.61 11.01
CA ALA A 436 36.04 -15.05 11.58
C ALA A 436 37.24 -15.32 10.68
N MET A 437 37.30 -16.50 10.06
CA MET A 437 38.38 -16.80 9.13
C MET A 437 38.34 -15.89 7.91
N ASP A 438 37.14 -15.66 7.37
CA ASP A 438 37.01 -14.75 6.23
C ASP A 438 37.38 -13.32 6.63
N ASN A 439 37.03 -12.93 7.85
CA ASN A 439 37.47 -11.65 8.39
C ASN A 439 38.99 -11.58 8.45
N TYR A 440 39.63 -12.68 8.85
CA TYR A 440 41.09 -12.73 8.89
C TYR A 440 41.69 -12.55 7.50
N GLU A 441 41.09 -13.22 6.50
CA GLU A 441 41.57 -13.08 5.13
C GLU A 441 41.45 -11.64 4.65
N CYS A 442 40.28 -11.02 4.86
CA CYS A 442 40.06 -9.65 4.42
C CYS A 442 40.99 -8.69 5.14
N ASN A 443 41.23 -8.92 6.43
CA ASN A 443 42.13 -8.05 7.19
C ASN A 443 43.56 -8.19 6.70
N LEU A 444 44.00 -9.40 6.36
CA LEU A 444 45.34 -9.56 5.81
C LEU A 444 45.49 -8.84 4.48
N TYR A 445 44.49 -8.97 3.61
CA TYR A 445 44.51 -8.25 2.34
C TYR A 445 44.57 -6.75 2.58
N THR A 446 43.77 -6.24 3.52
CA THR A 446 43.73 -4.82 3.78
C THR A 446 45.05 -4.31 4.37
N PHE A 447 45.65 -5.10 5.25
CA PHE A 447 46.93 -4.70 5.83
C PHE A 447 48.00 -4.63 4.76
N LEU A 448 47.99 -5.57 3.81
CA LEU A 448 48.97 -5.50 2.74
C LEU A 448 48.71 -4.31 1.82
N TYR A 449 47.44 -3.98 1.58
CA TYR A 449 47.13 -2.77 0.82
C TYR A 449 47.67 -1.54 1.53
N LEU A 450 47.49 -1.47 2.86
CA LEU A 450 47.96 -0.32 3.61
C LEU A 450 49.49 -0.24 3.61
N VAL A 451 50.16 -1.39 3.66
CA VAL A 451 51.62 -1.39 3.57
C VAL A 451 52.07 -0.88 2.21
N CYS A 452 51.35 -1.27 1.14
CA CYS A 452 51.64 -0.75 -0.19
C CYS A 452 51.46 0.76 -0.22
N ILE A 453 50.40 1.25 0.41
CA ILE A 453 50.17 2.69 0.50
C ILE A 453 51.32 3.37 1.23
N SER A 454 51.75 2.78 2.34
CA SER A 454 52.83 3.36 3.14
C SER A 454 54.13 3.43 2.35
N THR A 455 54.43 2.38 1.59
CA THR A 455 55.61 2.41 0.74
C THR A 455 55.48 3.48 -0.34
N LYS A 456 54.30 3.64 -0.91
CA LYS A 456 54.13 4.57 -2.03
C LYS A 456 53.74 5.97 -1.56
N THR A 457 54.47 6.52 -0.59
CA THR A 457 54.27 7.90 -0.14
C THR A 457 55.62 8.56 0.08
N GLN A 458 55.57 9.87 0.27
CA GLN A 458 56.74 10.64 0.68
C GLN A 458 56.79 10.68 2.21
N CYS A 459 57.07 9.51 2.77
CA CYS A 459 57.03 9.30 4.21
C CYS A 459 58.17 10.05 4.90
N SER A 460 57.98 10.28 6.20
CA SER A 460 58.99 10.90 7.04
C SER A 460 60.00 9.85 7.47
N GLU A 461 60.83 10.18 8.46
CA GLU A 461 61.82 9.23 8.98
C GLU A 461 61.30 8.49 10.21
N GLU A 462 60.99 9.21 11.28
CA GLU A 462 60.63 8.56 12.53
C GLU A 462 59.23 7.96 12.50
N ASP A 463 58.29 8.59 11.78
CA ASP A 463 56.97 8.01 11.69
C ASP A 463 56.96 6.79 10.78
N GLN A 464 57.79 6.79 9.74
CA GLN A 464 58.00 5.58 8.96
C GLN A 464 58.68 4.50 9.78
N CYS A 465 59.55 4.89 10.71
CA CYS A 465 60.11 3.92 11.65
C CYS A 465 59.04 3.32 12.55
N LYS A 466 58.09 4.16 12.99
CA LYS A 466 56.95 3.65 13.76
C LYS A 466 56.10 2.69 12.92
N ILE A 467 55.93 3.01 11.64
CA ILE A 467 55.23 2.12 10.71
C ILE A 467 55.95 0.77 10.63
N ASN A 468 57.27 0.80 10.53
CA ASN A 468 58.05 -0.44 10.50
C ASN A 468 57.91 -1.21 11.80
N LYS A 469 57.87 -0.49 12.93
CA LYS A 469 57.67 -1.15 14.22
C LYS A 469 56.34 -1.89 14.27
N GLN A 470 55.27 -1.22 13.82
CA GLN A 470 53.96 -1.86 13.83
C GLN A 470 53.91 -3.06 12.88
N ILE A 471 54.52 -2.92 11.71
CA ILE A 471 54.53 -4.03 10.75
C ILE A 471 55.36 -5.18 11.28
N TYR A 472 56.46 -4.89 11.98
CA TYR A 472 57.25 -5.96 12.59
C TYR A 472 56.46 -6.66 13.69
N ASN A 473 55.64 -5.90 14.44
CA ASN A 473 54.78 -6.53 15.44
C ASN A 473 53.78 -7.47 14.78
N LEU A 474 53.18 -7.04 13.67
CA LEU A 474 52.22 -7.91 12.99
C LEU A 474 52.90 -9.13 12.37
N ILE A 475 54.14 -8.98 11.91
CA ILE A 475 54.86 -10.13 11.39
C ILE A 475 55.21 -11.09 12.52
N HIS A 476 55.59 -10.55 13.68
CA HIS A 476 55.84 -11.38 14.86
C HIS A 476 54.58 -12.11 15.31
N LEU A 477 53.41 -11.55 15.00
CA LEU A 477 52.16 -12.29 15.21
C LEU A 477 52.12 -13.56 14.35
N ASP A 478 52.76 -13.53 13.18
CA ASP A 478 52.80 -14.63 12.20
C ASP A 478 51.40 -15.01 11.76
N PRO A 479 50.72 -14.18 10.97
CA PRO A 479 49.38 -14.53 10.50
C PRO A 479 49.44 -15.53 9.34
N ARG A 480 48.42 -16.37 9.28
CA ARG A 480 48.30 -17.39 8.25
C ARG A 480 46.93 -17.31 7.61
N THR A 481 46.88 -17.57 6.30
CA THR A 481 45.63 -17.53 5.57
C THR A 481 44.92 -18.88 5.65
N ARG A 482 43.72 -18.94 5.09
CA ARG A 482 43.01 -20.21 4.97
C ARG A 482 43.78 -21.17 4.08
N GLU A 483 44.42 -20.65 3.03
CA GLU A 483 45.32 -21.42 2.19
C GLU A 483 46.73 -21.53 2.79
N GLY A 484 46.88 -21.25 4.08
CA GLY A 484 48.16 -21.44 4.75
C GLY A 484 49.27 -20.52 4.31
N PHE A 485 48.98 -19.51 3.51
CA PHE A 485 50.02 -18.60 3.05
C PHE A 485 50.48 -17.69 4.18
N THR A 486 51.69 -17.18 4.05
CA THR A 486 52.17 -16.11 4.89
C THR A 486 51.98 -14.77 4.18
N LEU A 487 52.29 -13.69 4.89
CA LEU A 487 52.21 -12.37 4.27
C LEU A 487 53.23 -12.20 3.17
N LEU A 488 54.39 -12.86 3.29
CA LEU A 488 55.37 -12.85 2.23
C LEU A 488 54.82 -13.49 0.96
N HIS A 489 54.10 -14.60 1.11
CA HIS A 489 53.51 -15.29 -0.03
C HIS A 489 52.53 -14.38 -0.77
N LEU A 490 51.66 -13.69 -0.02
CA LEU A 490 50.71 -12.77 -0.64
C LEU A 490 51.43 -11.59 -1.28
N ALA A 491 52.48 -11.08 -0.63
CA ALA A 491 53.19 -9.93 -1.18
C ALA A 491 53.88 -10.28 -2.49
N VAL A 492 54.38 -11.50 -2.63
CA VAL A 492 55.04 -11.89 -3.87
C VAL A 492 54.06 -12.50 -4.86
N ASN A 493 52.82 -12.77 -4.44
CA ASN A 493 51.84 -13.39 -5.31
C ASN A 493 51.24 -12.40 -6.29
N SER A 494 50.65 -12.93 -7.35
CA SER A 494 49.76 -12.18 -8.23
C SER A 494 48.31 -12.62 -8.09
N ASN A 495 48.06 -13.74 -7.43
CA ASN A 495 46.72 -14.25 -7.21
C ASN A 495 46.05 -13.67 -5.97
N THR A 496 46.75 -12.82 -5.23
CA THR A 496 46.16 -12.15 -4.08
C THR A 496 45.11 -11.16 -4.59
N PRO A 497 43.86 -11.24 -4.13
CA PRO A 497 42.80 -10.40 -4.71
C PRO A 497 43.02 -8.93 -4.37
N VAL A 498 42.57 -8.08 -5.30
CA VAL A 498 42.64 -6.64 -5.15
C VAL A 498 41.23 -6.09 -5.15
N ASP A 499 40.96 -5.17 -4.22
CA ASP A 499 39.61 -4.63 -4.07
C ASP A 499 39.17 -3.89 -5.33
N ASP A 500 37.87 -4.01 -5.65
CA ASP A 500 37.35 -3.52 -6.92
C ASP A 500 37.34 -2.01 -7.02
N PHE A 501 37.51 -1.30 -5.90
CA PHE A 501 37.59 0.16 -5.92
C PHE A 501 38.96 0.63 -6.35
N HIS A 502 39.26 1.91 -6.08
CA HIS A 502 40.44 2.61 -6.57
C HIS A 502 41.76 1.99 -6.14
N THR A 503 41.71 0.94 -5.29
CA THR A 503 42.92 0.23 -4.90
C THR A 503 43.67 -0.33 -6.10
N ASN A 504 42.96 -0.67 -7.18
CA ASN A 504 43.60 -1.17 -8.40
C ASN A 504 44.60 -0.17 -8.97
N ASP A 505 44.48 1.11 -8.62
CA ASP A 505 45.45 2.09 -9.08
C ASP A 505 46.84 1.85 -8.49
N VAL A 506 46.93 1.36 -7.26
CA VAL A 506 48.24 1.23 -6.62
C VAL A 506 48.51 -0.20 -6.13
N CYS A 507 47.45 -0.94 -5.81
CA CYS A 507 47.61 -2.32 -5.34
C CYS A 507 47.85 -3.20 -6.56
N SER A 508 49.12 -3.34 -6.93
CA SER A 508 49.52 -4.05 -8.13
C SER A 508 50.41 -5.24 -7.77
N PHE A 509 49.98 -6.05 -6.82
CA PHE A 509 50.78 -7.16 -6.33
C PHE A 509 51.09 -8.13 -7.46
N PRO A 510 52.33 -8.65 -7.53
CA PRO A 510 53.44 -8.44 -6.60
C PRO A 510 54.16 -7.10 -6.77
N ASN A 511 54.29 -6.34 -5.69
CA ASN A 511 54.98 -5.06 -5.72
C ASN A 511 56.37 -5.21 -5.09
N ALA A 512 57.34 -4.51 -5.67
CA ALA A 512 58.71 -4.61 -5.18
C ALA A 512 58.83 -4.03 -3.78
N LEU A 513 58.34 -2.81 -3.58
CA LEU A 513 58.58 -2.10 -2.32
C LEU A 513 57.86 -2.76 -1.15
N VAL A 514 56.68 -3.35 -1.40
CA VAL A 514 55.97 -4.05 -0.35
C VAL A 514 56.79 -5.22 0.16
N THR A 515 57.31 -6.03 -0.78
CA THR A 515 58.18 -7.13 -0.42
C THR A 515 59.45 -6.65 0.26
N LYS A 516 60.02 -5.55 -0.24
CA LYS A 516 61.25 -4.99 0.32
C LYS A 516 61.05 -4.66 1.79
N LEU A 517 60.01 -3.88 2.10
CA LEU A 517 59.73 -3.54 3.48
C LEU A 517 59.37 -4.78 4.29
N LEU A 518 58.73 -5.76 3.65
CA LEU A 518 58.32 -6.95 4.36
C LEU A 518 59.52 -7.77 4.84
N LEU A 519 60.51 -7.98 3.97
CA LEU A 519 61.61 -8.83 4.43
C LEU A 519 62.66 -8.04 5.18
N ASP A 520 62.90 -6.77 4.81
CA ASP A 520 63.80 -5.94 5.60
C ASP A 520 63.22 -5.61 6.96
N CYS A 521 61.91 -5.75 7.13
CA CYS A 521 61.29 -5.64 8.44
C CYS A 521 61.50 -6.88 9.29
N GLY A 522 61.97 -7.98 8.69
CA GLY A 522 62.22 -9.21 9.42
C GLY A 522 61.03 -10.15 9.38
N ALA A 523 61.16 -11.26 8.66
CA ALA A 523 60.07 -12.20 8.50
C ALA A 523 60.63 -13.59 8.22
N GLU A 524 59.77 -14.60 8.41
CA GLU A 524 60.14 -15.98 8.11
C GLU A 524 60.16 -16.15 6.60
N VAL A 525 61.34 -16.04 6.00
CA VAL A 525 61.46 -16.06 4.55
C VAL A 525 61.15 -17.44 3.98
N ASN A 526 61.32 -18.50 4.76
CA ASN A 526 61.07 -19.87 4.29
C ASN A 526 59.75 -20.41 4.81
N ALA A 527 58.75 -19.55 4.96
CA ALA A 527 57.46 -19.98 5.47
C ALA A 527 56.71 -20.77 4.39
N VAL A 528 57.01 -22.06 4.30
CA VAL A 528 56.36 -22.92 3.32
C VAL A 528 54.90 -23.14 3.73
N ASP A 529 53.99 -22.95 2.78
CA ASP A 529 52.57 -23.09 3.06
C ASP A 529 52.21 -24.56 3.27
N ASN A 530 50.94 -24.79 3.64
CA ASN A 530 50.46 -26.16 3.77
C ASN A 530 50.36 -26.86 2.43
N GLU A 531 50.24 -26.12 1.33
CA GLU A 531 50.28 -26.72 0.00
C GLU A 531 51.68 -27.14 -0.41
N GLY A 532 52.71 -26.70 0.31
CA GLY A 532 54.07 -27.11 0.04
C GLY A 532 54.93 -26.08 -0.68
N ASN A 533 54.34 -25.00 -1.19
CA ASN A 533 55.11 -24.03 -1.95
C ASN A 533 55.80 -23.02 -1.03
N SER A 534 56.79 -22.33 -1.58
CA SER A 534 57.49 -21.24 -0.93
C SER A 534 57.24 -19.93 -1.67
N ALA A 535 57.82 -18.85 -1.16
CA ALA A 535 57.69 -17.56 -1.83
C ALA A 535 58.34 -17.59 -3.21
N LEU A 536 59.50 -18.20 -3.32
CA LEU A 536 60.11 -18.41 -4.63
C LEU A 536 59.23 -19.31 -5.49
N HIS A 537 58.65 -20.34 -4.88
CA HIS A 537 57.73 -21.20 -5.63
C HIS A 537 56.46 -20.45 -6.02
N ILE A 538 56.08 -19.42 -5.26
CA ILE A 538 54.96 -18.58 -5.67
C ILE A 538 55.36 -17.73 -6.86
N ILE A 539 56.55 -17.12 -6.82
CA ILE A 539 56.92 -16.19 -7.88
C ILE A 539 57.31 -16.91 -9.17
N VAL A 540 57.68 -18.19 -9.10
CA VAL A 540 57.90 -18.89 -10.36
C VAL A 540 56.59 -19.31 -11.01
N GLN A 541 55.49 -19.28 -10.26
CA GLN A 541 54.16 -19.51 -10.85
C GLN A 541 53.52 -18.15 -11.15
N TYR A 542 54.16 -17.43 -12.06
CA TYR A 542 53.77 -16.06 -12.40
C TYR A 542 53.75 -15.91 -13.91
N ASN A 543 52.59 -15.58 -14.46
CA ASN A 543 52.34 -15.65 -15.89
C ASN A 543 52.51 -14.31 -16.61
N ARG A 544 52.94 -13.26 -15.92
CA ARG A 544 53.13 -11.94 -16.53
C ARG A 544 54.51 -11.41 -16.19
N PRO A 545 55.56 -12.11 -16.63
CA PRO A 545 56.90 -11.84 -16.08
C PRO A 545 57.57 -10.57 -16.59
N ILE A 546 57.48 -10.33 -17.90
CA ILE A 546 58.23 -9.22 -18.51
C ILE A 546 57.68 -7.87 -18.09
N SER A 547 56.37 -7.77 -17.85
CA SER A 547 55.74 -6.49 -17.57
C SER A 547 56.20 -5.86 -16.27
N ASP A 548 56.78 -6.65 -15.35
CA ASP A 548 57.24 -6.11 -14.08
C ASP A 548 58.70 -6.49 -13.85
N PHE A 549 59.54 -6.27 -14.86
CA PHE A 549 60.91 -6.78 -14.85
C PHE A 549 61.73 -6.23 -13.70
N LEU A 550 61.63 -4.92 -13.43
CA LEU A 550 62.43 -4.32 -12.37
C LEU A 550 61.98 -4.81 -11.00
N THR A 551 60.68 -4.88 -10.75
CA THR A 551 60.18 -5.37 -9.47
C THR A 551 60.52 -6.84 -9.26
N LEU A 552 60.43 -7.63 -10.32
CA LEU A 552 60.77 -9.04 -10.24
C LEU A 552 62.26 -9.24 -9.95
N HIS A 553 63.11 -8.43 -10.61
CA HIS A 553 64.53 -8.39 -10.25
C HIS A 553 64.71 -8.09 -8.77
N SER A 554 64.00 -7.07 -8.28
CA SER A 554 64.16 -6.64 -6.90
C SER A 554 63.75 -7.74 -5.92
N ILE A 555 62.62 -8.40 -6.18
CA ILE A 555 62.15 -9.40 -5.24
C ILE A 555 63.05 -10.64 -5.26
N ILE A 556 63.55 -11.02 -6.44
CA ILE A 556 64.44 -12.18 -6.48
C ILE A 556 65.77 -11.87 -5.79
N ILE A 557 66.36 -10.70 -6.07
CA ILE A 557 67.64 -10.38 -5.44
C ILE A 557 67.45 -10.20 -3.94
N SER A 558 66.29 -9.73 -3.50
CA SER A 558 66.03 -9.56 -2.08
C SER A 558 65.87 -10.91 -1.38
N LEU A 559 65.10 -11.82 -1.99
CA LEU A 559 64.92 -13.14 -1.41
C LEU A 559 66.24 -13.89 -1.36
N VAL A 560 67.03 -13.83 -2.42
CA VAL A 560 68.32 -14.52 -2.43
C VAL A 560 69.26 -13.91 -1.40
N GLU A 561 69.29 -12.58 -1.30
CA GLU A 561 70.17 -11.94 -0.33
C GLU A 561 69.72 -12.14 1.10
N ALA A 562 68.49 -12.58 1.33
CA ALA A 562 67.98 -12.83 2.68
C ALA A 562 67.25 -14.18 2.69
N GLY A 563 67.99 -15.25 2.96
CA GLY A 563 67.38 -16.56 3.08
C GLY A 563 66.84 -17.06 1.75
N ALA A 564 65.64 -17.65 1.79
CA ALA A 564 64.90 -18.13 0.62
C ALA A 564 65.73 -19.12 -0.20
N HIS A 565 65.94 -20.28 0.43
CA HIS A 565 66.71 -21.38 -0.17
C HIS A 565 66.24 -21.68 -1.58
N THR A 566 67.11 -21.46 -2.55
CA THR A 566 66.79 -21.54 -3.97
C THR A 566 66.65 -22.98 -4.46
N ASP A 567 66.67 -23.95 -3.56
CA ASP A 567 66.52 -25.37 -3.88
C ASP A 567 65.53 -25.99 -2.89
N MET A 568 64.37 -25.35 -2.75
CA MET A 568 63.42 -25.74 -1.71
C MET A 568 62.90 -27.15 -1.92
N THR A 569 62.59 -27.51 -3.18
CA THR A 569 62.19 -28.87 -3.55
C THR A 569 60.96 -29.32 -2.76
N ASN A 570 59.83 -28.70 -3.10
CA ASN A 570 58.57 -28.86 -2.39
C ASN A 570 58.13 -30.33 -2.34
N LYS A 571 57.08 -30.56 -1.53
CA LYS A 571 56.59 -31.91 -1.28
C LYS A 571 56.08 -32.59 -2.54
N GLN A 572 55.81 -31.84 -3.60
CA GLN A 572 55.41 -32.40 -4.89
C GLN A 572 56.62 -32.75 -5.76
N ASN A 573 57.81 -32.90 -5.15
CA ASN A 573 59.03 -33.31 -5.84
C ASN A 573 59.37 -32.38 -7.00
N LYS A 574 59.20 -31.08 -6.79
CA LYS A 574 59.48 -30.08 -7.80
C LYS A 574 60.43 -29.04 -7.24
N THR A 575 61.64 -28.98 -7.79
CA THR A 575 62.56 -27.91 -7.45
C THR A 575 62.00 -26.59 -7.95
N PRO A 576 62.32 -25.47 -7.28
CA PRO A 576 61.78 -24.18 -7.73
C PRO A 576 62.21 -23.79 -9.14
N LEU A 577 63.36 -24.30 -9.61
CA LEU A 577 63.77 -24.04 -10.99
C LEU A 577 62.82 -24.70 -11.98
N ASP A 578 62.35 -25.90 -11.67
CA ASP A 578 61.52 -26.64 -12.62
C ASP A 578 60.10 -26.07 -12.71
N LYS A 579 59.69 -25.22 -11.76
CA LYS A 579 58.40 -24.56 -11.81
C LYS A 579 58.48 -23.14 -12.35
N SER A 580 59.59 -22.80 -13.01
CA SER A 580 59.83 -21.43 -13.43
C SER A 580 58.80 -20.94 -14.45
N THR A 581 58.43 -21.80 -15.41
CA THR A 581 57.44 -21.52 -16.45
C THR A 581 57.76 -20.28 -17.27
N THR A 582 59.02 -19.84 -17.25
CA THR A 582 59.46 -18.63 -17.96
C THR A 582 60.97 -18.66 -18.03
N GLY A 583 61.53 -18.41 -19.22
CA GLY A 583 62.98 -18.40 -19.37
C GLY A 583 63.65 -17.35 -18.51
N VAL A 584 62.99 -16.19 -18.36
CA VAL A 584 63.55 -15.11 -17.56
C VAL A 584 63.71 -15.53 -16.11
N SER A 585 62.68 -16.16 -15.55
CA SER A 585 62.71 -16.53 -14.14
C SER A 585 63.76 -17.60 -13.87
N GLU A 586 63.85 -18.61 -14.74
CA GLU A 586 64.84 -19.66 -14.53
C GLU A 586 66.26 -19.13 -14.74
N ILE A 587 66.44 -18.21 -15.69
CA ILE A 587 67.76 -17.60 -15.90
C ILE A 587 68.16 -16.80 -14.67
N LEU A 588 67.24 -16.02 -14.13
CA LEU A 588 67.53 -15.21 -12.93
C LEU A 588 67.80 -16.09 -11.72
N LEU A 589 67.06 -17.19 -11.57
CA LEU A 589 67.31 -18.10 -10.46
C LEU A 589 68.65 -18.79 -10.59
N LYS A 590 69.01 -19.22 -11.81
CA LYS A 590 70.30 -19.88 -12.02
C LYS A 590 71.45 -18.91 -11.77
N THR A 591 71.32 -17.66 -12.22
CA THR A 591 72.35 -16.67 -11.92
C THR A 591 72.37 -16.32 -10.44
N GLN A 592 71.23 -16.45 -9.76
CA GLN A 592 71.12 -16.15 -8.34
C GLN A 592 71.30 -17.39 -7.47
N MET A 593 71.45 -18.57 -8.07
CA MET A 593 71.75 -19.76 -7.30
C MET A 593 73.21 -19.71 -6.81
N LYS A 594 73.48 -20.47 -5.76
CA LYS A 594 74.80 -20.48 -5.14
C LYS A 594 75.29 -21.92 -5.02
N MET A 595 76.62 -22.06 -5.02
CA MET A 595 77.24 -23.38 -4.88
C MET A 595 77.03 -23.88 -3.46
N SER A 596 76.13 -24.84 -3.30
CA SER A 596 75.83 -25.44 -2.01
C SER A 596 76.11 -26.94 -2.09
N LEU A 597 77.10 -27.38 -1.31
CA LEU A 597 77.54 -28.77 -1.41
C LEU A 597 76.52 -29.73 -0.81
N LYS A 598 76.19 -29.55 0.47
CA LYS A 598 75.19 -30.39 1.11
C LYS A 598 73.78 -29.86 0.88
N CYS A 599 73.52 -29.49 -0.36
CA CYS A 599 72.22 -29.30 -0.95
C CYS A 599 72.09 -30.06 -2.26
N LEU A 600 73.14 -30.08 -3.08
CA LEU A 600 73.20 -31.05 -4.17
C LEU A 600 73.37 -32.45 -3.62
N ALA A 601 74.08 -32.60 -2.49
CA ALA A 601 74.10 -33.88 -1.79
C ALA A 601 72.70 -34.25 -1.30
N ALA A 602 71.95 -33.26 -0.81
CA ALA A 602 70.58 -33.51 -0.37
C ALA A 602 69.70 -33.93 -1.54
N ARG A 603 69.87 -33.29 -2.70
CA ARG A 603 69.15 -33.70 -3.90
C ARG A 603 69.52 -35.11 -4.30
N ALA A 604 70.80 -35.47 -4.18
CA ALA A 604 71.25 -36.81 -4.52
C ALA A 604 70.62 -37.85 -3.59
N VAL A 605 70.51 -37.54 -2.30
CA VAL A 605 69.97 -38.50 -1.35
C VAL A 605 68.47 -38.38 -1.16
N ARG A 606 67.81 -37.46 -1.88
CA ARG A 606 66.35 -37.37 -1.77
C ARG A 606 65.67 -38.46 -2.59
N ALA A 607 65.88 -38.45 -3.92
CA ALA A 607 65.30 -39.48 -4.77
C ALA A 607 65.91 -40.85 -4.48
N ASN A 608 67.22 -40.91 -4.31
CA ASN A 608 67.90 -42.12 -3.88
C ASN A 608 67.70 -42.21 -2.37
N ASP A 609 66.72 -43.00 -1.94
CA ASP A 609 66.28 -43.00 -0.56
C ASP A 609 67.38 -43.54 0.35
N ILE A 610 67.87 -42.69 1.24
CA ILE A 610 68.81 -43.06 2.29
C ILE A 610 68.15 -42.74 3.62
N ASN A 611 68.21 -43.68 4.57
CA ASN A 611 67.56 -43.49 5.85
C ASN A 611 68.17 -42.33 6.63
N TYR A 612 67.31 -41.55 7.27
CA TYR A 612 67.73 -40.32 7.94
C TYR A 612 67.21 -40.21 9.37
N GLN A 613 66.38 -41.13 9.83
CA GLN A 613 65.83 -41.05 11.18
C GLN A 613 66.94 -41.31 12.19
N ASP A 614 67.44 -40.23 12.79
CA ASP A 614 68.50 -40.18 13.80
C ASP A 614 69.88 -40.56 13.27
N GLN A 615 70.00 -40.94 12.00
CA GLN A 615 71.33 -41.11 11.42
C GLN A 615 71.96 -39.75 11.09
N ILE A 616 71.14 -38.79 10.69
CA ILE A 616 71.57 -37.40 10.52
C ILE A 616 71.06 -36.62 11.73
N PRO A 617 71.55 -35.40 11.99
CA PRO A 617 70.96 -34.60 13.06
C PRO A 617 69.50 -34.28 12.80
N ARG A 618 68.73 -34.16 13.88
CA ARG A 618 67.32 -33.84 13.77
C ARG A 618 67.08 -32.44 13.21
N THR A 619 68.03 -31.52 13.37
CA THR A 619 67.98 -30.27 12.63
C THR A 619 68.18 -30.52 11.14
N LEU A 620 69.07 -31.44 10.77
CA LEU A 620 69.18 -31.86 9.38
C LEU A 620 67.94 -32.63 8.94
N GLU A 621 67.25 -33.29 9.88
CA GLU A 621 65.96 -33.88 9.55
C GLU A 621 64.93 -32.82 9.22
N GLU A 622 64.95 -31.70 9.96
CA GLU A 622 64.10 -30.57 9.62
C GLU A 622 64.50 -29.95 8.28
N PHE A 623 65.79 -29.96 7.97
CA PHE A 623 66.24 -29.52 6.65
C PHE A 623 65.72 -30.43 5.55
N VAL A 624 65.72 -31.74 5.79
CA VAL A 624 65.22 -32.71 4.83
C VAL A 624 63.71 -32.55 4.63
N GLY A 625 62.98 -32.40 5.72
CA GLY A 625 61.55 -32.11 5.62
C GLY A 625 61.27 -30.79 4.95
N PHE A 626 62.17 -29.81 5.12
CA PHE A 626 62.11 -28.60 4.33
C PHE A 626 62.35 -28.90 2.86
N HIS A 627 63.23 -29.84 2.55
CA HIS A 627 63.43 -30.28 1.18
C HIS A 627 62.31 -31.24 0.77
N LEU B 33 -4.01 -47.66 -25.40
CA LEU B 33 -4.49 -48.76 -24.58
C LEU B 33 -3.46 -49.89 -24.53
N PRO B 34 -2.99 -50.21 -23.32
CA PRO B 34 -1.99 -51.29 -23.19
C PRO B 34 -2.58 -52.68 -23.35
N ASP B 35 -3.84 -52.87 -22.96
CA ASP B 35 -4.56 -54.14 -23.09
C ASP B 35 -3.84 -55.27 -22.35
N LEU B 36 -3.79 -55.11 -21.02
CA LEU B 36 -3.26 -56.10 -20.08
C LEU B 36 -1.80 -56.43 -20.41
N LYS B 37 -0.97 -55.42 -20.20
CA LYS B 37 0.47 -55.66 -20.18
C LYS B 37 0.85 -56.36 -18.87
N ASP B 38 1.99 -57.04 -18.90
CA ASP B 38 2.38 -57.86 -17.76
C ASP B 38 2.73 -57.01 -16.53
N ALA B 39 3.79 -56.21 -16.61
CA ALA B 39 4.20 -55.37 -15.49
C ALA B 39 4.58 -53.95 -15.86
N GLU B 40 4.96 -53.65 -17.10
CA GLU B 40 5.51 -52.35 -17.43
C GLU B 40 4.44 -51.27 -17.45
N ALA B 41 3.43 -51.43 -18.32
CA ALA B 41 2.38 -50.43 -18.43
C ALA B 41 1.46 -50.43 -17.22
N VAL B 42 1.47 -51.50 -16.42
CA VAL B 42 0.66 -51.54 -15.20
C VAL B 42 1.12 -50.48 -14.23
N GLN B 43 2.42 -50.17 -14.20
CA GLN B 43 2.97 -49.15 -13.33
C GLN B 43 3.31 -47.86 -14.06
N LYS B 44 3.81 -47.93 -15.30
CA LYS B 44 4.24 -46.73 -15.99
C LYS B 44 3.08 -46.01 -16.67
N PHE B 45 2.36 -46.73 -17.53
CA PHE B 45 1.23 -46.14 -18.24
C PHE B 45 0.13 -45.71 -17.29
N PHE B 46 -0.05 -46.43 -16.18
CA PHE B 46 -1.03 -46.02 -15.18
C PHE B 46 -0.63 -44.69 -14.57
N LEU B 47 0.65 -44.52 -14.22
CA LEU B 47 1.11 -43.24 -13.69
C LEU B 47 0.95 -42.12 -14.70
N GLU B 48 1.29 -42.38 -15.96
CA GLU B 48 1.16 -41.36 -16.99
C GLU B 48 -0.30 -40.94 -17.17
N GLU B 49 -1.21 -41.92 -17.27
CA GLU B 49 -2.61 -41.61 -17.46
C GLU B 49 -3.19 -40.88 -16.27
N ILE B 50 -2.83 -41.30 -15.05
CA ILE B 50 -3.37 -40.64 -13.86
C ILE B 50 -2.85 -39.21 -13.75
N GLN B 51 -1.60 -38.96 -14.15
CA GLN B 51 -1.10 -37.60 -14.02
C GLN B 51 -1.65 -36.69 -15.11
N LEU B 52 -1.80 -37.22 -16.35
CA LEU B 52 -2.53 -36.47 -17.36
C LEU B 52 -3.94 -36.14 -16.91
N GLY B 53 -4.63 -37.10 -16.29
CA GLY B 53 -5.94 -36.83 -15.76
C GLY B 53 -5.93 -35.74 -14.69
N GLU B 54 -4.90 -35.75 -13.84
CA GLU B 54 -4.79 -34.73 -12.80
C GLU B 54 -4.63 -33.34 -13.40
N GLU B 55 -3.71 -33.17 -14.37
CA GLU B 55 -3.57 -31.84 -14.94
C GLU B 55 -4.78 -31.45 -15.78
N LEU B 56 -5.45 -32.41 -16.39
CA LEU B 56 -6.66 -32.10 -17.17
C LEU B 56 -7.78 -31.61 -16.27
N LEU B 57 -7.97 -32.25 -15.11
CA LEU B 57 -8.99 -31.76 -14.18
C LEU B 57 -8.53 -30.47 -13.50
N ALA B 58 -7.23 -30.24 -13.40
CA ALA B 58 -6.73 -29.00 -12.81
C ALA B 58 -6.97 -27.82 -13.74
N GLN B 59 -6.77 -28.02 -15.05
CA GLN B 59 -6.96 -26.93 -16.01
C GLN B 59 -8.43 -26.61 -16.27
N GLY B 60 -9.35 -27.44 -15.79
CA GLY B 60 -10.77 -27.23 -16.00
C GLY B 60 -11.39 -28.12 -17.05
N GLU B 61 -10.58 -28.75 -17.91
CA GLU B 61 -11.09 -29.72 -18.88
C GLU B 61 -11.07 -31.11 -18.23
N TYR B 62 -12.00 -31.30 -17.32
CA TYR B 62 -11.99 -32.46 -16.44
C TYR B 62 -12.70 -33.68 -17.02
N GLU B 63 -13.35 -33.58 -18.18
CA GLU B 63 -13.96 -34.76 -18.77
C GLU B 63 -12.89 -35.70 -19.33
N LYS B 64 -11.90 -35.16 -20.04
CA LYS B 64 -10.77 -35.96 -20.47
C LYS B 64 -9.95 -36.42 -19.27
N GLY B 65 -9.92 -35.62 -18.21
CA GLY B 65 -9.29 -36.05 -16.98
C GLY B 65 -9.97 -37.25 -16.36
N VAL B 66 -11.31 -37.27 -16.39
CA VAL B 66 -12.06 -38.40 -15.86
C VAL B 66 -11.88 -39.63 -16.74
N ASP B 67 -11.80 -39.43 -18.06
CA ASP B 67 -11.48 -40.54 -18.95
C ASP B 67 -10.11 -41.14 -18.62
N HIS B 68 -9.12 -40.26 -18.36
CA HIS B 68 -7.80 -40.74 -17.97
C HIS B 68 -7.84 -41.42 -16.60
N LEU B 69 -8.67 -40.92 -15.69
CA LEU B 69 -8.84 -41.55 -14.39
C LEU B 69 -9.38 -42.97 -14.53
N THR B 70 -10.39 -43.14 -15.38
CA THR B 70 -10.96 -44.45 -15.61
C THR B 70 -9.95 -45.39 -16.27
N ASN B 71 -9.18 -44.87 -17.23
CA ASN B 71 -8.15 -45.68 -17.88
C ASN B 71 -7.09 -46.13 -16.89
N ALA B 72 -6.64 -45.22 -16.03
CA ALA B 72 -5.61 -45.57 -15.04
C ALA B 72 -6.18 -46.52 -13.98
N ILE B 73 -7.46 -46.38 -13.64
CA ILE B 73 -8.11 -47.30 -12.72
C ILE B 73 -8.15 -48.71 -13.30
N ALA B 74 -8.49 -48.82 -14.59
CA ALA B 74 -8.51 -50.13 -15.24
C ALA B 74 -7.11 -50.71 -15.36
N VAL B 75 -6.11 -49.86 -15.65
CA VAL B 75 -4.77 -50.35 -15.92
C VAL B 75 -4.11 -50.88 -14.64
N CYS B 76 -4.28 -50.17 -13.52
CA CYS B 76 -3.60 -50.54 -12.28
C CYS B 76 -4.04 -51.91 -11.78
N GLY B 77 -5.34 -52.19 -11.84
CA GLY B 77 -5.86 -53.49 -11.49
C GLY B 77 -6.24 -53.68 -10.04
N GLN B 78 -5.92 -52.74 -9.16
CA GLN B 78 -6.30 -52.80 -7.75
C GLN B 78 -6.93 -51.48 -7.32
N PRO B 79 -8.11 -51.16 -7.85
CA PRO B 79 -8.69 -49.84 -7.62
C PRO B 79 -9.49 -49.75 -6.33
N GLN B 80 -9.32 -50.72 -5.44
CA GLN B 80 -10.14 -50.78 -4.23
C GLN B 80 -9.93 -49.55 -3.35
N GLN B 81 -8.69 -49.38 -2.84
CA GLN B 81 -8.41 -48.26 -1.95
C GLN B 81 -8.60 -46.92 -2.66
N LEU B 82 -8.17 -46.83 -3.92
CA LEU B 82 -8.43 -45.64 -4.72
C LEU B 82 -9.92 -45.34 -4.81
N LEU B 83 -10.75 -46.38 -4.82
CA LEU B 83 -12.21 -46.21 -4.83
C LEU B 83 -12.67 -45.32 -3.69
N GLN B 84 -12.00 -45.39 -2.54
CA GLN B 84 -12.23 -44.39 -1.51
C GLN B 84 -11.31 -43.20 -1.68
N VAL B 85 -10.02 -43.44 -1.96
CA VAL B 85 -9.02 -42.39 -1.91
C VAL B 85 -9.27 -41.34 -2.98
N LEU B 86 -9.42 -41.79 -4.24
CA LEU B 86 -9.77 -40.86 -5.30
C LEU B 86 -11.17 -40.31 -5.13
N GLN B 87 -11.99 -40.94 -4.27
CA GLN B 87 -13.30 -40.38 -3.96
C GLN B 87 -13.19 -39.11 -3.13
N GLN B 88 -12.10 -38.95 -2.36
CA GLN B 88 -11.98 -37.82 -1.44
C GLN B 88 -10.87 -36.85 -1.83
N THR B 89 -10.63 -36.68 -3.13
CA THR B 89 -9.64 -35.73 -3.60
C THR B 89 -10.19 -35.00 -4.83
N LEU B 90 -11.46 -34.58 -4.73
CA LEU B 90 -12.17 -33.90 -5.82
C LEU B 90 -13.50 -33.30 -5.32
N PRO B 91 -13.99 -32.24 -5.96
CA PRO B 91 -15.26 -31.65 -5.53
C PRO B 91 -16.43 -32.59 -5.80
N PRO B 92 -17.52 -32.46 -5.06
CA PRO B 92 -18.67 -33.39 -5.21
C PRO B 92 -19.30 -33.40 -6.59
N PRO B 93 -19.39 -32.26 -7.34
CA PRO B 93 -19.88 -32.38 -8.72
C PRO B 93 -19.00 -33.27 -9.59
N VAL B 94 -17.69 -33.24 -9.37
CA VAL B 94 -16.79 -34.16 -10.07
C VAL B 94 -17.11 -35.60 -9.69
N PHE B 95 -17.43 -35.84 -8.42
CA PHE B 95 -17.83 -37.17 -7.98
C PHE B 95 -19.12 -37.62 -8.67
N GLN B 96 -20.09 -36.72 -8.80
CA GLN B 96 -21.35 -37.06 -9.45
C GLN B 96 -21.14 -37.41 -10.91
N MET B 97 -20.41 -36.56 -11.64
CA MET B 97 -20.20 -36.85 -13.05
C MET B 97 -19.30 -38.07 -13.22
N LEU B 98 -18.41 -38.34 -12.27
CA LEU B 98 -17.57 -39.53 -12.34
C LEU B 98 -18.39 -40.80 -12.13
N LEU B 99 -19.31 -40.78 -11.16
CA LEU B 99 -20.13 -41.97 -10.95
C LEU B 99 -21.10 -42.18 -12.10
N THR B 100 -21.52 -41.10 -12.77
CA THR B 100 -22.25 -41.30 -14.02
C THR B 100 -21.35 -41.85 -15.12
N LYS B 101 -20.08 -41.45 -15.14
CA LYS B 101 -19.11 -41.89 -16.13
C LYS B 101 -18.33 -43.13 -15.69
N LEU B 102 -18.85 -43.88 -14.73
CA LEU B 102 -18.20 -45.09 -14.23
C LEU B 102 -19.17 -46.27 -14.33
N PRO B 103 -19.37 -46.82 -15.54
CA PRO B 103 -20.18 -48.03 -15.70
C PRO B 103 -19.34 -49.30 -15.63
N THR B 104 -18.55 -49.44 -14.57
CA THR B 104 -17.62 -50.54 -14.41
C THR B 104 -18.16 -51.64 -13.50
N ILE B 105 -19.47 -51.85 -13.51
CA ILE B 105 -20.10 -52.86 -12.67
C ILE B 105 -19.88 -54.25 -13.26
N GLN C 43 -49.18 -12.45 29.54
CA GLN C 43 -48.12 -11.59 29.04
C GLN C 43 -47.42 -12.20 27.82
N LYS C 44 -46.10 -12.03 27.71
CA LYS C 44 -45.37 -12.49 26.53
C LYS C 44 -45.47 -14.00 26.33
N PHE C 45 -45.71 -14.76 27.40
CA PHE C 45 -45.89 -16.20 27.23
C PHE C 45 -47.15 -16.52 26.44
N PHE C 46 -48.21 -15.73 26.63
CA PHE C 46 -49.38 -15.83 25.77
C PHE C 46 -49.05 -15.36 24.35
N LEU C 47 -48.19 -14.36 24.23
CA LEU C 47 -47.76 -13.86 22.93
C LEU C 47 -46.84 -14.85 22.21
N GLU C 48 -46.00 -15.57 22.96
CA GLU C 48 -45.03 -16.46 22.33
C GLU C 48 -45.70 -17.68 21.69
N GLU C 49 -46.73 -18.23 22.35
CA GLU C 49 -47.46 -19.34 21.74
C GLU C 49 -48.17 -18.92 20.47
N ILE C 50 -48.60 -17.66 20.39
CA ILE C 50 -49.18 -17.16 19.15
C ILE C 50 -48.11 -17.04 18.07
N GLN C 51 -46.96 -16.45 18.41
CA GLN C 51 -45.91 -16.23 17.42
C GLN C 51 -45.27 -17.54 16.99
N LEU C 52 -44.91 -18.39 17.94
CA LEU C 52 -44.31 -19.68 17.59
C LEU C 52 -45.34 -20.66 17.03
N GLY C 53 -46.62 -20.46 17.34
CA GLY C 53 -47.65 -21.33 16.80
C GLY C 53 -47.77 -21.21 15.29
N GLU C 54 -47.81 -19.97 14.79
CA GLU C 54 -47.81 -19.75 13.35
C GLU C 54 -46.44 -19.95 12.73
N GLU C 55 -45.36 -19.77 13.52
CA GLU C 55 -44.03 -20.06 13.02
C GLU C 55 -43.86 -21.54 12.70
N LEU C 56 -44.40 -22.41 13.57
CA LEU C 56 -44.30 -23.85 13.35
C LEU C 56 -45.10 -24.31 12.14
N LEU C 57 -46.13 -23.56 11.74
CA LEU C 57 -46.81 -23.84 10.48
C LEU C 57 -45.86 -23.66 9.30
N ALA C 58 -45.04 -22.61 9.35
CA ALA C 58 -44.01 -22.42 8.34
C ALA C 58 -42.91 -23.48 8.44
N GLN C 59 -42.72 -24.07 9.61
CA GLN C 59 -41.75 -25.14 9.79
C GLN C 59 -42.29 -26.50 9.37
N GLY C 60 -43.54 -26.58 8.96
CA GLY C 60 -44.15 -27.82 8.52
C GLY C 60 -44.98 -28.52 9.58
N GLU C 61 -44.79 -28.19 10.86
CA GLU C 61 -45.55 -28.79 11.94
C GLU C 61 -46.86 -28.03 12.10
N TYR C 62 -47.80 -28.34 11.20
CA TYR C 62 -49.10 -27.66 11.24
C TYR C 62 -49.93 -28.12 12.44
N GLU C 63 -50.00 -29.44 12.66
CA GLU C 63 -50.75 -29.94 13.81
C GLU C 63 -50.08 -29.55 15.13
N LYS C 64 -48.75 -29.66 15.20
CA LYS C 64 -48.04 -29.22 16.39
C LYS C 64 -48.13 -27.71 16.57
N GLY C 65 -48.10 -26.96 15.47
CA GLY C 65 -48.28 -25.52 15.55
C GLY C 65 -49.66 -25.14 16.03
N VAL C 66 -50.69 -25.91 15.66
CA VAL C 66 -52.03 -25.68 16.17
C VAL C 66 -52.07 -25.93 17.67
N ASP C 67 -51.49 -27.05 18.13
CA ASP C 67 -51.49 -27.35 19.55
C ASP C 67 -50.60 -26.41 20.34
N HIS C 68 -49.50 -25.95 19.74
CA HIS C 68 -48.65 -24.97 20.42
C HIS C 68 -49.38 -23.66 20.62
N LEU C 69 -50.14 -23.21 19.63
CA LEU C 69 -50.90 -21.97 19.71
C LEU C 69 -52.21 -22.15 20.47
N THR C 70 -52.66 -23.39 20.68
CA THR C 70 -53.93 -23.63 21.36
C THR C 70 -53.91 -23.13 22.80
N ASN C 71 -52.77 -23.26 23.47
CA ASN C 71 -52.64 -22.77 24.84
C ASN C 71 -52.81 -21.27 24.93
N ALA C 72 -52.45 -20.54 23.87
CA ALA C 72 -52.65 -19.10 23.85
C ALA C 72 -54.12 -18.74 23.74
N ILE C 73 -54.89 -19.54 22.99
CA ILE C 73 -56.32 -19.26 22.82
C ILE C 73 -57.06 -19.46 24.15
N ALA C 74 -56.65 -20.46 24.93
CA ALA C 74 -57.29 -20.67 26.23
C ALA C 74 -57.00 -19.54 27.21
N VAL C 75 -55.86 -18.87 27.04
CA VAL C 75 -55.56 -17.71 27.88
C VAL C 75 -56.49 -16.55 27.56
N CYS C 76 -56.78 -16.34 26.28
CA CYS C 76 -57.63 -15.22 25.86
C CYS C 76 -59.06 -15.39 26.37
N GLY C 77 -59.62 -14.29 26.87
CA GLY C 77 -60.97 -14.27 27.38
C GLY C 77 -61.99 -13.66 26.45
N GLN C 78 -61.67 -13.46 25.17
CA GLN C 78 -62.59 -12.89 24.19
C GLN C 78 -62.68 -13.86 23.02
N PRO C 79 -63.49 -14.91 23.14
CA PRO C 79 -63.52 -15.92 22.07
C PRO C 79 -64.21 -15.44 20.81
N GLN C 80 -65.25 -14.60 20.93
CA GLN C 80 -66.01 -14.19 19.75
C GLN C 80 -65.17 -13.35 18.81
N GLN C 81 -64.34 -12.45 19.34
CA GLN C 81 -63.51 -11.61 18.49
C GLN C 81 -62.31 -12.38 17.93
N LEU C 82 -61.73 -13.27 18.73
CA LEU C 82 -60.46 -13.89 18.36
C LEU C 82 -60.63 -14.96 17.27
N LEU C 83 -61.74 -15.70 17.31
CA LEU C 83 -61.91 -16.81 16.37
C LEU C 83 -62.05 -16.32 14.93
N GLN C 84 -62.76 -15.21 14.73
CA GLN C 84 -62.92 -14.68 13.37
C GLN C 84 -61.60 -14.14 12.83
N VAL C 85 -60.74 -13.62 13.70
CA VAL C 85 -59.45 -13.10 13.26
C VAL C 85 -58.56 -14.25 12.75
N LEU C 86 -58.58 -15.39 13.45
CA LEU C 86 -57.75 -16.52 13.08
C LEU C 86 -58.14 -17.11 11.72
N GLN C 87 -59.37 -16.88 11.26
CA GLN C 87 -59.80 -17.44 9.99
C GLN C 87 -59.11 -16.80 8.80
N GLN C 88 -58.75 -15.52 8.91
CA GLN C 88 -58.13 -14.82 7.80
C GLN C 88 -56.63 -15.09 7.69
N THR C 89 -55.98 -15.47 8.79
CA THR C 89 -54.53 -15.67 8.76
C THR C 89 -54.16 -16.92 7.97
N LEU C 90 -54.85 -18.03 8.24
CA LEU C 90 -54.56 -19.33 7.68
C LEU C 90 -55.85 -19.93 7.13
N PRO C 91 -55.75 -20.88 6.20
CA PRO C 91 -56.95 -21.40 5.52
C PRO C 91 -57.99 -21.96 6.48
N PRO C 92 -59.27 -21.70 6.24
CA PRO C 92 -60.33 -22.14 7.15
C PRO C 92 -60.42 -23.65 7.33
N PRO C 93 -60.12 -24.48 6.29
CA PRO C 93 -60.00 -25.92 6.60
C PRO C 93 -58.94 -26.24 7.63
N VAL C 94 -57.81 -25.53 7.61
CA VAL C 94 -56.83 -25.66 8.69
C VAL C 94 -57.37 -25.03 9.96
N PHE C 95 -58.11 -23.92 9.83
CA PHE C 95 -58.68 -23.25 11.00
C PHE C 95 -59.77 -24.10 11.66
N GLN C 96 -60.51 -24.88 10.88
CA GLN C 96 -61.54 -25.73 11.46
C GLN C 96 -60.95 -26.78 12.39
N MET C 97 -59.78 -27.33 12.02
CA MET C 97 -59.05 -28.20 12.93
C MET C 97 -58.61 -27.45 14.17
N LEU C 98 -58.12 -26.22 14.00
CA LEU C 98 -57.77 -25.40 15.14
C LEU C 98 -59.00 -24.94 15.91
N LEU C 99 -60.14 -24.85 15.23
CA LEU C 99 -61.38 -24.44 15.91
C LEU C 99 -61.85 -25.52 16.88
N THR C 100 -61.56 -26.79 16.60
CA THR C 100 -62.00 -27.87 17.49
C THR C 100 -61.19 -27.91 18.77
N LYS C 101 -59.93 -27.47 18.73
CA LYS C 101 -59.05 -27.60 19.88
C LYS C 101 -59.40 -26.66 21.03
N LEU C 102 -60.11 -25.55 20.74
CA LEU C 102 -60.39 -24.59 21.80
C LEU C 102 -61.47 -25.08 22.77
N PRO C 103 -62.69 -25.46 22.35
CA PRO C 103 -63.68 -25.91 23.33
C PRO C 103 -63.41 -27.30 23.88
N THR C 104 -62.56 -28.09 23.23
CA THR C 104 -62.25 -29.43 23.70
C THR C 104 -61.01 -29.40 24.59
N UNK D 1 -8.41 3.41 -7.88
CA UNK D 1 -7.49 3.31 -9.02
C UNK D 1 -8.27 3.33 -10.33
N UNK D 2 -7.52 3.36 -11.44
CA UNK D 2 -8.10 3.29 -12.79
C UNK D 2 -9.09 4.41 -13.04
N UNK D 3 -8.60 5.65 -13.13
CA UNK D 3 -9.38 6.89 -13.14
C UNK D 3 -10.64 6.85 -14.00
N UNK D 4 -10.65 6.02 -15.03
CA UNK D 4 -11.89 5.75 -15.77
C UNK D 4 -12.99 5.24 -14.85
N UNK D 5 -12.64 4.42 -13.85
CA UNK D 5 -13.62 3.90 -12.92
C UNK D 5 -14.26 5.02 -12.10
N UNK D 6 -13.47 6.03 -11.74
CA UNK D 6 -14.02 7.19 -11.06
C UNK D 6 -14.94 7.99 -11.99
N UNK D 7 -14.66 7.97 -13.29
CA UNK D 7 -15.53 8.65 -14.23
C UNK D 7 -16.86 7.91 -14.40
N UNK D 8 -16.87 6.61 -14.08
CA UNK D 8 -18.10 5.84 -14.19
C UNK D 8 -19.11 6.27 -13.14
N UNK D 9 -18.65 6.78 -11.99
CA UNK D 9 -19.55 7.27 -10.96
C UNK D 9 -20.35 8.47 -11.46
N UNK D 10 -19.68 9.38 -12.16
CA UNK D 10 -20.38 10.51 -12.75
C UNK D 10 -21.20 10.10 -13.97
N UNK D 11 -20.84 8.98 -14.60
CA UNK D 11 -21.55 8.51 -15.79
C UNK D 11 -22.95 8.02 -15.43
N MET E 1 -48.01 6.63 20.79
CA MET E 1 -47.08 5.51 20.84
C MET E 1 -46.61 5.14 19.43
N GLU E 2 -45.74 5.97 18.86
CA GLU E 2 -45.21 5.71 17.53
C GLU E 2 -44.20 4.56 17.53
N GLY E 3 -43.61 4.24 18.68
CA GLY E 3 -42.72 3.10 18.75
C GLY E 3 -43.43 1.78 18.53
N LEU E 4 -44.72 1.71 18.91
CA LEU E 4 -45.50 0.51 18.64
C LEU E 4 -45.72 0.32 17.15
N ALA E 5 -45.89 1.42 16.41
CA ALA E 5 -46.09 1.34 14.97
C ALA E 5 -44.85 0.80 14.26
N GLY E 6 -43.66 1.17 14.74
CA GLY E 6 -42.44 0.64 14.16
C GLY E 6 -42.29 -0.86 14.38
N TYR E 7 -42.62 -1.33 15.59
CA TYR E 7 -42.56 -2.75 15.86
C TYR E 7 -43.65 -3.51 15.10
N VAL E 8 -44.78 -2.86 14.81
CA VAL E 8 -45.80 -3.46 13.96
C VAL E 8 -45.24 -3.68 12.55
N TYR E 9 -44.54 -2.68 12.02
CA TYR E 9 -43.90 -2.81 10.72
C TYR E 9 -42.82 -3.89 10.74
N LYS E 10 -42.04 -3.96 11.82
CA LYS E 10 -41.00 -4.98 11.92
C LYS E 10 -41.61 -6.38 11.93
N ALA E 11 -42.72 -6.56 12.64
CA ALA E 11 -43.45 -7.82 12.56
C ALA E 11 -44.18 -7.96 11.23
N ALA E 12 -44.51 -6.85 10.56
CA ALA E 12 -45.08 -6.91 9.23
C ALA E 12 -44.03 -7.24 8.17
N SER E 13 -42.79 -6.79 8.37
CA SER E 13 -41.74 -7.06 7.41
C SER E 13 -41.37 -8.53 7.37
N GLU E 14 -41.61 -9.27 8.45
CA GLU E 14 -41.42 -10.71 8.46
C GLU E 14 -42.71 -11.47 8.20
N GLY E 15 -43.83 -10.76 7.99
CA GLY E 15 -45.08 -11.39 7.64
C GLY E 15 -45.84 -12.04 8.77
N LYS E 16 -45.42 -11.82 10.02
CA LYS E 16 -46.12 -12.40 11.17
C LYS E 16 -47.35 -11.55 11.47
N VAL E 17 -48.53 -12.08 11.14
CA VAL E 17 -49.76 -11.32 11.26
C VAL E 17 -50.56 -11.64 12.50
N LEU E 18 -50.36 -12.83 13.10
CA LEU E 18 -51.04 -13.14 14.35
C LEU E 18 -50.43 -12.37 15.50
N THR E 19 -49.14 -12.00 15.40
CA THR E 19 -48.55 -11.11 16.38
C THR E 19 -49.21 -9.73 16.34
N LEU E 20 -49.48 -9.23 15.13
CA LEU E 20 -50.17 -7.95 15.00
C LEU E 20 -51.62 -8.06 15.44
N ALA E 21 -52.22 -9.25 15.30
CA ALA E 21 -53.58 -9.47 15.77
C ALA E 21 -53.63 -9.42 17.29
N ALA E 22 -52.63 -9.99 17.96
CA ALA E 22 -52.62 -10.00 19.43
C ALA E 22 -52.42 -8.61 20.00
N LEU E 23 -51.59 -7.79 19.35
CA LEU E 23 -51.40 -6.41 19.81
C LEU E 23 -52.68 -5.60 19.67
N LEU E 24 -53.44 -5.83 18.60
CA LEU E 24 -54.71 -5.14 18.39
C LEU E 24 -55.86 -5.75 19.19
N LEU E 25 -55.64 -6.87 19.86
CA LEU E 25 -56.72 -7.54 20.57
C LEU E 25 -57.21 -6.72 21.76
N ASN E 26 -56.28 -6.13 22.52
CA ASN E 26 -56.62 -5.34 23.71
C ASN E 26 -56.17 -3.91 23.49
N ARG E 27 -57.01 -3.13 22.81
CA ARG E 27 -56.77 -1.73 22.50
C ARG E 27 -58.02 -1.16 21.87
N SER E 28 -58.27 0.13 22.11
CA SER E 28 -59.39 0.81 21.48
C SER E 28 -59.19 0.89 19.97
N GLU E 29 -60.28 0.72 19.23
CA GLU E 29 -60.21 0.69 17.77
C GLU E 29 -59.77 2.03 17.19
N SER E 30 -60.30 3.13 17.75
CA SER E 30 -59.89 4.45 17.28
C SER E 30 -58.47 4.77 17.73
N ASP E 31 -58.10 4.35 18.94
CA ASP E 31 -56.76 4.63 19.44
C ASP E 31 -55.68 3.89 18.65
N ILE E 32 -55.92 2.61 18.33
CA ILE E 32 -54.91 1.85 17.61
C ILE E 32 -54.79 2.32 16.17
N ARG E 33 -55.88 2.80 15.57
CA ARG E 33 -55.82 3.33 14.22
C ARG E 33 -54.98 4.61 14.17
N TYR E 34 -55.08 5.43 15.22
CA TYR E 34 -54.18 6.57 15.35
C TYR E 34 -52.74 6.09 15.56
N LEU E 35 -52.57 5.00 16.31
CA LEU E 35 -51.23 4.48 16.55
C LEU E 35 -50.61 3.95 15.25
N LEU E 36 -51.38 3.24 14.44
CA LEU E 36 -50.90 2.77 13.14
C LEU E 36 -51.09 3.80 12.04
N GLY E 37 -51.32 5.06 12.40
CA GLY E 37 -51.39 6.11 11.38
C GLY E 37 -50.06 6.32 10.67
N TYR E 38 -48.96 6.29 11.43
CA TYR E 38 -47.63 6.47 10.87
C TYR E 38 -46.60 5.98 11.87
N VAL E 39 -45.50 5.44 11.35
CA VAL E 39 -44.36 5.05 12.17
C VAL E 39 -43.53 6.29 12.46
N SER E 40 -42.58 6.16 13.39
CA SER E 40 -41.68 7.27 13.72
C SER E 40 -40.56 7.33 12.67
N GLN E 41 -39.54 8.14 12.94
CA GLN E 41 -38.42 8.31 12.02
C GLN E 41 -37.51 7.09 12.10
N GLN E 42 -37.93 6.03 11.41
CA GLN E 42 -37.19 4.77 11.36
C GLN E 42 -36.81 4.48 9.92
N GLY E 43 -35.51 4.34 9.67
CA GLY E 43 -35.03 4.05 8.32
C GLY E 43 -35.32 5.13 7.31
N GLY E 44 -35.29 6.39 7.73
CA GLY E 44 -35.59 7.49 6.83
C GLY E 44 -37.01 7.51 6.30
N GLN E 45 -37.97 7.08 7.11
CA GLN E 45 -39.37 7.07 6.69
C GLN E 45 -40.27 7.07 7.92
N ARG E 46 -41.10 8.10 8.05
CA ARG E 46 -42.20 8.11 9.02
C ARG E 46 -43.52 7.75 8.36
N SER E 47 -43.53 6.63 7.64
CA SER E 47 -44.68 6.29 6.80
C SER E 47 -45.70 5.47 7.59
N THR E 48 -46.88 5.34 7.00
CA THR E 48 -47.92 4.52 7.58
C THR E 48 -47.49 3.05 7.57
N PRO E 49 -47.72 2.32 8.66
CA PRO E 49 -47.37 0.89 8.67
C PRO E 49 -48.02 0.09 7.56
N LEU E 50 -49.26 0.40 7.19
CA LEU E 50 -49.91 -0.34 6.12
C LEU E 50 -49.27 -0.06 4.77
N ILE E 51 -48.82 1.18 4.55
CA ILE E 51 -48.15 1.51 3.29
C ILE E 51 -46.83 0.76 3.17
N ILE E 52 -46.01 0.80 4.23
CA ILE E 52 -44.67 0.24 4.13
C ILE E 52 -44.72 -1.28 4.17
N ALA E 53 -45.71 -1.87 4.85
CA ALA E 53 -45.89 -3.31 4.79
C ALA E 53 -46.30 -3.76 3.39
N ALA E 54 -47.17 -3.00 2.74
CA ALA E 54 -47.52 -3.30 1.35
C ALA E 54 -46.33 -3.07 0.42
N ARG E 55 -45.48 -2.09 0.73
CA ARG E 55 -44.26 -1.88 -0.05
C ARG E 55 -43.32 -3.08 0.09
N ASN E 56 -43.23 -3.65 1.30
CA ASN E 56 -42.47 -4.88 1.47
C ASN E 56 -43.19 -6.08 0.85
N GLY E 57 -44.48 -5.94 0.53
CA GLY E 57 -45.20 -6.94 -0.23
C GLY E 57 -45.77 -8.08 0.58
N HIS E 58 -45.63 -8.05 1.90
CA HIS E 58 -46.19 -9.11 2.75
C HIS E 58 -47.70 -8.90 2.79
N ALA E 59 -48.40 -9.57 1.87
CA ALA E 59 -49.81 -9.30 1.65
C ALA E 59 -50.68 -9.75 2.81
N LYS E 60 -50.22 -10.75 3.58
CA LYS E 60 -51.04 -11.25 4.68
C LYS E 60 -51.23 -10.20 5.77
N VAL E 61 -50.25 -9.30 5.95
CA VAL E 61 -50.43 -8.18 6.85
C VAL E 61 -51.53 -7.25 6.35
N VAL E 62 -51.55 -7.01 5.03
CA VAL E 62 -52.54 -6.11 4.44
C VAL E 62 -53.94 -6.68 4.61
N ARG E 63 -54.10 -7.99 4.43
CA ARG E 63 -55.41 -8.62 4.57
C ARG E 63 -55.92 -8.50 6.00
N LEU E 64 -55.10 -8.89 6.98
CA LEU E 64 -55.55 -8.93 8.36
C LEU E 64 -55.82 -7.53 8.92
N LEU E 65 -55.03 -6.55 8.52
CA LEU E 65 -55.24 -5.18 9.00
C LEU E 65 -56.51 -4.58 8.41
N LEU E 66 -56.67 -4.71 7.08
CA LEU E 66 -57.79 -4.06 6.41
C LEU E 66 -59.11 -4.74 6.71
N GLU E 67 -59.14 -6.07 6.74
CA GLU E 67 -60.38 -6.80 6.97
C GLU E 67 -60.91 -6.55 8.38
N HIS E 68 -60.01 -6.51 9.37
CA HIS E 68 -60.43 -6.29 10.75
C HIS E 68 -60.90 -4.86 10.96
N TYR E 69 -60.01 -3.89 10.73
CA TYR E 69 -60.33 -2.48 10.90
C TYR E 69 -60.03 -1.76 9.59
N ARG E 70 -61.08 -1.30 8.92
CA ARG E 70 -60.97 -0.73 7.57
C ARG E 70 -60.48 0.71 7.69
N VAL E 71 -59.18 0.84 7.98
CA VAL E 71 -58.56 2.16 8.02
C VAL E 71 -58.43 2.70 6.60
N GLN E 72 -58.41 4.03 6.49
CA GLN E 72 -58.23 4.67 5.20
C GLN E 72 -56.82 4.41 4.68
N THR E 73 -56.74 3.93 3.43
CA THR E 73 -55.45 3.67 2.81
C THR E 73 -54.75 4.93 2.34
N GLN E 74 -55.45 6.06 2.30
CA GLN E 74 -54.87 7.34 1.89
C GLN E 74 -54.11 8.03 3.00
N GLN E 75 -53.99 7.41 4.18
CA GLN E 75 -53.20 7.98 5.26
C GLN E 75 -51.73 7.89 4.87
N THR E 76 -51.22 8.94 4.23
CA THR E 76 -49.93 8.88 3.57
C THR E 76 -48.78 8.91 4.60
N GLY E 77 -47.57 8.78 4.07
CA GLY E 77 -46.37 8.85 4.89
C GLY E 77 -45.19 9.29 4.05
N THR E 78 -44.07 9.52 4.74
CA THR E 78 -42.84 9.99 4.08
C THR E 78 -42.08 8.77 3.57
N VAL E 79 -42.50 8.29 2.41
CA VAL E 79 -41.98 7.05 1.86
C VAL E 79 -40.72 7.32 1.06
N ARG E 80 -39.70 6.49 1.26
CA ARG E 80 -38.52 6.51 0.42
C ARG E 80 -38.72 5.62 -0.80
N PHE E 81 -38.08 6.00 -1.91
CA PHE E 81 -38.24 5.25 -3.15
C PHE E 81 -37.07 5.58 -4.07
N ASP E 82 -36.48 4.55 -4.67
CA ASP E 82 -35.36 4.67 -5.61
C ASP E 82 -34.19 5.45 -5.00
N GLY E 83 -33.89 5.17 -3.74
CA GLY E 83 -32.81 5.86 -3.06
C GLY E 83 -33.26 7.15 -2.41
N TYR E 84 -34.01 7.96 -3.16
CA TYR E 84 -34.52 9.22 -2.66
C TYR E 84 -35.78 8.97 -1.82
N VAL E 85 -36.40 10.05 -1.37
CA VAL E 85 -37.59 9.99 -0.54
C VAL E 85 -38.69 10.78 -1.24
N ILE E 86 -39.84 10.15 -1.43
CA ILE E 86 -40.98 10.77 -2.10
C ILE E 86 -42.17 10.61 -1.17
N ASP E 87 -42.51 11.67 -0.43
CA ASP E 87 -43.65 11.64 0.47
C ASP E 87 -44.93 11.96 -0.32
N GLY E 88 -46.05 11.92 0.40
CA GLY E 88 -47.34 12.00 -0.28
C GLY E 88 -47.74 10.72 -0.96
N ALA E 89 -47.07 9.62 -0.68
CA ALA E 89 -47.30 8.35 -1.35
C ALA E 89 -48.38 7.54 -0.65
N THR E 90 -49.16 6.82 -1.44
CA THR E 90 -50.18 5.91 -0.94
C THR E 90 -49.68 4.48 -0.98
N ALA E 91 -50.46 3.58 -0.38
CA ALA E 91 -50.02 2.21 -0.18
C ALA E 91 -49.88 1.45 -1.49
N LEU E 92 -50.91 1.50 -2.34
CA LEU E 92 -50.87 0.75 -3.59
C LEU E 92 -49.85 1.30 -4.57
N TRP E 93 -49.47 2.57 -4.44
CA TRP E 93 -48.40 3.12 -5.27
C TRP E 93 -47.06 2.47 -4.92
N CYS E 94 -46.78 2.36 -3.63
CA CYS E 94 -45.56 1.67 -3.19
C CYS E 94 -45.63 0.19 -3.50
N ALA E 95 -46.83 -0.39 -3.41
CA ALA E 95 -47.00 -1.79 -3.83
C ALA E 95 -46.76 -1.96 -5.32
N ALA E 96 -47.23 -1.01 -6.13
CA ALA E 96 -46.97 -1.07 -7.56
C ALA E 96 -45.52 -0.76 -7.87
N GLY E 97 -44.84 0.00 -7.01
CA GLY E 97 -43.41 0.24 -7.22
C GLY E 97 -42.60 -1.03 -7.07
N ALA E 98 -42.84 -1.78 -6.00
CA ALA E 98 -42.17 -3.07 -5.85
C ALA E 98 -42.76 -4.13 -6.77
N GLY E 99 -44.09 -4.12 -6.92
CA GLY E 99 -44.78 -5.04 -7.80
C GLY E 99 -45.42 -6.18 -7.04
N HIS E 100 -46.72 -6.04 -6.76
CA HIS E 100 -47.47 -7.04 -6.00
C HIS E 100 -48.92 -6.95 -6.47
N PHE E 101 -49.31 -7.85 -7.36
CA PHE E 101 -50.65 -7.79 -7.94
C PHE E 101 -51.72 -8.06 -6.90
N GLU E 102 -51.48 -8.98 -5.98
CA GLU E 102 -52.50 -9.37 -5.00
C GLU E 102 -52.71 -8.27 -3.96
N VAL E 103 -51.68 -7.47 -3.68
CA VAL E 103 -51.83 -6.40 -2.71
C VAL E 103 -52.74 -5.31 -3.25
N VAL E 104 -52.49 -4.89 -4.48
CA VAL E 104 -53.27 -3.81 -5.08
C VAL E 104 -54.69 -4.28 -5.39
N LYS E 105 -54.83 -5.51 -5.89
CA LYS E 105 -56.15 -5.98 -6.32
C LYS E 105 -57.09 -6.14 -5.14
N LEU E 106 -56.55 -6.33 -3.94
CA LEU E 106 -57.39 -6.33 -2.75
C LEU E 106 -57.55 -4.94 -2.17
N LEU E 107 -56.50 -4.11 -2.26
CA LEU E 107 -56.58 -2.76 -1.72
C LEU E 107 -57.53 -1.89 -2.52
N VAL E 108 -57.54 -2.06 -3.85
CA VAL E 108 -58.53 -1.39 -4.67
C VAL E 108 -59.93 -1.94 -4.36
N SER E 109 -60.04 -3.26 -4.18
CA SER E 109 -61.31 -3.85 -3.79
C SER E 109 -61.73 -3.35 -2.41
N HIS E 110 -60.77 -3.14 -1.52
CA HIS E 110 -61.09 -2.54 -0.22
C HIS E 110 -61.56 -1.11 -0.38
N GLY E 111 -60.94 -0.36 -1.30
CA GLY E 111 -61.33 1.02 -1.54
C GLY E 111 -60.20 2.00 -1.36
N ALA E 112 -59.87 2.74 -2.42
CA ALA E 112 -58.77 3.70 -2.40
C ALA E 112 -58.98 4.68 -3.56
N ASN E 113 -57.95 5.47 -3.83
CA ASN E 113 -57.93 6.37 -4.98
C ASN E 113 -56.90 5.85 -5.97
N VAL E 114 -57.33 5.65 -7.22
CA VAL E 114 -56.43 5.11 -8.25
C VAL E 114 -55.49 6.15 -8.81
N ASN E 115 -55.66 7.42 -8.44
CA ASN E 115 -54.83 8.51 -8.96
C ASN E 115 -54.38 9.42 -7.83
N HIS E 116 -53.90 8.83 -6.74
CA HIS E 116 -53.40 9.62 -5.62
C HIS E 116 -52.00 10.15 -5.97
N THR E 117 -51.90 11.46 -6.13
CA THR E 117 -50.63 12.07 -6.50
C THR E 117 -49.69 12.16 -5.31
N THR E 118 -48.41 11.93 -5.57
CA THR E 118 -47.37 12.08 -4.57
C THR E 118 -46.87 13.52 -4.57
N VAL E 119 -45.74 13.76 -3.88
CA VAL E 119 -45.10 15.07 -3.99
C VAL E 119 -44.56 15.27 -5.41
N THR E 120 -44.16 14.19 -6.07
CA THR E 120 -43.83 14.21 -7.49
C THR E 120 -45.05 13.94 -8.35
N ASN E 121 -46.23 13.80 -7.73
CA ASN E 121 -47.49 13.49 -8.42
C ASN E 121 -47.37 12.19 -9.22
N SER E 122 -46.99 11.13 -8.52
CA SER E 122 -46.81 9.81 -9.13
C SER E 122 -48.01 8.94 -8.77
N THR E 123 -48.89 8.74 -9.74
CA THR E 123 -50.04 7.88 -9.56
C THR E 123 -49.61 6.41 -9.50
N PRO E 124 -50.46 5.53 -8.93
CA PRO E 124 -50.09 4.11 -8.89
C PRO E 124 -49.86 3.48 -10.26
N LEU E 125 -50.49 4.01 -11.32
CA LEU E 125 -50.19 3.52 -12.65
C LEU E 125 -48.77 3.86 -13.07
N ARG E 126 -48.25 5.00 -12.60
CA ARG E 126 -46.86 5.36 -12.90
C ARG E 126 -45.88 4.38 -12.28
N ALA E 127 -46.14 3.97 -11.04
CA ALA E 127 -45.27 2.98 -10.40
C ALA E 127 -45.41 1.61 -11.05
N ALA E 128 -46.63 1.27 -11.49
CA ALA E 128 -46.83 0.00 -12.19
C ALA E 128 -46.07 -0.03 -13.51
N CYS E 129 -46.07 1.08 -14.25
CA CYS E 129 -45.27 1.16 -15.46
C CYS E 129 -43.78 1.16 -15.15
N PHE E 130 -43.40 1.70 -14.00
CA PHE E 130 -41.99 1.72 -13.62
C PHE E 130 -41.47 0.30 -13.37
N ASP E 131 -42.25 -0.53 -12.68
CA ASP E 131 -41.83 -1.90 -12.45
C ASP E 131 -41.97 -2.74 -13.71
N GLY E 132 -43.06 -2.57 -14.44
CA GLY E 132 -43.29 -3.29 -15.68
C GLY E 132 -44.19 -4.51 -15.58
N ARG E 133 -44.84 -4.74 -14.45
CA ARG E 133 -45.74 -5.87 -14.31
C ARG E 133 -47.04 -5.60 -15.06
N LEU E 134 -47.28 -6.36 -16.13
CA LEU E 134 -48.43 -6.12 -16.99
C LEU E 134 -49.75 -6.40 -16.26
N ASP E 135 -49.76 -7.38 -15.36
CA ASP E 135 -50.99 -7.70 -14.62
C ASP E 135 -51.43 -6.54 -13.75
N ILE E 136 -50.48 -5.85 -13.12
CA ILE E 136 -50.82 -4.67 -12.31
C ILE E 136 -51.39 -3.57 -13.19
N VAL E 137 -50.75 -3.31 -14.33
CA VAL E 137 -51.24 -2.29 -15.25
C VAL E 137 -52.61 -2.68 -15.80
N LYS E 138 -52.83 -3.98 -15.99
CA LYS E 138 -54.15 -4.47 -16.37
C LYS E 138 -55.20 -4.15 -15.30
N TYR E 139 -54.81 -4.21 -14.03
CA TYR E 139 -55.78 -3.97 -12.96
C TYR E 139 -56.05 -2.48 -12.78
N LEU E 140 -55.04 -1.63 -12.94
CA LEU E 140 -55.26 -0.19 -12.85
C LEU E 140 -56.16 0.32 -13.98
N VAL E 141 -55.96 -0.18 -15.19
CA VAL E 141 -56.84 0.19 -16.29
C VAL E 141 -58.19 -0.50 -16.18
N GLU E 142 -58.28 -1.59 -15.40
CA GLU E 142 -59.58 -2.20 -15.12
C GLU E 142 -60.45 -1.25 -14.30
N ASN E 143 -59.87 -0.58 -13.32
CA ASN E 143 -60.57 0.41 -12.52
C ASN E 143 -60.41 1.81 -13.07
N ASN E 144 -59.75 1.97 -14.22
CA ASN E 144 -59.55 3.21 -14.96
C ASN E 144 -58.62 4.18 -14.22
N ALA E 145 -57.83 4.93 -14.98
CA ALA E 145 -56.89 5.90 -14.44
C ALA E 145 -56.61 6.93 -15.52
N ASN E 146 -55.58 7.75 -15.30
CA ASN E 146 -55.19 8.79 -16.23
C ASN E 146 -53.81 8.49 -16.79
N ILE E 147 -53.64 8.74 -18.09
CA ILE E 147 -52.37 8.50 -18.76
C ILE E 147 -51.54 9.77 -18.90
N SER E 148 -52.14 10.95 -18.75
CA SER E 148 -51.44 12.22 -18.87
C SER E 148 -51.00 12.76 -17.51
N ILE E 149 -50.64 11.89 -16.58
CA ILE E 149 -50.29 12.31 -15.23
C ILE E 149 -48.95 13.03 -15.26
N ALA E 150 -48.94 14.27 -14.77
CA ALA E 150 -47.74 15.08 -14.79
C ALA E 150 -46.85 14.74 -13.60
N ASN E 151 -45.55 14.61 -13.88
CA ASN E 151 -44.55 14.41 -12.85
C ASN E 151 -43.99 15.76 -12.43
N LYS E 152 -42.88 15.74 -11.68
CA LYS E 152 -42.16 16.97 -11.39
C LYS E 152 -41.65 17.63 -12.67
N TYR E 153 -41.37 16.82 -13.70
CA TYR E 153 -40.93 17.32 -15.00
C TYR E 153 -41.95 16.98 -16.08
N ASP E 154 -43.19 16.68 -15.70
CA ASP E 154 -44.26 16.31 -16.62
C ASP E 154 -43.86 15.11 -17.48
N ASN E 155 -43.66 13.98 -16.81
CA ASN E 155 -43.23 12.75 -17.46
C ASN E 155 -44.44 11.88 -17.80
N THR E 156 -44.36 11.19 -18.92
CA THR E 156 -45.38 10.26 -19.37
C THR E 156 -44.97 8.85 -18.97
N CYS E 157 -45.98 8.00 -18.72
CA CYS E 157 -45.70 6.62 -18.37
C CYS E 157 -45.04 5.87 -19.51
N LEU E 158 -45.21 6.35 -20.75
CA LEU E 158 -44.48 5.77 -21.87
C LEU E 158 -42.98 6.03 -21.73
N MET E 159 -42.60 7.18 -21.19
CA MET E 159 -41.19 7.51 -21.00
C MET E 159 -40.52 6.52 -20.06
N ILE E 160 -41.19 6.18 -18.96
CA ILE E 160 -40.63 5.23 -18.02
C ILE E 160 -40.59 3.85 -18.64
N ALA E 161 -41.63 3.49 -19.39
CA ALA E 161 -41.62 2.24 -20.14
C ALA E 161 -40.55 2.26 -21.23
N ALA E 162 -40.15 3.44 -21.67
CA ALA E 162 -39.03 3.54 -22.61
C ALA E 162 -37.69 3.44 -21.91
N TYR E 163 -37.62 3.76 -20.61
CA TYR E 163 -36.39 3.53 -19.87
C TYR E 163 -36.07 2.05 -19.78
N LYS E 164 -37.06 1.25 -19.39
CA LYS E 164 -36.90 -0.20 -19.34
C LYS E 164 -37.36 -0.79 -20.67
N GLY E 165 -37.49 -2.11 -20.75
CA GLY E 165 -37.86 -2.74 -21.99
C GLY E 165 -39.19 -3.48 -21.95
N HIS E 166 -40.15 -2.96 -21.19
CA HIS E 166 -41.46 -3.60 -21.05
C HIS E 166 -42.29 -3.26 -22.29
N THR E 167 -42.05 -4.02 -23.36
CA THR E 167 -42.76 -3.80 -24.61
C THR E 167 -44.25 -4.06 -24.47
N ASP E 168 -44.62 -5.05 -23.65
CA ASP E 168 -46.03 -5.32 -23.39
C ASP E 168 -46.69 -4.12 -22.71
N VAL E 169 -45.99 -3.48 -21.78
CA VAL E 169 -46.49 -2.25 -21.18
C VAL E 169 -46.64 -1.16 -22.23
N VAL E 170 -45.66 -1.04 -23.12
CA VAL E 170 -45.69 -0.02 -24.15
C VAL E 170 -46.88 -0.26 -25.09
N ARG E 171 -47.06 -1.50 -25.54
CA ARG E 171 -48.12 -1.78 -26.49
C ARG E 171 -49.50 -1.70 -25.84
N TYR E 172 -49.63 -2.09 -24.57
CA TYR E 172 -50.91 -1.98 -23.91
C TYR E 172 -51.25 -0.53 -23.58
N LEU E 173 -50.24 0.29 -23.32
CA LEU E 173 -50.48 1.70 -23.04
C LEU E 173 -50.97 2.43 -24.28
N LEU E 174 -50.31 2.21 -25.42
CA LEU E 174 -50.74 2.83 -26.66
C LEU E 174 -52.04 2.23 -27.18
N GLU E 175 -52.35 0.98 -26.81
CA GLU E 175 -53.64 0.42 -27.15
C GLU E 175 -54.79 1.15 -26.46
N GLN E 176 -54.52 1.83 -25.35
CA GLN E 176 -55.52 2.61 -24.63
C GLN E 176 -55.53 4.08 -25.05
N ARG E 177 -55.15 4.36 -26.29
CA ARG E 177 -55.18 5.71 -26.88
C ARG E 177 -54.30 6.68 -26.09
N ALA E 178 -53.01 6.37 -26.03
CA ALA E 178 -52.02 7.21 -25.39
C ALA E 178 -51.10 7.80 -26.45
N ASP E 179 -50.98 9.13 -26.43
CA ASP E 179 -50.15 9.81 -27.41
C ASP E 179 -48.68 9.65 -27.07
N PRO E 180 -47.86 9.05 -27.95
CA PRO E 180 -46.43 8.93 -27.65
C PRO E 180 -45.66 10.22 -27.81
N ASN E 181 -46.26 11.25 -28.39
CA ASN E 181 -45.60 12.54 -28.58
C ASN E 181 -45.85 13.50 -27.43
N ALA E 182 -46.22 12.99 -26.26
CA ALA E 182 -46.47 13.84 -25.10
C ALA E 182 -45.15 14.39 -24.59
N LYS E 183 -44.84 15.64 -24.95
CA LYS E 183 -43.55 16.21 -24.65
C LYS E 183 -43.38 16.45 -23.16
N ALA E 184 -42.19 16.16 -22.65
CA ALA E 184 -41.85 16.43 -21.26
C ALA E 184 -41.30 17.84 -21.13
N HIS E 185 -40.70 18.15 -19.98
CA HIS E 185 -40.21 19.50 -19.73
C HIS E 185 -38.99 19.82 -20.57
N CYS E 186 -38.17 18.82 -20.91
CA CYS E 186 -36.91 19.03 -21.61
C CYS E 186 -36.99 18.59 -23.06
N GLY E 187 -38.17 18.67 -23.67
CA GLY E 187 -38.33 18.21 -25.03
C GLY E 187 -38.30 16.70 -25.18
N ALA E 188 -38.37 15.96 -24.08
CA ALA E 188 -38.29 14.52 -24.14
C ALA E 188 -39.56 13.93 -24.75
N THR E 189 -39.39 12.85 -25.50
CA THR E 189 -40.48 12.15 -26.16
C THR E 189 -40.18 10.66 -26.08
N ALA E 190 -41.23 9.84 -26.18
CA ALA E 190 -41.06 8.40 -26.06
C ALA E 190 -40.14 7.85 -27.14
N LEU E 191 -40.08 8.50 -28.30
CA LEU E 191 -39.08 8.13 -29.29
C LEU E 191 -37.68 8.45 -28.81
N HIS E 192 -37.52 9.59 -28.12
CA HIS E 192 -36.21 9.98 -27.62
C HIS E 192 -35.71 8.99 -26.57
N PHE E 193 -36.56 8.64 -25.60
CA PHE E 193 -36.12 7.77 -24.53
C PHE E 193 -35.98 6.32 -24.97
N ALA E 194 -36.78 5.88 -25.95
CA ALA E 194 -36.55 4.58 -26.54
C ALA E 194 -35.22 4.53 -27.26
N ALA E 195 -34.86 5.63 -27.94
CA ALA E 195 -33.55 5.74 -28.56
C ALA E 195 -32.45 5.79 -27.50
N GLU E 196 -32.75 6.33 -26.32
CA GLU E 196 -31.77 6.36 -25.25
C GLU E 196 -31.42 4.96 -24.78
N ALA E 197 -32.44 4.10 -24.61
CA ALA E 197 -32.20 2.74 -24.14
C ALA E 197 -31.74 1.84 -25.29
N GLY E 198 -32.59 1.65 -26.29
CA GLY E 198 -32.21 0.88 -27.44
C GLY E 198 -33.09 -0.32 -27.77
N HIS E 199 -34.35 -0.27 -27.34
CA HIS E 199 -35.30 -1.35 -27.63
C HIS E 199 -35.89 -1.11 -29.01
N ILE E 200 -35.36 -1.81 -30.01
CA ILE E 200 -35.83 -1.63 -31.38
C ILE E 200 -37.27 -2.11 -31.54
N ASP E 201 -37.67 -3.12 -30.76
CA ASP E 201 -39.05 -3.56 -30.77
C ASP E 201 -39.99 -2.49 -30.24
N ILE E 202 -39.52 -1.68 -29.29
CA ILE E 202 -40.33 -0.58 -28.77
C ILE E 202 -40.49 0.50 -29.83
N VAL E 203 -39.39 0.85 -30.51
CA VAL E 203 -39.44 1.94 -31.48
C VAL E 203 -40.36 1.59 -32.64
N LYS E 204 -40.28 0.36 -33.15
CA LYS E 204 -41.20 -0.05 -34.20
C LYS E 204 -42.62 -0.17 -33.66
N GLU E 205 -42.79 -0.41 -32.36
CA GLU E 205 -44.10 -0.40 -31.75
C GLU E 205 -44.66 1.03 -31.71
N LEU E 206 -43.79 2.01 -31.45
CA LEU E 206 -44.24 3.41 -31.46
C LEU E 206 -44.69 3.84 -32.85
N ILE E 207 -43.91 3.53 -33.88
CA ILE E 207 -44.30 3.93 -35.22
C ILE E 207 -45.46 3.10 -35.74
N LYS E 208 -45.69 1.91 -35.17
CA LYS E 208 -46.89 1.17 -35.52
C LYS E 208 -48.14 1.92 -35.07
N TRP E 209 -48.04 2.62 -33.95
CA TRP E 209 -49.09 3.51 -33.48
C TRP E 209 -48.90 4.94 -33.94
N ARG E 210 -48.12 5.14 -35.01
CA ARG E 210 -47.91 6.43 -35.67
C ARG E 210 -47.30 7.46 -34.71
N ALA E 211 -46.08 7.17 -34.27
CA ALA E 211 -45.28 8.13 -33.52
C ALA E 211 -44.42 8.95 -34.47
N ALA E 212 -44.31 10.24 -34.18
CA ALA E 212 -43.58 11.18 -35.03
C ALA E 212 -42.37 11.71 -34.29
N ILE E 213 -41.23 11.75 -34.97
CA ILE E 213 -40.00 12.27 -34.37
C ILE E 213 -40.13 13.78 -34.20
N VAL E 214 -39.44 14.30 -33.19
CA VAL E 214 -39.51 15.72 -32.86
C VAL E 214 -38.24 16.09 -32.13
N VAL E 215 -37.89 17.37 -32.15
CA VAL E 215 -36.69 17.88 -31.48
C VAL E 215 -36.91 17.84 -29.97
N ASN E 216 -35.83 18.05 -29.22
CA ASN E 216 -35.86 18.02 -27.77
C ASN E 216 -35.50 19.40 -27.23
N GLY E 217 -35.30 19.48 -25.91
CA GLY E 217 -34.83 20.72 -25.32
C GLY E 217 -33.48 21.16 -25.85
N HIS E 218 -32.64 20.21 -26.23
CA HIS E 218 -31.38 20.50 -26.91
C HIS E 218 -31.55 20.66 -28.41
N GLY E 219 -32.75 20.40 -28.94
CA GLY E 219 -33.03 20.60 -30.34
C GLY E 219 -32.66 19.46 -31.25
N MET E 220 -32.26 18.31 -30.71
CA MET E 220 -31.84 17.19 -31.52
C MET E 220 -32.98 16.19 -31.72
N THR E 221 -32.88 15.42 -32.79
CA THR E 221 -33.86 14.41 -33.14
C THR E 221 -33.65 13.14 -32.32
N PRO E 222 -34.68 12.29 -32.21
CA PRO E 222 -34.47 10.97 -31.58
C PRO E 222 -33.42 10.14 -32.29
N LEU E 223 -33.28 10.32 -33.61
CA LEU E 223 -32.19 9.68 -34.33
C LEU E 223 -30.83 10.15 -33.81
N LYS E 224 -30.70 11.46 -33.55
CA LYS E 224 -29.47 11.97 -32.99
C LYS E 224 -29.23 11.46 -31.57
N VAL E 225 -30.29 11.34 -30.78
CA VAL E 225 -30.16 10.80 -29.43
C VAL E 225 -29.68 9.36 -29.48
N ALA E 226 -30.18 8.58 -30.43
CA ALA E 226 -29.65 7.24 -30.64
C ALA E 226 -28.19 7.29 -31.06
N ALA E 227 -27.82 8.27 -31.88
CA ALA E 227 -26.42 8.48 -32.21
C ALA E 227 -25.65 9.16 -31.10
N GLU E 228 -26.35 9.84 -30.18
CA GLU E 228 -25.68 10.46 -29.03
C GLU E 228 -25.05 9.41 -28.13
N SER E 229 -25.77 8.30 -27.91
CA SER E 229 -25.23 7.13 -27.26
C SER E 229 -24.78 6.14 -28.33
N CYS E 230 -24.44 4.92 -27.91
CA CYS E 230 -24.00 3.88 -28.84
C CYS E 230 -25.02 2.74 -28.82
N LYS E 231 -26.09 2.90 -29.61
CA LYS E 231 -27.08 1.85 -29.85
C LYS E 231 -27.32 1.85 -31.36
N ALA E 232 -26.54 1.06 -32.08
CA ALA E 232 -26.53 1.13 -33.54
C ALA E 232 -27.86 0.67 -34.13
N ASP E 233 -28.44 -0.40 -33.58
CA ASP E 233 -29.58 -1.07 -34.22
C ASP E 233 -30.79 -0.15 -34.33
N VAL E 234 -30.94 0.80 -33.42
CA VAL E 234 -32.06 1.73 -33.49
C VAL E 234 -31.90 2.67 -34.67
N VAL E 235 -30.66 2.98 -35.05
CA VAL E 235 -30.42 3.95 -36.10
C VAL E 235 -30.95 3.44 -37.44
N GLU E 236 -30.58 2.21 -37.82
CA GLU E 236 -31.03 1.68 -39.11
C GLU E 236 -32.53 1.48 -39.14
N LEU E 237 -33.13 1.15 -37.99
CA LEU E 237 -34.57 1.02 -37.93
C LEU E 237 -35.26 2.35 -38.19
N LEU E 238 -34.72 3.44 -37.63
CA LEU E 238 -35.31 4.74 -37.91
C LEU E 238 -34.91 5.24 -39.30
N LEU E 239 -33.75 4.80 -39.81
CA LEU E 239 -33.44 5.08 -41.21
C LEU E 239 -34.37 4.31 -42.14
N SER E 240 -34.88 3.16 -41.69
CA SER E 240 -35.86 2.41 -42.46
C SER E 240 -37.21 3.12 -42.53
N HIS E 241 -37.42 4.17 -41.75
CA HIS E 241 -38.64 4.97 -41.87
C HIS E 241 -38.68 5.69 -43.21
N ALA E 242 -37.51 6.07 -43.73
CA ALA E 242 -37.30 6.76 -45.00
C ALA E 242 -37.99 8.11 -45.09
N ASP E 243 -38.49 8.64 -43.97
CA ASP E 243 -39.10 9.97 -43.98
C ASP E 243 -38.04 11.06 -44.05
N CYS E 244 -36.92 10.86 -43.35
CA CYS E 244 -35.86 11.86 -43.30
C CYS E 244 -35.02 11.81 -44.58
N ASP E 245 -34.38 12.94 -44.88
CA ASP E 245 -33.60 13.07 -46.10
C ASP E 245 -32.24 12.39 -45.95
N ARG E 246 -31.44 12.45 -47.02
CA ARG E 246 -30.11 11.84 -46.99
C ARG E 246 -29.11 12.67 -46.21
N ARG E 247 -29.35 13.97 -46.06
CA ARG E 247 -28.43 14.80 -45.28
C ARG E 247 -28.50 14.44 -43.80
N SER E 248 -29.69 14.09 -43.31
CA SER E 248 -29.82 13.68 -41.92
C SER E 248 -29.17 12.33 -41.67
N ARG E 249 -29.28 11.40 -42.62
CA ARG E 249 -28.71 10.08 -42.42
C ARG E 249 -27.20 10.10 -42.45
N ILE E 250 -26.60 11.13 -43.06
CA ILE E 250 -25.15 11.25 -43.06
C ILE E 250 -24.64 11.60 -41.68
N GLU E 251 -25.15 12.69 -41.10
CA GLU E 251 -24.68 13.14 -39.80
C GLU E 251 -25.08 12.17 -38.70
N ALA E 252 -26.22 11.50 -38.84
CA ALA E 252 -26.65 10.56 -37.82
C ALA E 252 -25.73 9.37 -37.74
N LEU E 253 -25.44 8.75 -38.89
CA LEU E 253 -24.62 7.56 -38.89
C LEU E 253 -23.15 7.90 -38.62
N GLU E 254 -22.72 9.10 -39.02
CA GLU E 254 -21.39 9.57 -38.65
C GLU E 254 -21.26 9.73 -37.15
N LEU E 255 -22.29 10.31 -36.51
CA LEU E 255 -22.29 10.42 -35.06
C LEU E 255 -22.35 9.07 -34.39
N LEU E 256 -23.02 8.10 -35.03
CA LEU E 256 -22.99 6.73 -34.53
C LEU E 256 -21.58 6.17 -34.57
N GLY E 257 -20.87 6.41 -35.68
CA GLY E 257 -19.47 6.04 -35.73
C GLY E 257 -18.62 6.85 -34.78
N ALA E 258 -18.97 8.12 -34.60
CA ALA E 258 -18.27 8.96 -33.63
C ALA E 258 -18.47 8.48 -32.21
N SER E 259 -19.71 8.11 -31.86
CA SER E 259 -20.01 7.70 -30.49
C SER E 259 -19.33 6.39 -30.14
N PHE E 260 -19.30 5.45 -31.08
CA PHE E 260 -18.64 4.16 -30.83
C PHE E 260 -17.14 4.30 -30.69
N ALA E 261 -16.57 5.41 -31.17
CA ALA E 261 -15.11 5.59 -31.08
C ALA E 261 -14.66 5.81 -29.65
N ASN E 262 -15.44 6.54 -28.85
CA ASN E 262 -15.03 6.89 -27.50
C ASN E 262 -16.24 6.76 -26.57
N ASP E 263 -16.38 5.60 -25.95
CA ASP E 263 -17.42 5.37 -24.96
C ASP E 263 -16.97 4.23 -24.06
N ARG E 264 -17.50 4.22 -22.84
CA ARG E 264 -17.11 3.21 -21.86
C ARG E 264 -17.67 1.84 -22.22
N GLU E 265 -18.95 1.79 -22.59
CA GLU E 265 -19.58 0.51 -22.89
C GLU E 265 -19.02 -0.11 -24.16
N ASN E 266 -18.81 0.70 -25.20
CA ASN E 266 -18.37 0.21 -26.49
C ASN E 266 -17.12 0.96 -26.93
N TYR E 267 -16.10 0.20 -27.33
CA TYR E 267 -14.83 0.73 -27.80
C TYR E 267 -14.49 0.13 -29.16
N ASP E 268 -15.52 -0.23 -29.92
CA ASP E 268 -15.35 -0.99 -31.15
C ASP E 268 -14.78 -0.09 -32.23
N ILE E 269 -13.45 -0.10 -32.35
CA ILE E 269 -12.78 0.68 -33.39
C ILE E 269 -13.09 0.12 -34.76
N ILE E 270 -13.28 -1.20 -34.85
CA ILE E 270 -13.49 -1.86 -36.15
C ILE E 270 -14.77 -1.36 -36.80
N LYS E 271 -15.86 -1.33 -36.04
CA LYS E 271 -17.11 -0.81 -36.59
C LYS E 271 -17.07 0.70 -36.73
N THR E 272 -16.20 1.37 -35.96
CA THR E 272 -16.08 2.82 -36.07
C THR E 272 -15.59 3.23 -37.46
N TYR E 273 -14.58 2.52 -37.97
CA TYR E 273 -14.08 2.83 -39.31
C TYR E 273 -15.13 2.53 -40.38
N HIS E 274 -15.91 1.46 -40.18
CA HIS E 274 -16.95 1.10 -41.14
C HIS E 274 -17.98 2.21 -41.26
N TYR E 275 -18.48 2.71 -40.12
CA TYR E 275 -19.55 3.70 -40.16
C TYR E 275 -19.07 5.01 -40.75
N LEU E 276 -17.84 5.41 -40.45
CA LEU E 276 -17.27 6.60 -41.09
C LEU E 276 -17.08 6.38 -42.58
N TYR E 277 -16.65 5.17 -42.97
CA TYR E 277 -16.48 4.86 -44.39
C TYR E 277 -17.83 4.83 -45.11
N LEU E 278 -18.84 4.23 -44.49
CA LEU E 278 -20.18 4.22 -45.08
C LEU E 278 -20.74 5.64 -45.19
N ALA E 279 -20.48 6.49 -44.19
CA ALA E 279 -20.87 7.89 -44.29
C ALA E 279 -20.10 8.58 -45.41
N MET E 280 -18.79 8.28 -45.52
CA MET E 280 -18.00 8.84 -46.62
C MET E 280 -18.45 8.31 -47.96
N LEU E 281 -18.77 7.00 -48.03
CA LEU E 281 -19.17 6.40 -49.30
C LEU E 281 -20.46 7.02 -49.82
N GLU E 282 -21.43 7.24 -48.93
CA GLU E 282 -22.67 7.87 -49.35
C GLU E 282 -22.45 9.34 -49.68
N ARG E 283 -21.48 9.97 -49.03
CA ARG E 283 -21.16 11.37 -49.33
C ARG E 283 -20.60 11.52 -50.73
N PHE E 284 -19.71 10.62 -51.15
CA PHE E 284 -18.99 10.76 -52.39
C PHE E 284 -19.57 9.92 -53.53
N GLN E 285 -20.68 9.21 -53.31
CA GLN E 285 -21.33 8.49 -54.39
C GLN E 285 -22.18 9.40 -55.26
N ASP E 286 -22.36 10.66 -54.88
CA ASP E 286 -23.17 11.57 -55.67
C ASP E 286 -22.52 11.87 -57.02
N GLY E 287 -21.21 12.02 -57.06
CA GLY E 287 -20.55 12.43 -58.27
C GLY E 287 -20.81 13.89 -58.56
N ASP E 288 -21.66 14.17 -59.54
CA ASP E 288 -22.14 15.52 -59.76
C ASP E 288 -22.99 15.97 -58.58
N ASN E 289 -22.92 17.27 -58.28
CA ASN E 289 -23.62 17.89 -57.15
C ASN E 289 -23.25 17.23 -55.82
N ILE E 290 -21.97 16.88 -55.67
CA ILE E 290 -21.51 16.20 -54.48
C ILE E 290 -21.50 17.17 -53.30
N LEU E 291 -22.05 16.72 -52.17
CA LEU E 291 -22.03 17.49 -50.94
C LEU E 291 -20.81 17.10 -50.11
N GLU E 292 -20.47 17.97 -49.17
CA GLU E 292 -19.32 17.75 -48.30
C GLU E 292 -19.57 18.42 -46.96
N LYS E 293 -18.81 17.98 -45.96
CA LYS E 293 -18.90 18.57 -44.63
C LYS E 293 -18.25 19.94 -44.61
N GLU E 294 -18.69 20.77 -43.66
CA GLU E 294 -18.16 22.11 -43.53
C GLU E 294 -16.76 22.09 -42.95
N VAL E 295 -16.18 23.28 -42.78
CA VAL E 295 -14.82 23.43 -42.28
C VAL E 295 -14.86 23.84 -40.83
N LEU E 296 -13.99 23.24 -40.02
CA LEU E 296 -13.82 23.59 -38.62
C LEU E 296 -12.33 23.73 -38.33
N PRO E 297 -11.95 24.75 -37.55
CA PRO E 297 -10.54 24.92 -37.23
C PRO E 297 -10.02 23.76 -36.39
N PRO E 298 -8.77 23.36 -36.58
CA PRO E 298 -8.20 22.28 -35.76
C PRO E 298 -7.84 22.75 -34.36
N ILE E 299 -8.81 22.70 -33.44
CA ILE E 299 -8.57 23.05 -32.04
C ILE E 299 -7.38 22.26 -31.52
N HIS E 300 -6.44 22.97 -30.87
CA HIS E 300 -5.19 22.37 -30.45
C HIS E 300 -5.41 21.23 -29.45
N ALA E 301 -6.47 21.30 -28.67
CA ALA E 301 -6.82 20.20 -27.78
C ALA E 301 -7.19 18.96 -28.57
N TYR E 302 -7.94 19.12 -29.66
CA TYR E 302 -8.34 18.00 -30.50
C TYR E 302 -7.22 17.63 -31.47
N GLY E 303 -6.01 17.42 -30.97
CA GLY E 303 -4.88 17.25 -31.86
C GLY E 303 -4.69 18.49 -32.72
N ASN E 304 -4.36 18.26 -33.99
CA ASN E 304 -4.26 19.36 -34.95
C ASN E 304 -4.80 18.97 -36.30
N ARG E 305 -5.81 18.09 -36.34
CA ARG E 305 -6.29 17.50 -37.59
C ARG E 305 -7.73 17.91 -37.86
N THR E 306 -8.06 18.05 -39.14
CA THR E 306 -9.43 18.26 -39.57
C THR E 306 -10.14 16.91 -39.67
N GLU E 307 -11.41 16.93 -40.10
CA GLU E 307 -12.22 15.72 -40.03
C GLU E 307 -11.95 14.81 -41.22
N CYS E 308 -12.39 15.23 -42.40
CA CYS E 308 -12.35 14.45 -43.64
C CYS E 308 -12.62 15.38 -44.81
N ARG E 309 -11.86 15.22 -45.90
CA ARG E 309 -12.17 15.93 -47.13
C ARG E 309 -12.14 14.95 -48.30
N ASN E 310 -11.40 13.86 -48.13
CA ASN E 310 -11.24 12.85 -49.14
C ASN E 310 -11.53 11.48 -48.55
N PRO E 311 -12.07 10.56 -49.35
CA PRO E 311 -12.24 9.18 -48.86
C PRO E 311 -10.94 8.50 -48.51
N GLN E 312 -9.85 8.87 -49.19
CA GLN E 312 -8.57 8.23 -48.92
C GLN E 312 -8.00 8.62 -47.57
N GLU E 313 -8.41 9.77 -47.03
CA GLU E 313 -7.88 10.23 -45.74
C GLU E 313 -8.27 9.28 -44.62
N LEU E 314 -9.57 8.99 -44.49
CA LEU E 314 -10.03 8.04 -43.48
C LEU E 314 -9.80 6.60 -43.89
N GLU E 315 -9.59 6.34 -45.19
CA GLU E 315 -9.14 5.01 -45.60
C GLU E 315 -7.71 4.77 -45.18
N SER E 316 -6.92 5.83 -45.02
CA SER E 316 -5.52 5.68 -44.64
C SER E 316 -5.34 5.63 -43.12
N ILE E 317 -6.20 6.32 -42.37
CA ILE E 317 -6.03 6.42 -40.93
C ILE E 317 -6.89 5.38 -40.23
N ARG E 318 -7.33 4.37 -40.98
CA ARG E 318 -8.11 3.29 -40.38
C ARG E 318 -7.29 2.50 -39.36
N GLN E 319 -5.97 2.42 -39.57
CA GLN E 319 -5.12 1.72 -38.61
C GLN E 319 -4.73 2.61 -37.44
N ASP E 320 -4.71 3.92 -37.64
CA ASP E 320 -4.34 4.85 -36.58
C ASP E 320 -5.49 4.97 -35.57
N ARG E 321 -5.47 4.10 -34.56
CA ARG E 321 -6.58 4.05 -33.61
C ARG E 321 -6.69 5.34 -32.80
N ASP E 322 -5.55 5.89 -32.36
CA ASP E 322 -5.58 7.12 -31.57
C ASP E 322 -6.09 8.29 -32.40
N ALA E 323 -5.74 8.32 -33.69
CA ALA E 323 -6.27 9.35 -34.58
C ALA E 323 -7.78 9.23 -34.73
N LEU E 324 -8.29 8.01 -34.86
CA LEU E 324 -9.72 7.81 -35.02
C LEU E 324 -10.48 8.27 -33.78
N HIS E 325 -9.89 8.11 -32.60
CA HIS E 325 -10.49 8.68 -31.40
C HIS E 325 -10.58 10.20 -31.52
N MET E 326 -9.51 10.84 -31.99
CA MET E 326 -9.55 12.27 -32.25
C MET E 326 -10.54 12.60 -33.34
N GLU E 327 -10.53 11.83 -34.44
CA GLU E 327 -11.47 12.07 -35.52
C GLU E 327 -12.90 11.84 -35.06
N GLY E 328 -13.11 10.88 -34.15
CA GLY E 328 -14.43 10.68 -33.60
C GLY E 328 -14.92 11.86 -32.78
N LEU E 329 -14.03 12.46 -31.99
CA LEU E 329 -14.45 13.55 -31.12
C LEU E 329 -14.70 14.82 -31.91
N ILE E 330 -13.92 15.05 -32.97
CA ILE E 330 -14.04 16.31 -33.72
C ILE E 330 -15.37 16.37 -34.44
N VAL E 331 -15.75 15.29 -35.12
CA VAL E 331 -17.05 15.28 -35.80
C VAL E 331 -18.19 15.29 -34.78
N ARG E 332 -17.97 14.72 -33.60
CA ARG E 332 -18.99 14.76 -32.56
C ARG E 332 -19.17 16.18 -32.04
N GLU E 333 -18.06 16.88 -31.77
CA GLU E 333 -18.16 18.24 -31.27
C GLU E 333 -18.75 19.17 -32.32
N ARG E 334 -18.37 18.98 -33.60
CA ARG E 334 -18.82 19.87 -34.65
C ARG E 334 -20.32 19.78 -34.87
N ILE E 335 -20.88 18.58 -34.86
CA ILE E 335 -22.29 18.41 -35.20
C ILE E 335 -23.19 18.58 -33.99
N LEU E 336 -22.83 17.97 -32.85
CA LEU E 336 -23.66 18.07 -31.66
C LEU E 336 -23.69 19.47 -31.06
N GLY E 337 -22.76 20.32 -31.44
CA GLY E 337 -22.67 21.64 -30.88
C GLY E 337 -21.92 21.66 -29.56
N ALA E 338 -21.53 22.86 -29.15
CA ALA E 338 -20.79 23.02 -27.90
C ALA E 338 -21.70 23.08 -26.68
N ASP E 339 -23.02 23.12 -26.88
CA ASP E 339 -23.98 23.29 -25.79
C ASP E 339 -24.62 21.99 -25.34
N ASN E 340 -24.25 20.86 -25.93
CA ASN E 340 -24.89 19.60 -25.57
C ASN E 340 -24.40 19.10 -24.22
N ILE E 341 -25.24 18.29 -23.57
CA ILE E 341 -24.86 17.70 -22.29
C ILE E 341 -23.80 16.63 -22.51
N ASP E 342 -24.01 15.73 -23.46
CA ASP E 342 -23.15 14.58 -23.65
C ASP E 342 -22.05 14.84 -24.67
N VAL E 343 -21.90 16.08 -25.14
CA VAL E 343 -20.78 16.40 -26.01
C VAL E 343 -19.46 16.39 -25.24
N SER E 344 -19.52 16.50 -23.91
CA SER E 344 -18.32 16.63 -23.09
C SER E 344 -17.88 15.30 -22.49
N HIS E 345 -18.83 14.42 -22.17
CA HIS E 345 -18.51 13.21 -21.40
C HIS E 345 -17.52 12.27 -22.08
N PRO E 346 -17.63 11.94 -23.38
CA PRO E 346 -16.59 11.08 -23.98
C PRO E 346 -15.20 11.69 -23.96
N ILE E 347 -15.09 13.03 -24.02
CA ILE E 347 -13.78 13.66 -23.97
C ILE E 347 -13.11 13.38 -22.64
N ILE E 348 -13.89 13.44 -21.55
CA ILE E 348 -13.35 13.07 -20.25
C ILE E 348 -12.98 11.60 -20.23
N TYR E 349 -13.79 10.77 -20.89
CA TYR E 349 -13.47 9.34 -20.97
C TYR E 349 -12.18 9.10 -21.74
N ARG E 350 -12.02 9.79 -22.88
CA ARG E 350 -10.79 9.67 -23.65
C ARG E 350 -9.60 10.21 -22.88
N GLY E 351 -9.79 11.31 -22.15
CA GLY E 351 -8.75 11.78 -21.27
C GLY E 351 -8.44 10.79 -20.15
N ALA E 352 -9.47 10.11 -19.66
CA ALA E 352 -9.26 9.08 -18.65
C ALA E 352 -8.48 7.90 -19.21
N VAL E 353 -8.73 7.56 -20.48
CA VAL E 353 -8.00 6.47 -21.11
C VAL E 353 -6.52 6.82 -21.24
N TYR E 354 -6.22 8.05 -21.65
CA TYR E 354 -4.83 8.48 -21.77
C TYR E 354 -4.16 8.58 -20.41
N ALA E 355 -4.94 8.78 -19.34
CA ALA E 355 -4.37 8.83 -18.00
C ALA E 355 -3.81 7.47 -17.59
N ASP E 356 -4.48 6.38 -17.97
CA ASP E 356 -3.98 5.05 -17.65
C ASP E 356 -2.74 4.70 -18.46
N ASN E 357 -2.56 5.34 -19.62
CA ASN E 357 -1.40 5.11 -20.47
C ASN E 357 -0.29 6.13 -20.23
N MET E 358 -0.43 6.97 -19.20
CA MET E 358 0.58 7.95 -18.79
C MET E 358 0.91 8.95 -19.90
N GLU E 359 -0.05 9.22 -20.78
CA GLU E 359 0.10 10.28 -21.78
C GLU E 359 -0.60 11.53 -21.22
N PHE E 360 0.07 12.15 -20.25
CA PHE E 360 -0.55 13.24 -19.50
C PHE E 360 -0.70 14.50 -20.35
N GLU E 361 0.20 14.71 -21.31
CA GLU E 361 0.13 15.90 -22.14
C GLU E 361 -1.14 15.93 -22.97
N GLN E 362 -1.50 14.80 -23.57
CA GLN E 362 -2.75 14.74 -24.33
C GLN E 362 -3.96 14.70 -23.39
N CYS E 363 -3.80 14.10 -22.21
CA CYS E 363 -4.88 14.04 -21.24
C CYS E 363 -5.27 15.43 -20.77
N ILE E 364 -4.28 16.29 -20.52
CA ILE E 364 -4.56 17.63 -20.05
C ILE E 364 -5.25 18.44 -21.14
N LYS E 365 -4.80 18.31 -22.38
CA LYS E 365 -5.40 19.06 -23.49
C LYS E 365 -6.87 18.68 -23.66
N LEU E 366 -7.17 17.39 -23.64
CA LEU E 366 -8.55 16.97 -23.86
C LEU E 366 -9.44 17.32 -22.68
N TRP E 367 -8.96 17.12 -21.45
CA TRP E 367 -9.77 17.42 -20.28
C TRP E 367 -10.04 18.92 -20.16
N LEU E 368 -9.04 19.75 -20.49
CA LEU E 368 -9.24 21.20 -20.45
C LEU E 368 -10.31 21.64 -21.43
N HIS E 369 -10.30 21.07 -22.63
CA HIS E 369 -11.35 21.40 -23.59
C HIS E 369 -12.70 20.90 -23.11
N ALA E 370 -12.75 19.70 -22.54
CA ALA E 370 -13.98 19.22 -21.94
C ALA E 370 -14.38 20.07 -20.75
N LEU E 371 -13.38 20.62 -20.05
CA LEU E 371 -13.68 21.55 -18.96
C LEU E 371 -14.25 22.85 -19.49
N HIS E 372 -13.68 23.38 -20.57
CA HIS E 372 -14.15 24.65 -21.13
C HIS E 372 -15.55 24.51 -21.71
N LEU E 373 -15.81 23.42 -22.42
CA LEU E 373 -17.14 23.22 -23.01
C LEU E 373 -18.20 23.06 -21.93
N ARG E 374 -17.86 22.37 -20.84
CA ARG E 374 -18.78 22.26 -19.71
C ARG E 374 -18.97 23.61 -19.03
N GLN E 375 -17.94 24.45 -19.02
CA GLN E 375 -18.06 25.75 -18.39
C GLN E 375 -18.97 26.69 -19.17
N LYS E 376 -18.92 26.62 -20.50
CA LYS E 376 -19.79 27.46 -21.32
C LYS E 376 -21.25 27.09 -21.11
N GLY E 377 -21.52 25.82 -20.83
CA GLY E 377 -22.87 25.36 -20.55
C GLY E 377 -23.37 25.62 -19.15
N ASN E 378 -22.54 26.25 -18.31
CA ASN E 378 -22.90 26.64 -16.94
C ASN E 378 -23.31 25.42 -16.10
N ARG E 379 -22.57 24.33 -16.26
CA ARG E 379 -22.87 23.10 -15.55
C ARG E 379 -22.15 23.04 -14.21
N ASN E 380 -22.48 22.03 -13.43
CA ASN E 380 -21.81 21.77 -12.16
C ASN E 380 -20.50 21.06 -12.43
N THR E 381 -19.41 21.79 -12.37
CA THR E 381 -18.09 21.27 -12.74
C THR E 381 -17.20 21.05 -11.52
N HIS E 382 -17.79 20.61 -10.41
CA HIS E 382 -16.99 20.28 -9.24
C HIS E 382 -16.29 18.93 -9.39
N LYS E 383 -16.80 18.05 -10.25
CA LYS E 383 -16.24 16.71 -10.37
C LYS E 383 -14.98 16.72 -11.22
N ASP E 384 -15.05 17.28 -12.43
CA ASP E 384 -13.90 17.30 -13.32
C ASP E 384 -12.78 18.18 -12.77
N LEU E 385 -13.13 19.21 -12.00
CA LEU E 385 -12.10 20.01 -11.33
C LEU E 385 -11.32 19.16 -10.35
N LEU E 386 -12.01 18.27 -9.63
CA LEU E 386 -11.31 17.32 -8.77
C LEU E 386 -10.44 16.38 -9.58
N ARG E 387 -10.87 16.01 -10.78
CA ARG E 387 -10.06 15.16 -11.64
C ARG E 387 -8.76 15.85 -12.04
N PHE E 388 -8.81 17.15 -12.30
CA PHE E 388 -7.59 17.88 -12.61
C PHE E 388 -6.64 17.87 -11.42
N ALA E 389 -7.18 18.05 -10.21
CA ALA E 389 -6.35 17.93 -9.02
C ALA E 389 -5.80 16.53 -8.86
N GLN E 390 -6.60 15.52 -9.21
CA GLN E 390 -6.14 14.14 -9.12
C GLN E 390 -5.03 13.86 -10.11
N VAL E 391 -5.20 14.26 -11.36
CA VAL E 391 -4.20 13.96 -12.38
C VAL E 391 -2.93 14.79 -12.17
N PHE E 392 -3.06 16.00 -11.62
CA PHE E 392 -1.87 16.79 -11.32
C PHE E 392 -1.07 16.18 -10.18
N SER E 393 -1.77 15.60 -9.20
CA SER E 393 -1.08 14.96 -8.09
C SER E 393 -0.31 13.73 -8.55
N GLN E 394 -0.86 13.00 -9.52
CA GLN E 394 -0.16 11.84 -10.04
C GLN E 394 1.10 12.24 -10.79
N MET E 395 1.08 13.38 -11.47
CA MET E 395 2.27 13.87 -12.16
C MET E 395 3.37 14.21 -11.17
N ILE E 396 3.02 14.88 -10.07
CA ILE E 396 4.03 15.26 -9.08
C ILE E 396 4.56 14.03 -8.37
N HIS E 397 3.69 13.07 -8.05
CA HIS E 397 4.12 11.85 -7.37
C HIS E 397 5.00 11.00 -8.26
N LEU E 398 4.81 11.05 -9.58
CA LEU E 398 5.63 10.31 -10.52
C LEU E 398 6.79 11.14 -11.09
N ASN E 399 7.09 12.28 -10.46
CA ASN E 399 8.25 13.11 -10.79
C ASN E 399 8.22 13.56 -12.26
N GLU E 400 7.15 14.26 -12.61
CA GLU E 400 6.99 14.84 -13.94
C GLU E 400 6.50 16.27 -13.80
N THR E 401 7.11 17.18 -14.56
CA THR E 401 6.75 18.59 -14.44
C THR E 401 5.37 18.86 -15.02
N VAL E 402 4.66 19.80 -14.41
CA VAL E 402 3.33 20.20 -14.86
C VAL E 402 3.45 21.52 -15.59
N LYS E 403 2.91 21.57 -16.81
CA LYS E 403 2.93 22.80 -17.59
C LYS E 403 2.08 23.84 -16.88
N ALA E 404 2.74 24.83 -16.30
CA ALA E 404 2.05 25.82 -15.49
C ALA E 404 1.00 26.65 -16.22
N PRO E 405 1.07 26.89 -17.54
CA PRO E 405 -0.10 27.47 -18.21
C PRO E 405 -1.37 26.64 -18.06
N ASP E 406 -1.25 25.31 -18.02
CA ASP E 406 -2.42 24.49 -17.76
C ASP E 406 -2.92 24.68 -16.33
N ILE E 407 -2.00 24.91 -15.40
CA ILE E 407 -2.39 25.26 -14.03
C ILE E 407 -3.15 26.57 -14.02
N GLU E 408 -2.70 27.55 -14.80
CA GLU E 408 -3.39 28.83 -14.87
C GLU E 408 -4.80 28.66 -15.44
N CYS E 409 -4.95 27.83 -16.48
CA CYS E 409 -6.26 27.65 -17.10
C CYS E 409 -7.23 26.95 -16.15
N VAL E 410 -6.76 25.90 -15.46
CA VAL E 410 -7.65 25.20 -14.54
C VAL E 410 -7.94 26.05 -13.31
N LEU E 411 -6.99 26.90 -12.90
CA LEU E 411 -7.26 27.81 -11.80
C LEU E 411 -8.22 28.90 -12.22
N ARG E 412 -8.09 29.40 -13.45
CA ARG E 412 -9.03 30.38 -13.96
C ARG E 412 -10.44 29.81 -14.04
N CYS E 413 -10.55 28.54 -14.44
CA CYS E 413 -11.83 27.84 -14.36
C CYS E 413 -12.28 27.70 -12.91
N SER E 414 -11.37 27.29 -12.03
CA SER E 414 -11.74 27.06 -10.63
C SER E 414 -12.16 28.36 -9.96
N VAL E 415 -11.49 29.46 -10.28
CA VAL E 415 -11.89 30.76 -9.74
C VAL E 415 -13.28 31.13 -10.26
N LEU E 416 -13.49 30.99 -11.57
CA LEU E 416 -14.76 31.38 -12.16
C LEU E 416 -15.88 30.45 -11.71
N GLU E 417 -15.57 29.17 -11.49
CA GLU E 417 -16.60 28.24 -11.01
C GLU E 417 -17.06 28.57 -9.61
N ILE E 418 -16.16 29.09 -8.76
CA ILE E 418 -16.56 29.51 -7.43
C ILE E 418 -17.56 30.66 -7.50
N GLU E 419 -17.33 31.60 -8.43
CA GLU E 419 -18.25 32.71 -8.62
C GLU E 419 -19.62 32.22 -9.04
N GLN E 420 -19.66 31.22 -9.92
CA GLN E 420 -20.93 30.62 -10.32
C GLN E 420 -21.58 29.88 -9.16
N SER E 421 -20.78 29.21 -8.33
CA SER E 421 -21.33 28.49 -7.20
C SER E 421 -21.83 29.43 -6.12
N MET E 422 -21.15 30.56 -5.94
CA MET E 422 -21.61 31.56 -4.98
C MET E 422 -22.97 32.11 -5.37
N ASN E 423 -23.16 32.41 -6.65
CA ASN E 423 -24.46 32.88 -7.14
C ASN E 423 -25.52 31.80 -6.99
N ARG E 424 -25.15 30.54 -7.24
CA ARG E 424 -26.09 29.43 -7.11
C ARG E 424 -26.52 29.27 -5.66
N VAL E 425 -25.59 29.45 -4.71
CA VAL E 425 -25.92 29.31 -3.30
C VAL E 425 -26.92 30.39 -2.87
N LYS E 426 -26.67 31.64 -3.27
CA LYS E 426 -27.57 32.73 -2.92
C LYS E 426 -28.87 32.69 -3.70
N ASN E 427 -28.97 31.88 -4.74
CA ASN E 427 -30.20 31.76 -5.54
C ASN E 427 -31.04 30.57 -5.15
N ILE E 428 -30.42 29.43 -4.84
CA ILE E 428 -31.15 28.22 -4.49
C ILE E 428 -31.68 28.36 -3.08
N SER E 429 -32.99 28.24 -2.92
CA SER E 429 -33.60 28.36 -1.60
C SER E 429 -33.53 27.04 -0.85
N ASP E 430 -34.21 26.01 -1.37
CA ASP E 430 -34.23 24.71 -0.71
C ASP E 430 -34.14 23.54 -1.68
N ALA E 431 -34.02 23.80 -2.98
CA ALA E 431 -34.03 22.72 -3.97
C ALA E 431 -32.77 21.85 -3.84
N ASP E 432 -31.60 22.47 -3.86
CA ASP E 432 -30.33 21.77 -3.67
C ASP E 432 -29.39 22.60 -2.82
N VAL E 433 -29.92 23.18 -1.74
CA VAL E 433 -29.11 24.03 -0.88
C VAL E 433 -28.01 23.23 -0.18
N HIS E 434 -28.31 21.99 0.21
CA HIS E 434 -27.29 21.15 0.79
C HIS E 434 -26.30 20.66 -0.27
N ASN E 435 -26.81 20.36 -1.47
CA ASN E 435 -25.93 19.91 -2.54
C ASN E 435 -25.03 21.04 -3.02
N ALA E 436 -25.56 22.27 -3.08
CA ALA E 436 -24.73 23.42 -3.46
C ALA E 436 -23.66 23.69 -2.41
N MET E 437 -24.01 23.54 -1.13
CA MET E 437 -23.01 23.68 -0.07
C MET E 437 -21.92 22.62 -0.18
N ASP E 438 -22.31 21.38 -0.46
CA ASP E 438 -21.32 20.32 -0.66
C ASP E 438 -20.48 20.59 -1.89
N ASN E 439 -21.09 21.11 -2.95
CA ASN E 439 -20.33 21.54 -4.11
C ASN E 439 -19.39 22.69 -3.76
N TYR E 440 -19.86 23.62 -2.94
CA TYR E 440 -19.04 24.76 -2.53
C TYR E 440 -17.84 24.31 -1.70
N GLU E 441 -18.05 23.36 -0.80
CA GLU E 441 -16.95 22.86 0.02
C GLU E 441 -15.93 22.11 -0.82
N CYS E 442 -16.41 21.21 -1.69
CA CYS E 442 -15.50 20.39 -2.48
C CYS E 442 -14.74 21.22 -3.49
N ASN E 443 -15.34 22.29 -4.02
CA ASN E 443 -14.62 23.15 -4.93
C ASN E 443 -13.53 23.94 -4.21
N LEU E 444 -13.81 24.40 -3.00
CA LEU E 444 -12.79 25.10 -2.22
C LEU E 444 -11.64 24.18 -1.87
N TYR E 445 -11.94 22.94 -1.53
CA TYR E 445 -10.87 21.95 -1.35
C TYR E 445 -10.11 21.73 -2.66
N THR E 446 -10.83 21.69 -3.78
CA THR E 446 -10.20 21.50 -5.08
C THR E 446 -9.27 22.65 -5.41
N PHE E 447 -9.67 23.88 -5.09
CA PHE E 447 -8.81 25.02 -5.35
C PHE E 447 -7.53 24.94 -4.55
N LEU E 448 -7.62 24.49 -3.30
CA LEU E 448 -6.42 24.39 -2.48
C LEU E 448 -5.44 23.36 -3.02
N TYR E 449 -5.96 22.23 -3.52
CA TYR E 449 -5.08 21.19 -4.05
C TYR E 449 -4.32 21.71 -5.25
N LEU E 450 -4.99 22.46 -6.13
CA LEU E 450 -4.34 23.02 -7.30
C LEU E 450 -3.30 24.05 -6.91
N VAL E 451 -3.57 24.83 -5.86
CA VAL E 451 -2.58 25.76 -5.34
C VAL E 451 -1.36 24.99 -4.83
N CYS E 452 -1.61 23.89 -4.10
CA CYS E 452 -0.52 23.09 -3.59
C CYS E 452 0.29 22.46 -4.72
N ILE E 453 -0.39 22.06 -5.80
CA ILE E 453 0.30 21.52 -6.97
C ILE E 453 1.20 22.59 -7.59
N SER E 454 0.71 23.83 -7.65
CA SER E 454 1.51 24.92 -8.21
C SER E 454 2.77 25.16 -7.38
N THR E 455 2.65 25.09 -6.06
CA THR E 455 3.83 25.26 -5.21
C THR E 455 4.83 24.13 -5.41
N LYS E 456 4.34 22.89 -5.52
CA LYS E 456 5.23 21.75 -5.70
C LYS E 456 5.93 21.80 -7.06
N THR E 457 5.19 22.16 -8.11
CA THR E 457 5.76 22.16 -9.45
C THR E 457 6.64 23.38 -9.66
N GLN E 458 7.42 23.33 -10.73
CA GLN E 458 8.27 24.45 -11.11
C GLN E 458 7.43 25.53 -11.79
N CYS E 459 7.70 26.78 -11.43
CA CYS E 459 6.96 27.92 -11.98
C CYS E 459 7.95 29.01 -12.35
N SER E 460 7.80 29.56 -13.56
CA SER E 460 8.65 30.66 -13.99
C SER E 460 8.07 31.98 -13.50
N GLU E 461 8.70 33.08 -13.91
CA GLU E 461 8.25 34.40 -13.49
C GLU E 461 6.87 34.73 -14.06
N GLU E 462 6.64 34.40 -15.33
CA GLU E 462 5.33 34.63 -15.93
C GLU E 462 4.30 33.65 -15.38
N ASP E 463 4.72 32.42 -15.09
CA ASP E 463 3.81 31.43 -14.53
C ASP E 463 3.38 31.80 -13.12
N GLN E 464 4.33 32.25 -12.30
CA GLN E 464 4.04 32.53 -10.90
C GLN E 464 3.09 33.70 -10.74
N CYS E 465 3.27 34.74 -11.57
CA CYS E 465 2.36 35.89 -11.50
C CYS E 465 0.97 35.52 -11.98
N LYS E 466 0.87 34.70 -13.03
CA LYS E 466 -0.44 34.27 -13.52
C LYS E 466 -1.18 33.43 -12.48
N ILE E 467 -0.47 32.51 -11.83
CA ILE E 467 -1.09 31.71 -10.77
C ILE E 467 -1.50 32.59 -9.60
N ASN E 468 -0.61 33.49 -9.19
CA ASN E 468 -0.93 34.38 -8.07
C ASN E 468 -2.06 35.33 -8.41
N LYS E 469 -2.19 35.71 -9.69
CA LYS E 469 -3.28 36.57 -10.11
C LYS E 469 -4.63 35.89 -9.90
N GLN E 470 -4.71 34.59 -10.20
CA GLN E 470 -5.95 33.85 -9.99
C GLN E 470 -6.26 33.73 -8.50
N ILE E 471 -5.25 33.46 -7.68
CA ILE E 471 -5.45 33.43 -6.23
C ILE E 471 -5.84 34.82 -5.72
N TYR E 472 -5.29 35.87 -6.34
CA TYR E 472 -5.66 37.23 -5.98
C TYR E 472 -7.13 37.49 -6.23
N ASN E 473 -7.66 36.98 -7.35
CA ASN E 473 -9.05 37.21 -7.68
C ASN E 473 -9.98 36.45 -6.74
N LEU E 474 -9.62 35.22 -6.39
CA LEU E 474 -10.49 34.42 -5.52
C LEU E 474 -10.51 34.96 -4.10
N ILE E 475 -9.34 35.30 -3.55
CA ILE E 475 -9.28 35.76 -2.18
C ILE E 475 -9.93 37.13 -1.99
N HIS E 476 -10.07 37.91 -3.07
CA HIS E 476 -10.86 39.14 -2.97
C HIS E 476 -12.35 38.84 -2.90
N LEU E 477 -12.77 37.70 -3.45
CA LEU E 477 -14.18 37.32 -3.35
C LEU E 477 -14.53 36.86 -1.95
N ASP E 478 -13.53 36.44 -1.17
CA ASP E 478 -13.65 35.97 0.21
C ASP E 478 -14.60 34.78 0.30
N PRO E 479 -14.20 33.60 -0.17
CA PRO E 479 -15.04 32.42 0.00
C PRO E 479 -15.22 32.07 1.46
N ARG E 480 -16.42 31.61 1.80
CA ARG E 480 -16.79 31.33 3.18
C ARG E 480 -17.39 29.94 3.24
N THR E 481 -16.73 29.04 3.97
CA THR E 481 -17.18 27.66 4.02
C THR E 481 -18.46 27.55 4.85
N ARG E 482 -18.97 26.31 4.94
CA ARG E 482 -20.20 26.07 5.70
C ARG E 482 -20.01 26.39 7.17
N GLU E 483 -18.87 26.03 7.74
CA GLU E 483 -18.57 26.40 9.11
C GLU E 483 -17.98 27.79 9.25
N GLY E 484 -17.69 28.45 8.13
CA GLY E 484 -17.17 29.80 8.15
C GLY E 484 -15.67 29.95 8.00
N PHE E 485 -14.96 28.87 7.69
CA PHE E 485 -13.51 28.99 7.48
C PHE E 485 -13.24 29.77 6.20
N THR E 486 -12.21 30.61 6.25
CA THR E 486 -11.76 31.27 5.04
C THR E 486 -10.79 30.35 4.29
N LEU E 487 -10.22 30.85 3.21
CA LEU E 487 -9.23 30.08 2.46
C LEU E 487 -7.97 29.85 3.29
N LEU E 488 -7.53 30.88 4.01
CA LEU E 488 -6.36 30.71 4.88
C LEU E 488 -6.64 29.73 6.00
N HIS E 489 -7.84 29.80 6.58
CA HIS E 489 -8.22 28.84 7.62
C HIS E 489 -8.26 27.42 7.07
N LEU E 490 -8.68 27.27 5.82
CA LEU E 490 -8.82 25.94 5.24
C LEU E 490 -7.45 25.31 4.96
N ALA E 491 -6.46 26.12 4.59
CA ALA E 491 -5.14 25.58 4.30
C ALA E 491 -4.33 25.32 5.56
N VAL E 492 -4.79 25.80 6.71
CA VAL E 492 -4.10 25.57 7.96
C VAL E 492 -4.69 24.39 8.73
N ASN E 493 -6.01 24.25 8.69
CA ASN E 493 -6.67 23.19 9.45
C ASN E 493 -6.29 21.82 8.90
N SER E 494 -5.67 21.00 9.75
CA SER E 494 -5.32 19.65 9.34
C SER E 494 -6.53 18.77 9.12
N ASN E 495 -7.70 19.19 9.59
CA ASN E 495 -8.95 18.47 9.36
C ASN E 495 -9.55 18.73 7.99
N THR E 496 -8.90 19.56 7.17
CA THR E 496 -9.37 19.79 5.82
C THR E 496 -9.28 18.50 5.01
N PRO E 497 -10.37 18.02 4.43
CA PRO E 497 -10.33 16.72 3.75
C PRO E 497 -9.45 16.77 2.50
N VAL E 498 -8.81 15.65 2.22
CA VAL E 498 -8.05 15.45 1.00
C VAL E 498 -8.63 14.23 0.30
N ASP E 499 -8.77 14.31 -1.02
CA ASP E 499 -9.42 13.25 -1.77
C ASP E 499 -8.65 11.94 -1.65
N ASP E 500 -9.40 10.83 -1.64
CA ASP E 500 -8.83 9.51 -1.40
C ASP E 500 -7.92 9.03 -2.52
N PHE E 501 -7.92 9.71 -3.67
CA PHE E 501 -7.05 9.36 -4.78
C PHE E 501 -5.65 9.91 -4.53
N HIS E 502 -4.82 9.96 -5.57
CA HIS E 502 -3.41 10.33 -5.45
C HIS E 502 -3.17 11.73 -4.91
N THR E 503 -4.21 12.52 -4.64
CA THR E 503 -4.03 13.80 -3.96
C THR E 503 -3.54 13.63 -2.53
N ASN E 504 -3.78 12.48 -1.91
CA ASN E 504 -3.24 12.22 -0.57
C ASN E 504 -1.73 12.21 -0.56
N ASP E 505 -1.11 11.84 -1.69
CA ASP E 505 0.34 11.68 -1.73
C ASP E 505 1.06 13.02 -1.83
N VAL E 506 0.47 14.02 -2.49
CA VAL E 506 1.15 15.28 -2.78
C VAL E 506 0.65 16.40 -1.86
N CYS E 507 -0.62 16.75 -1.95
CA CYS E 507 -1.15 17.88 -1.19
C CYS E 507 -1.66 17.36 0.15
N SER E 508 -0.99 17.77 1.23
CA SER E 508 -1.37 17.41 2.58
C SER E 508 -1.44 18.68 3.42
N PHE E 509 -2.38 18.71 4.35
CA PHE E 509 -2.57 19.93 5.10
C PHE E 509 -2.26 19.73 6.58
N PRO E 510 -1.73 20.76 7.26
CA PRO E 510 -1.40 22.11 6.79
C PRO E 510 -0.17 22.12 5.91
N ASN E 511 -0.07 23.07 4.99
CA ASN E 511 1.07 23.15 4.09
C ASN E 511 1.71 24.53 4.22
N ALA E 512 3.03 24.54 4.43
CA ALA E 512 3.73 25.80 4.61
C ALA E 512 3.75 26.60 3.31
N LEU E 513 3.98 25.93 2.18
CA LEU E 513 4.06 26.62 0.91
C LEU E 513 2.72 27.26 0.54
N VAL E 514 1.63 26.54 0.77
CA VAL E 514 0.30 27.10 0.50
C VAL E 514 0.01 28.27 1.42
N THR E 515 0.34 28.14 2.70
CA THR E 515 0.11 29.22 3.65
C THR E 515 0.95 30.44 3.32
N LYS E 516 2.22 30.21 2.93
CA LYS E 516 3.07 31.33 2.53
C LYS E 516 2.58 31.96 1.23
N LEU E 517 2.20 31.14 0.26
CA LEU E 517 1.76 31.67 -1.03
C LEU E 517 0.47 32.46 -0.90
N LEU E 518 -0.43 32.01 -0.03
CA LEU E 518 -1.69 32.72 0.17
C LEU E 518 -1.46 34.10 0.79
N LEU E 519 -0.57 34.17 1.78
CA LEU E 519 -0.40 35.42 2.52
C LEU E 519 0.21 36.52 1.67
N ASP E 520 1.32 36.24 1.00
CA ASP E 520 1.96 37.27 0.18
C ASP E 520 1.20 37.54 -1.12
N CYS E 521 0.27 36.66 -1.51
CA CYS E 521 -0.62 36.97 -2.61
C CYS E 521 -1.57 38.11 -2.24
N GLY E 522 -1.90 38.24 -0.95
CA GLY E 522 -2.77 39.31 -0.51
C GLY E 522 -3.97 38.83 0.28
N ALA E 523 -3.87 37.65 0.89
CA ALA E 523 -4.94 37.17 1.75
C ALA E 523 -4.96 37.96 3.06
N GLU E 524 -6.12 38.00 3.69
CA GLU E 524 -6.28 38.66 4.97
C GLU E 524 -5.97 37.67 6.08
N VAL E 525 -5.02 38.03 6.95
CA VAL E 525 -4.59 37.11 8.00
C VAL E 525 -5.43 37.27 9.27
N ASN E 526 -6.13 38.39 9.42
CA ASN E 526 -6.98 38.64 10.58
C ASN E 526 -8.36 38.01 10.44
N ALA E 527 -8.52 37.03 9.55
CA ALA E 527 -9.82 36.44 9.29
C ALA E 527 -10.30 35.62 10.48
N VAL E 528 -11.60 35.71 10.75
CA VAL E 528 -12.23 35.02 11.87
C VAL E 528 -13.40 34.22 11.33
N ASP E 529 -13.48 32.95 11.69
CA ASP E 529 -14.54 32.08 11.20
C ASP E 529 -15.84 32.37 11.95
N ASN E 530 -16.87 31.59 11.66
CA ASN E 530 -18.14 31.76 12.37
C ASN E 530 -18.01 31.38 13.84
N GLU E 531 -17.20 30.36 14.13
CA GLU E 531 -17.02 29.94 15.52
C GLU E 531 -16.22 30.95 16.32
N GLY E 532 -15.37 31.75 15.66
CA GLY E 532 -14.54 32.73 16.33
C GLY E 532 -13.05 32.44 16.25
N ASN E 533 -12.65 31.26 15.82
CA ASN E 533 -11.24 30.90 15.76
C ASN E 533 -10.53 31.69 14.67
N SER E 534 -9.39 32.28 15.02
CA SER E 534 -8.58 33.01 14.06
C SER E 534 -7.74 32.05 13.24
N ALA E 535 -6.98 32.60 12.29
CA ALA E 535 -6.02 31.78 11.55
C ALA E 535 -4.93 31.26 12.48
N LEU E 536 -4.52 32.09 13.44
CA LEU E 536 -3.54 31.66 14.42
C LEU E 536 -4.11 30.60 15.35
N HIS E 537 -5.42 30.65 15.61
CA HIS E 537 -6.03 29.69 16.54
C HIS E 537 -5.92 28.27 16.01
N ILE E 538 -6.12 28.08 14.71
CA ILE E 538 -6.16 26.74 14.17
C ILE E 538 -4.78 26.10 14.17
N ILE E 539 -3.74 26.88 13.88
CA ILE E 539 -2.40 26.30 13.76
C ILE E 539 -1.81 25.93 15.12
N VAL E 540 -2.09 26.73 16.17
CA VAL E 540 -1.46 26.49 17.47
C VAL E 540 -1.88 25.15 18.03
N GLN E 541 -3.17 24.83 17.96
CA GLN E 541 -3.57 23.45 18.23
C GLN E 541 -3.20 22.58 17.05
N TYR E 542 -2.36 21.57 17.29
CA TYR E 542 -1.92 20.76 16.16
C TYR E 542 -1.49 19.40 16.68
N ASN E 543 -1.98 18.36 16.01
CA ASN E 543 -1.86 17.00 16.55
C ASN E 543 -0.43 16.48 16.55
N ARG E 544 0.35 16.76 15.50
CA ARG E 544 1.65 16.13 15.30
C ARG E 544 2.74 17.19 15.16
N PRO E 545 3.04 17.92 16.24
CA PRO E 545 3.94 19.07 16.11
C PRO E 545 5.38 18.66 15.82
N ILE E 546 5.86 17.60 16.45
CA ILE E 546 7.23 17.19 16.22
C ILE E 546 7.38 16.52 14.86
N SER E 547 6.31 15.91 14.36
CA SER E 547 6.41 15.07 13.15
C SER E 547 6.79 15.89 11.93
N ASP E 548 6.13 17.02 11.71
CA ASP E 548 6.40 17.89 10.57
C ASP E 548 6.59 19.33 11.05
N PHE E 549 7.47 19.50 12.03
CA PHE E 549 7.69 20.80 12.64
C PHE E 549 8.15 21.86 11.65
N LEU E 550 8.80 21.45 10.55
CA LEU E 550 9.21 22.41 9.53
C LEU E 550 8.00 23.13 8.96
N THR E 551 6.92 22.39 8.69
CA THR E 551 5.68 23.03 8.25
C THR E 551 5.09 23.91 9.34
N LEU E 552 5.11 23.44 10.59
CA LEU E 552 4.54 24.23 11.68
C LEU E 552 5.34 25.50 11.93
N HIS E 553 6.68 25.39 11.91
CA HIS E 553 7.49 26.58 12.13
C HIS E 553 7.34 27.58 11.00
N SER E 554 7.30 27.11 9.75
CA SER E 554 7.21 28.02 8.62
C SER E 554 5.86 28.72 8.57
N ILE E 555 4.79 28.01 8.94
CA ILE E 555 3.46 28.63 8.97
C ILE E 555 3.39 29.70 10.05
N ILE E 556 3.89 29.38 11.25
CA ILE E 556 3.84 30.33 12.36
C ILE E 556 4.69 31.56 12.04
N ILE E 557 5.86 31.35 11.46
CA ILE E 557 6.70 32.47 11.04
C ILE E 557 5.99 33.29 9.98
N SER E 558 5.37 32.62 9.01
CA SER E 558 4.69 33.32 7.95
C SER E 558 3.43 34.04 8.44
N LEU E 559 2.68 33.39 9.33
CA LEU E 559 1.42 33.98 9.80
C LEU E 559 1.65 35.24 10.63
N VAL E 560 2.60 35.19 11.57
CA VAL E 560 2.84 36.35 12.42
C VAL E 560 3.45 37.49 11.61
N GLU E 561 4.34 37.15 10.68
CA GLU E 561 4.91 38.18 9.80
C GLU E 561 3.86 38.81 8.90
N ALA E 562 2.76 38.11 8.62
CA ALA E 562 1.67 38.71 7.87
C ALA E 562 0.97 39.81 8.68
N GLY E 563 0.87 39.63 9.98
CA GLY E 563 0.32 40.66 10.84
C GLY E 563 -0.82 40.22 11.73
N ALA E 564 -0.95 38.91 11.95
CA ALA E 564 -2.00 38.40 12.82
C ALA E 564 -1.75 38.82 14.25
N HIS E 565 -2.81 39.22 14.95
CA HIS E 565 -2.69 39.60 16.35
C HIS E 565 -2.57 38.35 17.21
N THR E 566 -1.47 38.27 17.96
CA THR E 566 -1.21 37.11 18.80
C THR E 566 -2.15 37.02 20.01
N ASP E 567 -2.93 38.07 20.26
CA ASP E 567 -3.92 38.07 21.34
C ASP E 567 -5.35 38.08 20.83
N MET E 568 -5.54 37.79 19.54
CA MET E 568 -6.86 37.85 18.91
C MET E 568 -7.67 36.66 19.37
N THR E 569 -8.37 36.83 20.49
CA THR E 569 -9.12 35.72 21.07
C THR E 569 -10.37 35.42 20.26
N ASN E 570 -10.95 34.25 20.52
CA ASN E 570 -12.14 33.79 19.82
C ASN E 570 -13.38 34.23 20.59
N LYS E 571 -14.54 33.66 20.24
CA LYS E 571 -15.77 33.94 20.95
C LYS E 571 -15.74 33.42 22.38
N GLN E 572 -14.85 32.46 22.69
CA GLN E 572 -14.72 31.92 24.03
C GLN E 572 -13.65 32.62 24.84
N ASN E 573 -13.11 33.73 24.34
CA ASN E 573 -12.06 34.52 25.00
C ASN E 573 -10.81 33.69 25.27
N LYS E 574 -10.44 32.83 24.33
CA LYS E 574 -9.23 32.02 24.44
C LYS E 574 -8.18 32.55 23.48
N THR E 575 -6.99 32.83 24.00
CA THR E 575 -5.94 33.47 23.24
C THR E 575 -5.33 32.51 22.23
N PRO E 576 -4.70 33.04 21.18
CA PRO E 576 -3.86 32.18 20.32
C PRO E 576 -2.72 31.53 21.08
N LEU E 577 -2.20 32.19 22.11
CA LEU E 577 -1.22 31.54 22.98
C LEU E 577 -1.82 30.33 23.68
N ASP E 578 -3.07 30.43 24.10
CA ASP E 578 -3.80 29.29 24.62
C ASP E 578 -4.27 28.42 23.45
N LYS E 579 -5.07 27.40 23.75
CA LYS E 579 -5.49 26.39 22.78
C LYS E 579 -4.27 25.76 22.11
N SER E 580 -3.25 25.47 22.92
CA SER E 580 -2.01 24.89 22.45
C SER E 580 -2.00 23.40 22.79
N THR E 581 -1.93 22.55 21.76
CA THR E 581 -1.89 21.11 21.99
C THR E 581 -0.60 20.69 22.68
N THR E 582 0.53 21.24 22.25
CA THR E 582 1.82 20.88 22.78
C THR E 582 2.61 22.16 23.08
N GLY E 583 3.49 22.07 24.08
CA GLY E 583 4.30 23.22 24.48
C GLY E 583 5.23 23.72 23.39
N VAL E 584 5.42 22.95 22.32
CA VAL E 584 6.17 23.44 21.16
C VAL E 584 5.47 24.63 20.54
N SER E 585 4.14 24.54 20.39
CA SER E 585 3.39 25.64 19.80
C SER E 585 3.42 26.88 20.71
N GLU E 586 3.46 26.66 22.03
CA GLU E 586 3.60 27.79 22.95
C GLU E 586 4.94 28.50 22.75
N ILE E 587 6.02 27.72 22.59
CA ILE E 587 7.34 28.31 22.44
C ILE E 587 7.46 29.05 21.11
N LEU E 588 6.97 28.44 20.03
CA LEU E 588 7.10 29.05 18.71
C LEU E 588 6.30 30.33 18.61
N LEU E 589 5.11 30.37 19.21
CA LEU E 589 4.32 31.60 19.21
C LEU E 589 4.97 32.68 20.07
N LYS E 590 5.48 32.29 21.24
CA LYS E 590 6.03 33.27 22.18
C LYS E 590 7.33 33.88 21.66
N THR E 591 8.17 33.09 21.00
CA THR E 591 9.45 33.61 20.50
C THR E 591 9.27 34.59 19.37
N GLN E 592 8.07 34.65 18.76
CA GLN E 592 7.76 35.65 17.76
C GLN E 592 6.74 36.67 18.26
N MET E 593 6.17 36.45 19.44
CA MET E 593 5.14 37.33 20.00
C MET E 593 5.78 38.62 20.47
N LYS E 594 5.75 39.65 19.63
CA LYS E 594 6.18 40.97 20.04
C LYS E 594 5.11 41.61 20.90
N MET E 595 5.52 42.17 22.04
CA MET E 595 4.59 42.70 23.03
C MET E 595 4.36 44.18 22.79
N SER E 596 3.09 44.59 22.81
CA SER E 596 2.71 45.98 22.71
C SER E 596 1.93 46.38 23.95
N LEU E 597 2.11 47.64 24.38
CA LEU E 597 1.35 48.15 25.52
C LEU E 597 -0.13 48.31 25.18
N LYS E 598 -0.48 48.42 23.90
CA LYS E 598 -1.88 48.54 23.51
C LYS E 598 -2.65 47.25 23.76
N CYS E 599 -2.06 46.10 23.41
CA CYS E 599 -2.78 44.84 23.59
C CYS E 599 -2.84 44.44 25.06
N LEU E 600 -1.84 44.81 25.86
CA LEU E 600 -1.95 44.63 27.30
C LEU E 600 -3.01 45.55 27.87
N ALA E 601 -3.15 46.75 27.32
CA ALA E 601 -4.25 47.63 27.71
C ALA E 601 -5.59 47.00 27.32
N ALA E 602 -5.65 46.39 26.13
CA ALA E 602 -6.87 45.71 25.71
C ALA E 602 -7.18 44.52 26.60
N ARG E 603 -6.15 43.77 27.01
CA ARG E 603 -6.36 42.65 27.92
C ARG E 603 -6.90 43.12 29.26
N ALA E 604 -6.41 44.25 29.75
CA ALA E 604 -6.88 44.79 31.03
C ALA E 604 -8.33 45.26 30.94
N VAL E 605 -8.81 45.57 29.73
CA VAL E 605 -10.18 46.07 29.59
C VAL E 605 -11.19 44.97 29.90
N ARG E 606 -11.02 43.80 29.30
CA ARG E 606 -11.96 42.70 29.54
C ARG E 606 -11.73 42.02 30.88
N ALA E 607 -10.48 41.95 31.33
CA ALA E 607 -10.16 41.27 32.58
C ALA E 607 -10.72 42.02 33.79
N ASN E 608 -10.67 43.36 33.76
CA ASN E 608 -11.15 44.18 34.86
C ASN E 608 -12.64 44.48 34.77
N ASP E 609 -13.33 43.91 33.77
CA ASP E 609 -14.75 44.15 33.51
C ASP E 609 -15.04 45.63 33.33
N ILE E 610 -14.16 46.32 32.61
CA ILE E 610 -14.33 47.74 32.33
C ILE E 610 -15.50 47.93 31.37
N ASN E 611 -16.34 48.92 31.65
CA ASN E 611 -17.51 49.21 30.83
C ASN E 611 -17.05 49.86 29.52
N TYR E 612 -16.62 49.01 28.58
CA TYR E 612 -16.19 49.51 27.29
C TYR E 612 -17.36 49.96 26.42
N GLN E 613 -18.58 49.54 26.77
CA GLN E 613 -19.74 49.86 25.94
C GLN E 613 -20.11 51.34 26.07
N ASP E 614 -20.34 51.99 24.93
CA ASP E 614 -20.83 53.36 24.85
C ASP E 614 -19.88 54.37 25.52
N GLN E 615 -18.59 54.06 25.54
CA GLN E 615 -17.61 54.95 26.13
C GLN E 615 -16.32 55.09 25.31
N ILE E 616 -16.21 54.40 24.19
CA ILE E 616 -14.98 54.39 23.40
C ILE E 616 -15.33 54.37 21.92
N PRO E 617 -14.47 54.97 21.08
CA PRO E 617 -14.74 54.97 19.63
C PRO E 617 -14.89 53.57 19.04
N ARG E 618 -15.67 53.50 17.96
CA ARG E 618 -16.04 52.23 17.34
C ARG E 618 -14.84 51.49 16.77
N THR E 619 -13.85 52.22 16.26
CA THR E 619 -12.65 51.56 15.73
C THR E 619 -11.91 50.80 16.82
N LEU E 620 -11.81 51.39 18.01
CA LEU E 620 -11.19 50.68 19.11
C LEU E 620 -12.14 49.68 19.75
N GLU E 621 -13.45 49.81 19.50
CA GLU E 621 -14.40 48.77 19.91
C GLU E 621 -14.08 47.45 19.23
N GLU E 622 -13.79 47.49 17.92
CA GLU E 622 -13.42 46.28 17.20
C GLU E 622 -12.07 45.75 17.67
N PHE E 623 -11.15 46.67 18.02
CA PHE E 623 -9.87 46.26 18.59
C PHE E 623 -10.06 45.54 19.91
N VAL E 624 -10.97 46.03 20.75
CA VAL E 624 -11.36 45.29 21.94
C VAL E 624 -12.09 44.01 21.56
N GLY E 625 -12.92 44.07 20.50
CA GLY E 625 -13.61 42.91 20.01
C GLY E 625 -12.69 41.79 19.55
N PHE E 626 -11.49 42.13 19.11
CA PHE E 626 -10.49 41.10 18.83
C PHE E 626 -10.12 40.35 20.10
N HIS E 627 -9.97 41.06 21.20
CA HIS E 627 -9.63 40.45 22.48
C HIS E 627 -10.89 40.05 23.22
N UNK F 1 31.53 4.14 -8.70
CA UNK F 1 32.26 4.99 -7.77
C UNK F 1 31.39 5.31 -6.56
N UNK F 2 31.41 6.58 -6.14
CA UNK F 2 30.58 7.09 -5.06
C UNK F 2 30.84 6.33 -3.75
N UNK F 3 32.01 6.53 -3.16
CA UNK F 3 32.38 5.83 -1.93
C UNK F 3 31.38 6.04 -0.80
N UNK F 4 30.55 7.08 -0.89
CA UNK F 4 29.42 7.24 0.00
C UNK F 4 28.43 6.08 -0.15
N UNK F 5 28.18 5.67 -1.40
CA UNK F 5 27.29 4.54 -1.64
C UNK F 5 27.89 3.24 -1.12
N UNK F 6 29.22 3.15 -1.12
CA UNK F 6 29.89 1.99 -0.53
C UNK F 6 29.62 1.91 0.97
N UNK F 7 29.67 3.06 1.65
CA UNK F 7 29.29 3.10 3.05
C UNK F 7 27.78 2.89 3.21
N UNK F 8 27.00 3.35 2.23
CA UNK F 8 25.56 3.15 2.26
C UNK F 8 25.21 1.67 2.18
N UNK F 9 25.92 0.93 1.34
CA UNK F 9 25.72 -0.52 1.28
C UNK F 9 26.14 -1.19 2.58
N UNK F 10 27.18 -0.68 3.22
CA UNK F 10 27.62 -1.19 4.51
C UNK F 10 26.79 -0.58 5.63
N UNK F 11 25.50 -0.87 5.67
CA UNK F 11 24.62 -0.33 6.70
C UNK F 11 24.77 -1.12 8.00
#